data_5MVT
# 
_entry.id   5MVT 
# 
_audit_conform.dict_name       mmcif_pdbx.dic 
_audit_conform.dict_version    5.383 
_audit_conform.dict_location   http://mmcif.pdb.org/dictionaries/ascii/mmcif_pdbx.dic 
# 
loop_
_database_2.database_id 
_database_2.database_code 
_database_2.pdbx_database_accession 
_database_2.pdbx_DOI 
PDB   5MVT         pdb_00005mvt 10.2210/pdb5mvt/pdb 
WWPDB D_1200003090 ?            ?                   
# 
loop_
_pdbx_audit_revision_history.ordinal 
_pdbx_audit_revision_history.data_content_type 
_pdbx_audit_revision_history.major_revision 
_pdbx_audit_revision_history.minor_revision 
_pdbx_audit_revision_history.revision_date 
1 'Structure model' 1 0 2017-05-10 
2 'Structure model' 1 1 2017-05-17 
3 'Structure model' 1 2 2017-05-24 
4 'Structure model' 1 3 2017-06-14 
5 'Structure model' 1 4 2017-08-30 
6 'Structure model' 1 5 2019-10-16 
7 'Structure model' 1 6 2024-01-17 
# 
_pdbx_audit_revision_details.ordinal             1 
_pdbx_audit_revision_details.revision_ordinal    1 
_pdbx_audit_revision_details.data_content_type   'Structure model' 
_pdbx_audit_revision_details.provider            repository 
_pdbx_audit_revision_details.type                'Initial release' 
_pdbx_audit_revision_details.description         ? 
_pdbx_audit_revision_details.details             ? 
# 
loop_
_pdbx_audit_revision_group.ordinal 
_pdbx_audit_revision_group.revision_ordinal 
_pdbx_audit_revision_group.data_content_type 
_pdbx_audit_revision_group.group 
1 2 'Structure model' 'Database references'        
2 3 'Structure model' 'Database references'        
3 4 'Structure model' 'Database references'        
4 5 'Structure model' 'Author supporting evidence' 
5 6 'Structure model' 'Data collection'            
6 7 'Structure model' 'Data collection'            
7 7 'Structure model' 'Database references'        
8 7 'Structure model' 'Refinement description'     
# 
loop_
_pdbx_audit_revision_category.ordinal 
_pdbx_audit_revision_category.revision_ordinal 
_pdbx_audit_revision_category.data_content_type 
_pdbx_audit_revision_category.category 
1 4 'Structure model' citation                      
2 5 'Structure model' pdbx_audit_support            
3 6 'Structure model' reflns_shell                  
4 7 'Structure model' chem_comp_atom                
5 7 'Structure model' chem_comp_bond                
6 7 'Structure model' database_2                    
7 7 'Structure model' pdbx_initial_refinement_model 
# 
loop_
_pdbx_audit_revision_item.ordinal 
_pdbx_audit_revision_item.revision_ordinal 
_pdbx_audit_revision_item.data_content_type 
_pdbx_audit_revision_item.item 
1 4 'Structure model' '_citation.country'                        
2 4 'Structure model' '_citation.journal_volume'                 
3 4 'Structure model' '_citation.page_first'                     
4 4 'Structure model' '_citation.page_last'                      
5 5 'Structure model' '_pdbx_audit_support.funding_organization' 
6 7 'Structure model' '_database_2.pdbx_DOI'                     
7 7 'Structure model' '_database_2.pdbx_database_accession'      
# 
_pdbx_database_status.status_code                     REL 
_pdbx_database_status.status_code_sf                  REL 
_pdbx_database_status.status_code_mr                  ? 
_pdbx_database_status.entry_id                        5MVT 
_pdbx_database_status.recvd_initial_deposition_date   2017-01-17 
_pdbx_database_status.SG_entry                        N 
_pdbx_database_status.deposit_site                    PDBE 
_pdbx_database_status.process_site                    PDBE 
_pdbx_database_status.status_code_cs                  ? 
_pdbx_database_status.methods_development_category    ? 
_pdbx_database_status.pdb_format_compatible           Y 
_pdbx_database_status.status_code_nmr_data            ? 
# 
loop_
_audit_author.name 
_audit_author.pdbx_ordinal 
_audit_author.identifier_ORCID 
'Hardwick, J.S.'   1 0000-0002-3117-1035 
'Ptchelkine, D.'   2 ?                   
'Phillips, S.E.V.' 3 0000-0001-8922-0250 
'Brown, T.'        4 0000-0002-6538-3036 
# 
_citation.abstract                  ? 
_citation.abstract_id_CAS           ? 
_citation.book_id_ISBN              ? 
_citation.book_publisher            ? 
_citation.book_publisher_city       ? 
_citation.book_title                ? 
_citation.coordinate_linkage        ? 
_citation.country                   US 
_citation.database_id_Medline       ? 
_citation.details                   ? 
_citation.id                        primary 
_citation.journal_abbrev            'Nat. Struct. Mol. Biol.' 
_citation.journal_id_ASTM           ? 
_citation.journal_id_CSD            ? 
_citation.journal_id_ISSN           1545-9985 
_citation.journal_full              ? 
_citation.journal_issue             ? 
_citation.journal_volume            24 
_citation.language                  ? 
_citation.page_first                544 
_citation.page_last                 552 
_citation.title                     '5-Formylcytosine does not change the global structure of DNA.' 
_citation.year                      2017 
_citation.database_id_CSD           ? 
_citation.pdbx_database_id_DOI      10.1038/nsmb.3411 
_citation.pdbx_database_id_PubMed   28504696 
_citation.unpublished_flag          ? 
# 
loop_
_citation_author.citation_id 
_citation_author.name 
_citation_author.ordinal 
_citation_author.identifier_ORCID 
primary 'Hardwick, J.S.'   1 ? 
primary 'Ptchelkine, D.'   2 ? 
primary 'El-Sagheer, A.H.' 3 ? 
primary 'Tear, I.'         4 ? 
primary 'Singleton, D.'    5 ? 
primary 'Phillips, S.E.V.' 6 ? 
primary 'Lane, A.N.'       7 ? 
primary 'Brown, T.'        8 ? 
# 
loop_
_entity.id 
_entity.type 
_entity.src_method 
_entity.pdbx_description 
_entity.formula_weight 
_entity.pdbx_number_of_molecules 
_entity.pdbx_ec 
_entity.pdbx_mutation 
_entity.pdbx_fragment 
_entity.details 
1 polymer     syn DNA                3662.404 2  ? ? ? ? 
2 non-polymer syn 'COBALT (III) ION' 58.933   1  ? ? ? ? 
3 water       nat water              18.015   31 ? ? ? ? 
# 
_entity_poly.entity_id                      1 
_entity_poly.type                           polydeoxyribonucleotide 
_entity_poly.nstd_linkage                   no 
_entity_poly.nstd_monomer                   no 
_entity_poly.pdbx_seq_one_letter_code       '(DC)(DT)(DA)(DC)(DG)(DT)(DA)(DC)(DG)(DT)(DA)(DG)' 
_entity_poly.pdbx_seq_one_letter_code_can   CTACGTACGTAG 
_entity_poly.pdbx_strand_id                 A,B 
_entity_poly.pdbx_target_identifier         ? 
# 
loop_
_pdbx_entity_nonpoly.entity_id 
_pdbx_entity_nonpoly.name 
_pdbx_entity_nonpoly.comp_id 
2 'COBALT (III) ION' 3CO 
3 water              HOH 
# 
loop_
_entity_poly_seq.entity_id 
_entity_poly_seq.num 
_entity_poly_seq.mon_id 
_entity_poly_seq.hetero 
1 1  DC n 
1 2  DT n 
1 3  DA n 
1 4  DC n 
1 5  DG n 
1 6  DT n 
1 7  DA n 
1 8  DC n 
1 9  DG n 
1 10 DT n 
1 11 DA n 
1 12 DG n 
# 
_pdbx_entity_src_syn.entity_id              1 
_pdbx_entity_src_syn.pdbx_src_id            1 
_pdbx_entity_src_syn.pdbx_alt_source_flag   sample 
_pdbx_entity_src_syn.pdbx_beg_seq_num       1 
_pdbx_entity_src_syn.pdbx_end_seq_num       12 
_pdbx_entity_src_syn.organism_scientific    'synthetic construct' 
_pdbx_entity_src_syn.organism_common_name   ? 
_pdbx_entity_src_syn.ncbi_taxonomy_id       32630 
_pdbx_entity_src_syn.details                ? 
# 
loop_
_chem_comp.id 
_chem_comp.type 
_chem_comp.mon_nstd_flag 
_chem_comp.name 
_chem_comp.pdbx_synonyms 
_chem_comp.formula 
_chem_comp.formula_weight 
3CO non-polymer   . 'COBALT (III) ION'                   ? 'Co 3'            58.933  
DA  'DNA linking' y "2'-DEOXYADENOSINE-5'-MONOPHOSPHATE" ? 'C10 H14 N5 O6 P' 331.222 
DC  'DNA linking' y "2'-DEOXYCYTIDINE-5'-MONOPHOSPHATE"  ? 'C9 H14 N3 O7 P'  307.197 
DG  'DNA linking' y "2'-DEOXYGUANOSINE-5'-MONOPHOSPHATE" ? 'C10 H14 N5 O7 P' 347.221 
DT  'DNA linking' y "THYMIDINE-5'-MONOPHOSPHATE"         ? 'C10 H15 N2 O8 P' 322.208 
HOH non-polymer   . WATER                                ? 'H2 O'            18.015  
# 
loop_
_pdbx_poly_seq_scheme.asym_id 
_pdbx_poly_seq_scheme.entity_id 
_pdbx_poly_seq_scheme.seq_id 
_pdbx_poly_seq_scheme.mon_id 
_pdbx_poly_seq_scheme.ndb_seq_num 
_pdbx_poly_seq_scheme.pdb_seq_num 
_pdbx_poly_seq_scheme.auth_seq_num 
_pdbx_poly_seq_scheme.pdb_mon_id 
_pdbx_poly_seq_scheme.auth_mon_id 
_pdbx_poly_seq_scheme.pdb_strand_id 
_pdbx_poly_seq_scheme.pdb_ins_code 
_pdbx_poly_seq_scheme.hetero 
A 1 1  DC 1  1  1  DC DC A . n 
A 1 2  DT 2  2  2  DT DT A . n 
A 1 3  DA 3  3  3  DA DA A . n 
A 1 4  DC 4  4  4  DC DC A . n 
A 1 5  DG 5  5  5  DG DG A . n 
A 1 6  DT 6  6  6  DT DT A . n 
A 1 7  DA 7  7  7  DA DA A . n 
A 1 8  DC 8  8  8  DC DC A . n 
A 1 9  DG 9  9  9  DG DG A . n 
A 1 10 DT 10 10 10 DT DT A . n 
A 1 11 DA 11 11 11 DA DA A . n 
A 1 12 DG 12 12 12 DG DG A . n 
B 1 1  DC 1  1  1  DC DC B . n 
B 1 2  DT 2  2  2  DT DT B . n 
B 1 3  DA 3  3  3  DA DA B . n 
B 1 4  DC 4  4  4  DC DC B . n 
B 1 5  DG 5  5  5  DG DG B . n 
B 1 6  DT 6  6  6  DT DT B . n 
B 1 7  DA 7  7  7  DA DA B . n 
B 1 8  DC 8  8  8  DC DC B . n 
B 1 9  DG 9  9  9  DG DG B . n 
B 1 10 DT 10 10 10 DT DT B . n 
B 1 11 DA 11 11 11 DA DA B . n 
B 1 12 DG 12 12 12 DG DG B . n 
# 
loop_
_pdbx_nonpoly_scheme.asym_id 
_pdbx_nonpoly_scheme.entity_id 
_pdbx_nonpoly_scheme.mon_id 
_pdbx_nonpoly_scheme.ndb_seq_num 
_pdbx_nonpoly_scheme.pdb_seq_num 
_pdbx_nonpoly_scheme.auth_seq_num 
_pdbx_nonpoly_scheme.pdb_mon_id 
_pdbx_nonpoly_scheme.auth_mon_id 
_pdbx_nonpoly_scheme.pdb_strand_id 
_pdbx_nonpoly_scheme.pdb_ins_code 
C 2 3CO 1  101 1  3CO 3CO B . 
D 3 HOH 1  101 17 HOH HOH A . 
D 3 HOH 2  102 10 HOH HOH A . 
D 3 HOH 3  103 19 HOH HOH A . 
D 3 HOH 4  104 31 HOH HOH A . 
D 3 HOH 5  105 12 HOH HOH A . 
D 3 HOH 6  106 25 HOH HOH A . 
D 3 HOH 7  107 16 HOH HOH A . 
D 3 HOH 8  108 26 HOH HOH A . 
D 3 HOH 9  109 32 HOH HOH A . 
D 3 HOH 10 110 20 HOH HOH A . 
D 3 HOH 11 111 5  HOH HOH A . 
D 3 HOH 12 112 28 HOH HOH A . 
D 3 HOH 13 113 1  HOH HOH A . 
D 3 HOH 14 114 2  HOH HOH A . 
D 3 HOH 15 115 9  HOH HOH A . 
D 3 HOH 16 116 8  HOH HOH A . 
D 3 HOH 17 117 22 HOH HOH A . 
D 3 HOH 18 118 7  HOH HOH A . 
D 3 HOH 19 119 27 HOH HOH A . 
D 3 HOH 20 120 39 HOH HOH A . 
D 3 HOH 21 121 43 HOH HOH A . 
D 3 HOH 22 122 4  HOH HOH A . 
E 3 HOH 1  201 18 HOH HOH B . 
E 3 HOH 2  202 15 HOH HOH B . 
E 3 HOH 3  203 21 HOH HOH B . 
E 3 HOH 4  204 6  HOH HOH B . 
E 3 HOH 5  205 23 HOH HOH B . 
E 3 HOH 6  206 24 HOH HOH B . 
E 3 HOH 7  207 11 HOH HOH B . 
E 3 HOH 8  208 14 HOH HOH B . 
E 3 HOH 9  209 3  HOH HOH B . 
# 
loop_
_software.citation_id 
_software.classification 
_software.compiler_name 
_software.compiler_version 
_software.contact_author 
_software.contact_author_email 
_software.date 
_software.description 
_software.dependencies 
_software.hardware 
_software.language 
_software.location 
_software.mods 
_software.name 
_software.os 
_software.os_version 
_software.type 
_software.version 
_software.pdbx_ordinal 
? refinement       ? ? ? ? ? ? ? ? ? ? ? PHENIX  ? ? ? '(1.10.1_2155: ???)' 1 
? 'data reduction' ? ? ? ? ? ? ? ? ? ? ? XDS     ? ? ? .                    2 
? 'data scaling'   ? ? ? ? ? ? ? ? ? ? ? Aimless ? ? ? .                    3 
? phasing          ? ? ? ? ? ? ? ? ? ? ? PHASER  ? ? ? .                    4 
# 
_cell.angle_alpha                  90.00 
_cell.angle_alpha_esd              ? 
_cell.angle_beta                   90.00 
_cell.angle_beta_esd               ? 
_cell.angle_gamma                  120.00 
_cell.angle_gamma_esd              ? 
_cell.entry_id                     5MVT 
_cell.details                      ? 
_cell.formula_units_Z              ? 
_cell.length_a                     44.288 
_cell.length_a_esd                 ? 
_cell.length_b                     44.288 
_cell.length_b_esd                 ? 
_cell.length_c                     57.841 
_cell.length_c_esd                 ? 
_cell.volume                       ? 
_cell.volume_esd                   ? 
_cell.Z_PDB                        12 
_cell.reciprocal_angle_alpha       ? 
_cell.reciprocal_angle_beta        ? 
_cell.reciprocal_angle_gamma       ? 
_cell.reciprocal_angle_alpha_esd   ? 
_cell.reciprocal_angle_beta_esd    ? 
_cell.reciprocal_angle_gamma_esd   ? 
_cell.reciprocal_length_a          ? 
_cell.reciprocal_length_b          ? 
_cell.reciprocal_length_c          ? 
_cell.reciprocal_length_a_esd      ? 
_cell.reciprocal_length_b_esd      ? 
_cell.reciprocal_length_c_esd      ? 
_cell.pdbx_unique_axis             ? 
# 
_symmetry.entry_id                         5MVT 
_symmetry.cell_setting                     ? 
_symmetry.Int_Tables_number                154 
_symmetry.space_group_name_Hall            ? 
_symmetry.space_group_name_H-M             'P 32 2 1' 
_symmetry.pdbx_full_space_group_name_H-M   ? 
# 
_exptl.absorpt_coefficient_mu     ? 
_exptl.absorpt_correction_T_max   ? 
_exptl.absorpt_correction_T_min   ? 
_exptl.absorpt_correction_type    ? 
_exptl.absorpt_process_details    ? 
_exptl.entry_id                   5MVT 
_exptl.crystals_number            1 
_exptl.details                    ? 
_exptl.method                     'X-RAY DIFFRACTION' 
_exptl.method_details             ? 
# 
_exptl_crystal.colour                      ? 
_exptl_crystal.density_diffrn              ? 
_exptl_crystal.density_Matthews            2.24 
_exptl_crystal.density_method              ? 
_exptl_crystal.density_percent_sol         44.98 
_exptl_crystal.description                 ? 
_exptl_crystal.F_000                       ? 
_exptl_crystal.id                          1 
_exptl_crystal.preparation                 ? 
_exptl_crystal.size_max                    ? 
_exptl_crystal.size_mid                    ? 
_exptl_crystal.size_min                    ? 
_exptl_crystal.size_rad                    ? 
_exptl_crystal.colour_lustre               ? 
_exptl_crystal.colour_modifier             ? 
_exptl_crystal.colour_primary              ? 
_exptl_crystal.density_meas                ? 
_exptl_crystal.density_meas_esd            ? 
_exptl_crystal.density_meas_gt             ? 
_exptl_crystal.density_meas_lt             ? 
_exptl_crystal.density_meas_temp           ? 
_exptl_crystal.density_meas_temp_esd       ? 
_exptl_crystal.density_meas_temp_gt        ? 
_exptl_crystal.density_meas_temp_lt        ? 
_exptl_crystal.pdbx_crystal_image_url      ? 
_exptl_crystal.pdbx_crystal_image_format   ? 
_exptl_crystal.pdbx_mosaicity              ? 
_exptl_crystal.pdbx_mosaicity_esd          ? 
# 
_exptl_crystal_grow.apparatus       ? 
_exptl_crystal_grow.atmosphere      ? 
_exptl_crystal_grow.crystal_id      1 
_exptl_crystal_grow.details         ? 
_exptl_crystal_grow.method          'VAPOR DIFFUSION, SITTING DROP' 
_exptl_crystal_grow.method_ref      ? 
_exptl_crystal_grow.pH              5.5 
_exptl_crystal_grow.pressure        ? 
_exptl_crystal_grow.pressure_esd    ? 
_exptl_crystal_grow.seeding         ? 
_exptl_crystal_grow.seeding_ref     ? 
_exptl_crystal_grow.temp            293 
_exptl_crystal_grow.temp_details    ? 
_exptl_crystal_grow.temp_esd        ? 
_exptl_crystal_grow.time            ? 
_exptl_crystal_grow.pdbx_details    
;Sodium chloride (12 mM)
Potassium chloride (80 mM)
Hexammine cobalt(III) chloride (2 mM)
MPD (45% v/v)
;
_exptl_crystal_grow.pdbx_pH_range   ? 
# 
_diffrn.ambient_environment    ? 
_diffrn.ambient_temp           100 
_diffrn.ambient_temp_details   ? 
_diffrn.ambient_temp_esd       ? 
_diffrn.crystal_id             1 
_diffrn.crystal_support        ? 
_diffrn.crystal_treatment      ? 
_diffrn.details                ? 
_diffrn.id                     1 
_diffrn.ambient_pressure       ? 
_diffrn.ambient_pressure_esd   ? 
_diffrn.ambient_pressure_gt    ? 
_diffrn.ambient_pressure_lt    ? 
_diffrn.ambient_temp_gt        ? 
_diffrn.ambient_temp_lt        ? 
# 
_diffrn_detector.details                      ? 
_diffrn_detector.detector                     PIXEL 
_diffrn_detector.diffrn_id                    1 
_diffrn_detector.type                         'DECTRIS PILATUS 6M-F' 
_diffrn_detector.area_resol_mean              ? 
_diffrn_detector.dtime                        ? 
_diffrn_detector.pdbx_frames_total            ? 
_diffrn_detector.pdbx_collection_time_total   ? 
_diffrn_detector.pdbx_collection_date         2016-02-21 
# 
_diffrn_radiation.collimation                      ? 
_diffrn_radiation.diffrn_id                        1 
_diffrn_radiation.filter_edge                      ? 
_diffrn_radiation.inhomogeneity                    ? 
_diffrn_radiation.monochromator                    ? 
_diffrn_radiation.polarisn_norm                    ? 
_diffrn_radiation.polarisn_ratio                   ? 
_diffrn_radiation.probe                            ? 
_diffrn_radiation.type                             ? 
_diffrn_radiation.xray_symbol                      ? 
_diffrn_radiation.wavelength_id                    1 
_diffrn_radiation.pdbx_monochromatic_or_laue_m_l   M 
_diffrn_radiation.pdbx_wavelength_list             ? 
_diffrn_radiation.pdbx_wavelength                  ? 
_diffrn_radiation.pdbx_diffrn_protocol             'SINGLE WAVELENGTH' 
_diffrn_radiation.pdbx_analyzer                    ? 
_diffrn_radiation.pdbx_scattering_type             x-ray 
# 
_diffrn_radiation_wavelength.id           1 
_diffrn_radiation_wavelength.wavelength   1.06 
_diffrn_radiation_wavelength.wt           1.0 
# 
_diffrn_source.current                     ? 
_diffrn_source.details                     ? 
_diffrn_source.diffrn_id                   1 
_diffrn_source.power                       ? 
_diffrn_source.size                        ? 
_diffrn_source.source                      SYNCHROTRON 
_diffrn_source.target                      ? 
_diffrn_source.type                        'DIAMOND BEAMLINE I04' 
_diffrn_source.voltage                     ? 
_diffrn_source.take-off_angle              ? 
_diffrn_source.pdbx_wavelength_list        1.06 
_diffrn_source.pdbx_wavelength             ? 
_diffrn_source.pdbx_synchrotron_beamline   I04 
_diffrn_source.pdbx_synchrotron_site       Diamond 
# 
_reflns.B_iso_Wilson_estimate            ? 
_reflns.entry_id                         5MVT 
_reflns.data_reduction_details           ? 
_reflns.data_reduction_method            ? 
_reflns.d_resolution_high                1.896 
_reflns.d_resolution_low                 38.355 
_reflns.details                          ? 
_reflns.limit_h_max                      ? 
_reflns.limit_h_min                      ? 
_reflns.limit_k_max                      ? 
_reflns.limit_k_min                      ? 
_reflns.limit_l_max                      ? 
_reflns.limit_l_min                      ? 
_reflns.number_all                       ? 
_reflns.number_obs                       5540 
_reflns.observed_criterion               ? 
_reflns.observed_criterion_F_max         ? 
_reflns.observed_criterion_F_min         ? 
_reflns.observed_criterion_I_max         ? 
_reflns.observed_criterion_I_min         ? 
_reflns.observed_criterion_sigma_F       ? 
_reflns.observed_criterion_sigma_I       ? 
_reflns.percent_possible_obs             99.9 
_reflns.R_free_details                   ? 
_reflns.Rmerge_F_all                     ? 
_reflns.Rmerge_F_obs                     ? 
_reflns.Friedel_coverage                 ? 
_reflns.number_gt                        ? 
_reflns.threshold_expression             ? 
_reflns.pdbx_redundancy                  9.2 
_reflns.pdbx_Rmerge_I_obs                ? 
_reflns.pdbx_Rmerge_I_all                ? 
_reflns.pdbx_Rsym_value                  ? 
_reflns.pdbx_netI_over_av_sigmaI         ? 
_reflns.pdbx_netI_over_sigmaI            21.0 
_reflns.pdbx_res_netI_over_av_sigmaI_2   ? 
_reflns.pdbx_res_netI_over_sigmaI_2      ? 
_reflns.pdbx_chi_squared                 ? 
_reflns.pdbx_scaling_rejects             ? 
_reflns.pdbx_d_res_high_opt              ? 
_reflns.pdbx_d_res_low_opt               ? 
_reflns.pdbx_d_res_opt_method            ? 
_reflns.phase_calculation_details        ? 
_reflns.pdbx_Rrim_I_all                  ? 
_reflns.pdbx_Rpim_I_all                  ? 
_reflns.pdbx_d_opt                       ? 
_reflns.pdbx_number_measured_all         ? 
_reflns.pdbx_diffrn_id                   1 
_reflns.pdbx_ordinal                     1 
_reflns.pdbx_CC_half                     ? 
_reflns.pdbx_R_split                     ? 
# 
_refine.aniso_B[1][1]                            ? 
_refine.aniso_B[1][2]                            ? 
_refine.aniso_B[1][3]                            ? 
_refine.aniso_B[2][2]                            ? 
_refine.aniso_B[2][3]                            ? 
_refine.aniso_B[3][3]                            ? 
_refine.B_iso_max                                ? 
_refine.B_iso_mean                               ? 
_refine.B_iso_min                                ? 
_refine.correlation_coeff_Fo_to_Fc               ? 
_refine.correlation_coeff_Fo_to_Fc_free          ? 
_refine.details                                  ? 
_refine.diff_density_max                         ? 
_refine.diff_density_max_esd                     ? 
_refine.diff_density_min                         ? 
_refine.diff_density_min_esd                     ? 
_refine.diff_density_rms                         ? 
_refine.diff_density_rms_esd                     ? 
_refine.entry_id                                 5MVT 
_refine.pdbx_refine_id                           'X-RAY DIFFRACTION' 
_refine.ls_abs_structure_details                 ? 
_refine.ls_abs_structure_Flack                   ? 
_refine.ls_abs_structure_Flack_esd               ? 
_refine.ls_abs_structure_Rogers                  ? 
_refine.ls_abs_structure_Rogers_esd              ? 
_refine.ls_d_res_high                            1.896 
_refine.ls_d_res_low                             38.355 
_refine.ls_extinction_coef                       ? 
_refine.ls_extinction_coef_esd                   ? 
_refine.ls_extinction_expression                 ? 
_refine.ls_extinction_method                     ? 
_refine.ls_goodness_of_fit_all                   ? 
_refine.ls_goodness_of_fit_all_esd               ? 
_refine.ls_goodness_of_fit_obs                   ? 
_refine.ls_goodness_of_fit_obs_esd               ? 
_refine.ls_hydrogen_treatment                    ? 
_refine.ls_matrix_type                           ? 
_refine.ls_number_constraints                    ? 
_refine.ls_number_parameters                     ? 
_refine.ls_number_reflns_all                     ? 
_refine.ls_number_reflns_obs                     5518 
_refine.ls_number_reflns_R_free                  353 
_refine.ls_number_reflns_R_work                  ? 
_refine.ls_number_restraints                     ? 
_refine.ls_percent_reflns_obs                    99.93 
_refine.ls_percent_reflns_R_free                 6.40 
_refine.ls_R_factor_all                          ? 
_refine.ls_R_factor_obs                          0.2031 
_refine.ls_R_factor_R_free                       0.2245 
_refine.ls_R_factor_R_free_error                 ? 
_refine.ls_R_factor_R_free_error_details         ? 
_refine.ls_R_factor_R_work                       0.2015 
_refine.ls_R_Fsqd_factor_obs                     ? 
_refine.ls_R_I_factor_obs                        ? 
_refine.ls_redundancy_reflns_all                 ? 
_refine.ls_redundancy_reflns_obs                 ? 
_refine.ls_restrained_S_all                      ? 
_refine.ls_restrained_S_obs                      ? 
_refine.ls_shift_over_esd_max                    ? 
_refine.ls_shift_over_esd_mean                   ? 
_refine.ls_structure_factor_coef                 ? 
_refine.ls_weighting_details                     ? 
_refine.ls_weighting_scheme                      ? 
_refine.ls_wR_factor_all                         ? 
_refine.ls_wR_factor_obs                         ? 
_refine.ls_wR_factor_R_free                      ? 
_refine.ls_wR_factor_R_work                      ? 
_refine.occupancy_max                            ? 
_refine.occupancy_min                            ? 
_refine.solvent_model_details                    ? 
_refine.solvent_model_param_bsol                 ? 
_refine.solvent_model_param_ksol                 ? 
_refine.ls_R_factor_gt                           ? 
_refine.ls_goodness_of_fit_gt                    ? 
_refine.ls_goodness_of_fit_ref                   ? 
_refine.ls_shift_over_su_max                     ? 
_refine.ls_shift_over_su_max_lt                  ? 
_refine.ls_shift_over_su_mean                    ? 
_refine.ls_shift_over_su_mean_lt                 ? 
_refine.pdbx_ls_sigma_I                          ? 
_refine.pdbx_ls_sigma_F                          1.34 
_refine.pdbx_ls_sigma_Fsqd                       ? 
_refine.pdbx_data_cutoff_high_absF               ? 
_refine.pdbx_data_cutoff_high_rms_absF           ? 
_refine.pdbx_data_cutoff_low_absF                ? 
_refine.pdbx_isotropic_thermal_model             ? 
_refine.pdbx_ls_cross_valid_method               'FREE R-VALUE' 
_refine.pdbx_method_to_determine_struct          'MOLECULAR REPLACEMENT' 
_refine.pdbx_starting_model                      5MVL 
_refine.pdbx_stereochemistry_target_values       ? 
_refine.pdbx_R_Free_selection_details            ? 
_refine.pdbx_stereochem_target_val_spec_case     ? 
_refine.pdbx_overall_ESU_R                       ? 
_refine.pdbx_overall_ESU_R_Free                  ? 
_refine.pdbx_solvent_vdw_probe_radii             1.11 
_refine.pdbx_solvent_ion_probe_radii             ? 
_refine.pdbx_solvent_shrinkage_radii             0.90 
_refine.pdbx_real_space_R                        ? 
_refine.pdbx_density_correlation                 ? 
_refine.pdbx_pd_number_of_powder_patterns        ? 
_refine.pdbx_pd_number_of_points                 ? 
_refine.pdbx_pd_meas_number_of_points            ? 
_refine.pdbx_pd_proc_ls_prof_R_factor            ? 
_refine.pdbx_pd_proc_ls_prof_wR_factor           ? 
_refine.pdbx_pd_Marquardt_correlation_coeff      ? 
_refine.pdbx_pd_Fsqrd_R_factor                   ? 
_refine.pdbx_pd_ls_matrix_band_width             ? 
_refine.pdbx_overall_phase_error                 32.54 
_refine.pdbx_overall_SU_R_free_Cruickshank_DPI   ? 
_refine.pdbx_overall_SU_R_free_Blow_DPI          ? 
_refine.pdbx_overall_SU_R_Blow_DPI               ? 
_refine.pdbx_TLS_residual_ADP_flag               ? 
_refine.pdbx_diffrn_id                           1 
_refine.overall_SU_B                             ? 
_refine.overall_SU_ML                            0.21 
_refine.overall_SU_R_Cruickshank_DPI             ? 
_refine.overall_SU_R_free                        ? 
_refine.overall_FOM_free_R_set                   ? 
_refine.overall_FOM_work_R_set                   ? 
_refine.pdbx_average_fsc_overall                 ? 
_refine.pdbx_average_fsc_work                    ? 
_refine.pdbx_average_fsc_free                    ? 
# 
_refine_hist.pdbx_refine_id                   'X-RAY DIFFRACTION' 
_refine_hist.cycle_id                         LAST 
_refine_hist.pdbx_number_atoms_protein        0 
_refine_hist.pdbx_number_atoms_nucleic_acid   486 
_refine_hist.pdbx_number_atoms_ligand         1 
_refine_hist.number_atoms_solvent             31 
_refine_hist.number_atoms_total               518 
_refine_hist.d_res_high                       1.896 
_refine_hist.d_res_low                        38.355 
# 
loop_
_refine_ls_restr.pdbx_refine_id 
_refine_ls_restr.criterion 
_refine_ls_restr.dev_ideal 
_refine_ls_restr.dev_ideal_target 
_refine_ls_restr.number 
_refine_ls_restr.rejects 
_refine_ls_restr.type 
_refine_ls_restr.weight 
_refine_ls_restr.pdbx_restraint_function 
'X-RAY DIFFRACTION' ? 0.011  ? 544 ? f_bond_d           ? ? 
'X-RAY DIFFRACTION' ? 1.177  ? 836 ? f_angle_d          ? ? 
'X-RAY DIFFRACTION' ? 13.224 ? 232 ? f_dihedral_angle_d ? ? 
'X-RAY DIFFRACTION' ? 0.072  ? 94  ? f_chiral_restr     ? ? 
'X-RAY DIFFRACTION' ? 0.009  ? 24  ? f_plane_restr      ? ? 
# 
loop_
_refine_ls_shell.pdbx_refine_id 
_refine_ls_shell.d_res_high 
_refine_ls_shell.d_res_low 
_refine_ls_shell.number_reflns_all 
_refine_ls_shell.number_reflns_obs 
_refine_ls_shell.number_reflns_R_free 
_refine_ls_shell.number_reflns_R_work 
_refine_ls_shell.percent_reflns_obs 
_refine_ls_shell.percent_reflns_R_free 
_refine_ls_shell.R_factor_all 
_refine_ls_shell.R_factor_obs 
_refine_ls_shell.R_factor_R_free 
_refine_ls_shell.R_factor_R_free_error 
_refine_ls_shell.R_factor_R_work 
_refine_ls_shell.redundancy_reflns_all 
_refine_ls_shell.redundancy_reflns_obs 
_refine_ls_shell.wR_factor_all 
_refine_ls_shell.wR_factor_obs 
_refine_ls_shell.wR_factor_R_free 
_refine_ls_shell.wR_factor_R_work 
_refine_ls_shell.pdbx_total_number_of_bins_used 
_refine_ls_shell.pdbx_phase_error 
_refine_ls_shell.pdbx_fsc_work 
_refine_ls_shell.pdbx_fsc_free 
'X-RAY DIFFRACTION' 1.8960 2.1703  . . 101 1689 100.00 . . . 0.3280 . 0.2685 . . . . . . . . . . 
'X-RAY DIFFRACTION' 2.1703 2.7342  . . 124 1699 100.00 . . . 0.2984 . 0.2597 . . . . . . . . . . 
'X-RAY DIFFRACTION' 2.7342 38.3624 . . 128 1777 100.00 . . . 0.1902 . 0.1770 . . . . . . . . . . 
# 
_struct.entry_id                     5MVT 
_struct.title                        'Crystal structure of an A-DNA dodecamer featuring an alternating pyrimidine-purine sequence' 
_struct.pdbx_model_details           ? 
_struct.pdbx_formula_weight          ? 
_struct.pdbx_formula_weight_method   ? 
_struct.pdbx_model_type_details      ? 
_struct.pdbx_CASP_flag               N 
# 
_struct_keywords.entry_id        5MVT 
_struct_keywords.text            'A-DNA, Unmodified, Self-complementary, DNA' 
_struct_keywords.pdbx_keywords   DNA 
# 
loop_
_struct_asym.id 
_struct_asym.pdbx_blank_PDB_chainid_flag 
_struct_asym.pdbx_modified 
_struct_asym.entity_id 
_struct_asym.details 
A N N 1 ? 
B N N 1 ? 
C N N 2 ? 
D N N 3 ? 
E N N 3 ? 
# 
_struct_ref.id                         1 
_struct_ref.db_name                    PDB 
_struct_ref.db_code                    5MVT 
_struct_ref.pdbx_db_accession          5MVT 
_struct_ref.pdbx_db_isoform            ? 
_struct_ref.entity_id                  1 
_struct_ref.pdbx_seq_one_letter_code   ? 
_struct_ref.pdbx_align_begin           1 
# 
loop_
_struct_ref_seq.align_id 
_struct_ref_seq.ref_id 
_struct_ref_seq.pdbx_PDB_id_code 
_struct_ref_seq.pdbx_strand_id 
_struct_ref_seq.seq_align_beg 
_struct_ref_seq.pdbx_seq_align_beg_ins_code 
_struct_ref_seq.seq_align_end 
_struct_ref_seq.pdbx_seq_align_end_ins_code 
_struct_ref_seq.pdbx_db_accession 
_struct_ref_seq.db_align_beg 
_struct_ref_seq.pdbx_db_align_beg_ins_code 
_struct_ref_seq.db_align_end 
_struct_ref_seq.pdbx_db_align_end_ins_code 
_struct_ref_seq.pdbx_auth_seq_align_beg 
_struct_ref_seq.pdbx_auth_seq_align_end 
1 1 5MVT A 1 ? 12 ? 5MVT 1 ? 12 ? 1 12 
2 1 5MVT B 1 ? 12 ? 5MVT 1 ? 12 ? 1 12 
# 
_pdbx_struct_assembly.id                   1 
_pdbx_struct_assembly.details              author_and_software_defined_assembly 
_pdbx_struct_assembly.method_details       PISA 
_pdbx_struct_assembly.oligomeric_details   dimeric 
_pdbx_struct_assembly.oligomeric_count     2 
# 
loop_
_pdbx_struct_assembly_prop.biol_id 
_pdbx_struct_assembly_prop.type 
_pdbx_struct_assembly_prop.value 
_pdbx_struct_assembly_prop.details 
1 'ABSA (A^2)' 1230 ? 
1 MORE         -5   ? 
1 'SSA (A^2)'  4510 ? 
# 
_pdbx_struct_assembly_gen.assembly_id       1 
_pdbx_struct_assembly_gen.oper_expression   1 
_pdbx_struct_assembly_gen.asym_id_list      A,B,C,D,E 
# 
_pdbx_struct_oper_list.id                   1 
_pdbx_struct_oper_list.type                 'identity operation' 
_pdbx_struct_oper_list.name                 1_555 
_pdbx_struct_oper_list.symmetry_operation   x,y,z 
_pdbx_struct_oper_list.matrix[1][1]         1.0000000000 
_pdbx_struct_oper_list.matrix[1][2]         0.0000000000 
_pdbx_struct_oper_list.matrix[1][3]         0.0000000000 
_pdbx_struct_oper_list.vector[1]            0.0000000000 
_pdbx_struct_oper_list.matrix[2][1]         0.0000000000 
_pdbx_struct_oper_list.matrix[2][2]         1.0000000000 
_pdbx_struct_oper_list.matrix[2][3]         0.0000000000 
_pdbx_struct_oper_list.vector[2]            0.0000000000 
_pdbx_struct_oper_list.matrix[3][1]         0.0000000000 
_pdbx_struct_oper_list.matrix[3][2]         0.0000000000 
_pdbx_struct_oper_list.matrix[3][3]         1.0000000000 
_pdbx_struct_oper_list.vector[3]            0.0000000000 
# 
loop_
_struct_conn.id 
_struct_conn.conn_type_id 
_struct_conn.pdbx_leaving_atom_flag 
_struct_conn.pdbx_PDB_id 
_struct_conn.ptnr1_label_asym_id 
_struct_conn.ptnr1_label_comp_id 
_struct_conn.ptnr1_label_seq_id 
_struct_conn.ptnr1_label_atom_id 
_struct_conn.pdbx_ptnr1_label_alt_id 
_struct_conn.pdbx_ptnr1_PDB_ins_code 
_struct_conn.pdbx_ptnr1_standard_comp_id 
_struct_conn.ptnr1_symmetry 
_struct_conn.ptnr2_label_asym_id 
_struct_conn.ptnr2_label_comp_id 
_struct_conn.ptnr2_label_seq_id 
_struct_conn.ptnr2_label_atom_id 
_struct_conn.pdbx_ptnr2_label_alt_id 
_struct_conn.pdbx_ptnr2_PDB_ins_code 
_struct_conn.ptnr1_auth_asym_id 
_struct_conn.ptnr1_auth_comp_id 
_struct_conn.ptnr1_auth_seq_id 
_struct_conn.ptnr2_auth_asym_id 
_struct_conn.ptnr2_auth_comp_id 
_struct_conn.ptnr2_auth_seq_id 
_struct_conn.ptnr2_symmetry 
_struct_conn.pdbx_ptnr3_label_atom_id 
_struct_conn.pdbx_ptnr3_label_seq_id 
_struct_conn.pdbx_ptnr3_label_comp_id 
_struct_conn.pdbx_ptnr3_label_asym_id 
_struct_conn.pdbx_ptnr3_label_alt_id 
_struct_conn.pdbx_ptnr3_PDB_ins_code 
_struct_conn.details 
_struct_conn.pdbx_dist_value 
_struct_conn.pdbx_value_order 
_struct_conn.pdbx_role 
hydrog1  hydrog ? ? A DC 1  N3 ? ? ? 1_555 B DG 12 N1 ? ? A DC 1  B DG 12 1_555 ? ? ? ? ? ? WATSON-CRICK ? ? ? 
hydrog2  hydrog ? ? A DC 1  N4 ? ? ? 1_555 B DG 12 O6 ? ? A DC 1  B DG 12 1_555 ? ? ? ? ? ? WATSON-CRICK ? ? ? 
hydrog3  hydrog ? ? A DC 1  O2 ? ? ? 1_555 B DG 12 N2 ? ? A DC 1  B DG 12 1_555 ? ? ? ? ? ? WATSON-CRICK ? ? ? 
hydrog4  hydrog ? ? A DT 2  N3 ? ? ? 1_555 B DA 11 N1 ? ? A DT 2  B DA 11 1_555 ? ? ? ? ? ? WATSON-CRICK ? ? ? 
hydrog5  hydrog ? ? A DT 2  O4 ? ? ? 1_555 B DA 11 N6 ? ? A DT 2  B DA 11 1_555 ? ? ? ? ? ? WATSON-CRICK ? ? ? 
hydrog6  hydrog ? ? A DA 3  N1 ? ? ? 1_555 B DT 10 N3 ? ? A DA 3  B DT 10 1_555 ? ? ? ? ? ? WATSON-CRICK ? ? ? 
hydrog7  hydrog ? ? A DA 3  N6 ? ? ? 1_555 B DT 10 O4 ? ? A DA 3  B DT 10 1_555 ? ? ? ? ? ? WATSON-CRICK ? ? ? 
hydrog8  hydrog ? ? A DC 4  N3 ? ? ? 1_555 B DG 9  N1 ? ? A DC 4  B DG 9  1_555 ? ? ? ? ? ? WATSON-CRICK ? ? ? 
hydrog9  hydrog ? ? A DC 4  N4 ? ? ? 1_555 B DG 9  O6 ? ? A DC 4  B DG 9  1_555 ? ? ? ? ? ? WATSON-CRICK ? ? ? 
hydrog10 hydrog ? ? A DC 4  O2 ? ? ? 1_555 B DG 9  N2 ? ? A DC 4  B DG 9  1_555 ? ? ? ? ? ? WATSON-CRICK ? ? ? 
hydrog11 hydrog ? ? A DG 5  N1 ? ? ? 1_555 B DC 8  N3 ? ? A DG 5  B DC 8  1_555 ? ? ? ? ? ? WATSON-CRICK ? ? ? 
hydrog12 hydrog ? ? A DG 5  N2 ? ? ? 1_555 B DC 8  O2 ? ? A DG 5  B DC 8  1_555 ? ? ? ? ? ? WATSON-CRICK ? ? ? 
hydrog13 hydrog ? ? A DG 5  O6 ? ? ? 1_555 B DC 8  N4 ? ? A DG 5  B DC 8  1_555 ? ? ? ? ? ? WATSON-CRICK ? ? ? 
hydrog14 hydrog ? ? A DT 6  N3 ? ? ? 1_555 B DA 7  N1 ? ? A DT 6  B DA 7  1_555 ? ? ? ? ? ? WATSON-CRICK ? ? ? 
hydrog15 hydrog ? ? A DT 6  O4 ? ? ? 1_555 B DA 7  N6 ? ? A DT 6  B DA 7  1_555 ? ? ? ? ? ? WATSON-CRICK ? ? ? 
hydrog16 hydrog ? ? A DA 7  N1 ? ? ? 1_555 B DT 6  N3 ? ? A DA 7  B DT 6  1_555 ? ? ? ? ? ? WATSON-CRICK ? ? ? 
hydrog17 hydrog ? ? A DA 7  N6 ? ? ? 1_555 B DT 6  O4 ? ? A DA 7  B DT 6  1_555 ? ? ? ? ? ? WATSON-CRICK ? ? ? 
hydrog18 hydrog ? ? A DC 8  N3 ? ? ? 1_555 B DG 5  N1 ? ? A DC 8  B DG 5  1_555 ? ? ? ? ? ? WATSON-CRICK ? ? ? 
hydrog19 hydrog ? ? A DC 8  N4 ? ? ? 1_555 B DG 5  O6 ? ? A DC 8  B DG 5  1_555 ? ? ? ? ? ? WATSON-CRICK ? ? ? 
hydrog20 hydrog ? ? A DC 8  O2 ? ? ? 1_555 B DG 5  N2 ? ? A DC 8  B DG 5  1_555 ? ? ? ? ? ? WATSON-CRICK ? ? ? 
hydrog21 hydrog ? ? A DG 9  N1 ? ? ? 1_555 B DC 4  N3 ? ? A DG 9  B DC 4  1_555 ? ? ? ? ? ? WATSON-CRICK ? ? ? 
hydrog22 hydrog ? ? A DG 9  N2 ? ? ? 1_555 B DC 4  O2 ? ? A DG 9  B DC 4  1_555 ? ? ? ? ? ? WATSON-CRICK ? ? ? 
hydrog23 hydrog ? ? A DG 9  O6 ? ? ? 1_555 B DC 4  N4 ? ? A DG 9  B DC 4  1_555 ? ? ? ? ? ? WATSON-CRICK ? ? ? 
hydrog24 hydrog ? ? A DT 10 N3 ? ? ? 1_555 B DA 3  N1 ? ? A DT 10 B DA 3  1_555 ? ? ? ? ? ? WATSON-CRICK ? ? ? 
hydrog25 hydrog ? ? A DT 10 O4 ? ? ? 1_555 B DA 3  N6 ? ? A DT 10 B DA 3  1_555 ? ? ? ? ? ? WATSON-CRICK ? ? ? 
hydrog26 hydrog ? ? A DA 11 N1 ? ? ? 1_555 B DT 2  N3 ? ? A DA 11 B DT 2  1_555 ? ? ? ? ? ? WATSON-CRICK ? ? ? 
hydrog27 hydrog ? ? A DA 11 N6 ? ? ? 1_555 B DT 2  O4 ? ? A DA 11 B DT 2  1_555 ? ? ? ? ? ? WATSON-CRICK ? ? ? 
hydrog28 hydrog ? ? A DG 12 N1 ? ? ? 1_555 B DC 1  N3 ? ? A DG 12 B DC 1  1_555 ? ? ? ? ? ? WATSON-CRICK ? ? ? 
hydrog29 hydrog ? ? A DG 12 N2 ? ? ? 1_555 B DC 1  O2 ? ? A DG 12 B DC 1  1_555 ? ? ? ? ? ? WATSON-CRICK ? ? ? 
hydrog30 hydrog ? ? A DG 12 O6 ? ? ? 1_555 B DC 1  N4 ? ? A DG 12 B DC 1  1_555 ? ? ? ? ? ? WATSON-CRICK ? ? ? 
# 
_struct_conn_type.id          hydrog 
_struct_conn_type.criteria    ? 
_struct_conn_type.reference   ? 
# 
loop_
_pdbx_validate_rmsd_bond.id 
_pdbx_validate_rmsd_bond.PDB_model_num 
_pdbx_validate_rmsd_bond.auth_atom_id_1 
_pdbx_validate_rmsd_bond.auth_asym_id_1 
_pdbx_validate_rmsd_bond.auth_comp_id_1 
_pdbx_validate_rmsd_bond.auth_seq_id_1 
_pdbx_validate_rmsd_bond.PDB_ins_code_1 
_pdbx_validate_rmsd_bond.label_alt_id_1 
_pdbx_validate_rmsd_bond.auth_atom_id_2 
_pdbx_validate_rmsd_bond.auth_asym_id_2 
_pdbx_validate_rmsd_bond.auth_comp_id_2 
_pdbx_validate_rmsd_bond.auth_seq_id_2 
_pdbx_validate_rmsd_bond.PDB_ins_code_2 
_pdbx_validate_rmsd_bond.label_alt_id_2 
_pdbx_validate_rmsd_bond.bond_value 
_pdbx_validate_rmsd_bond.bond_target_value 
_pdbx_validate_rmsd_bond.bond_deviation 
_pdbx_validate_rmsd_bond.bond_standard_deviation 
_pdbx_validate_rmsd_bond.linker_flag 
1 1 "O3'" A DT 6 ? ? "C3'" A DT 6 ? ? 1.379 1.419 -0.040 0.006 N 
2 1 "O3'" B DA 3 ? ? "C3'" B DA 3 ? ? 1.362 1.419 -0.057 0.006 N 
# 
loop_
_pdbx_validate_rmsd_angle.id 
_pdbx_validate_rmsd_angle.PDB_model_num 
_pdbx_validate_rmsd_angle.auth_atom_id_1 
_pdbx_validate_rmsd_angle.auth_asym_id_1 
_pdbx_validate_rmsd_angle.auth_comp_id_1 
_pdbx_validate_rmsd_angle.auth_seq_id_1 
_pdbx_validate_rmsd_angle.PDB_ins_code_1 
_pdbx_validate_rmsd_angle.label_alt_id_1 
_pdbx_validate_rmsd_angle.auth_atom_id_2 
_pdbx_validate_rmsd_angle.auth_asym_id_2 
_pdbx_validate_rmsd_angle.auth_comp_id_2 
_pdbx_validate_rmsd_angle.auth_seq_id_2 
_pdbx_validate_rmsd_angle.PDB_ins_code_2 
_pdbx_validate_rmsd_angle.label_alt_id_2 
_pdbx_validate_rmsd_angle.auth_atom_id_3 
_pdbx_validate_rmsd_angle.auth_asym_id_3 
_pdbx_validate_rmsd_angle.auth_comp_id_3 
_pdbx_validate_rmsd_angle.auth_seq_id_3 
_pdbx_validate_rmsd_angle.PDB_ins_code_3 
_pdbx_validate_rmsd_angle.label_alt_id_3 
_pdbx_validate_rmsd_angle.angle_value 
_pdbx_validate_rmsd_angle.angle_target_value 
_pdbx_validate_rmsd_angle.angle_deviation 
_pdbx_validate_rmsd_angle.angle_standard_deviation 
_pdbx_validate_rmsd_angle.linker_flag 
1 1 "O4'" A DT 2 ? ? "C1'" A DT 2 ? ? N1 A DT 2 ? ? 110.53 108.30 2.23 0.30 N 
2 1 "O4'" B DC 8 ? ? "C1'" B DC 8 ? ? N1 B DC 8 ? ? 111.02 108.30 2.72 0.30 N 
# 
_pdbx_struct_special_symmetry.id              1 
_pdbx_struct_special_symmetry.PDB_model_num   1 
_pdbx_struct_special_symmetry.auth_asym_id    A 
_pdbx_struct_special_symmetry.auth_comp_id    HOH 
_pdbx_struct_special_symmetry.auth_seq_id     122 
_pdbx_struct_special_symmetry.PDB_ins_code    ? 
_pdbx_struct_special_symmetry.label_asym_id   D 
_pdbx_struct_special_symmetry.label_comp_id   HOH 
_pdbx_struct_special_symmetry.label_seq_id    . 
# 
loop_
_pdbx_refine_tls.pdbx_refine_id 
_pdbx_refine_tls.id 
_pdbx_refine_tls.details 
_pdbx_refine_tls.method 
_pdbx_refine_tls.origin_x 
_pdbx_refine_tls.origin_y 
_pdbx_refine_tls.origin_z 
_pdbx_refine_tls.T[1][1] 
_pdbx_refine_tls.T[2][2] 
_pdbx_refine_tls.T[3][3] 
_pdbx_refine_tls.T[1][2] 
_pdbx_refine_tls.T[1][3] 
_pdbx_refine_tls.T[2][3] 
_pdbx_refine_tls.L[1][1] 
_pdbx_refine_tls.L[2][2] 
_pdbx_refine_tls.L[3][3] 
_pdbx_refine_tls.L[1][2] 
_pdbx_refine_tls.L[1][3] 
_pdbx_refine_tls.L[2][3] 
_pdbx_refine_tls.S[1][1] 
_pdbx_refine_tls.S[1][2] 
_pdbx_refine_tls.S[1][3] 
_pdbx_refine_tls.S[2][1] 
_pdbx_refine_tls.S[2][2] 
_pdbx_refine_tls.S[2][3] 
_pdbx_refine_tls.S[3][1] 
_pdbx_refine_tls.S[3][2] 
_pdbx_refine_tls.S[3][3] 
'X-RAY DIFFRACTION' 1 ? refined -0.6499 -1.2297 -2.1715 0.2096 0.2340 0.2237 0.0091  0.0037  -0.0177 0.0338 -0.0022 0.0445  0.0159  -0.0218 -0.0546 -0.1020 -0.1049 0.0507 -0.2149 0.0672 0.0104 -0.0010 -0.0676 0.0318 
'X-RAY DIFFRACTION' 2 ? refined 0.6214  1.4058  2.6059  0.2380 0.2955 0.2822 -0.0117 -0.0380 -0.0481 0.0463 -0.0583 -0.0007 -0.0258 0.0062  0.0012  -0.2149 -0.3245 0.2130 -0.1031 0.0623 0.0441 -0.0849 -0.2322 0.1845 
# 
loop_
_pdbx_refine_tls_group.pdbx_refine_id 
_pdbx_refine_tls_group.id 
_pdbx_refine_tls_group.refine_tls_id 
_pdbx_refine_tls_group.beg_auth_asym_id 
_pdbx_refine_tls_group.beg_auth_seq_id 
_pdbx_refine_tls_group.beg_label_asym_id 
_pdbx_refine_tls_group.beg_label_seq_id 
_pdbx_refine_tls_group.end_auth_asym_id 
_pdbx_refine_tls_group.end_auth_seq_id 
_pdbx_refine_tls_group.end_label_asym_id 
_pdbx_refine_tls_group.end_label_seq_id 
_pdbx_refine_tls_group.selection 
_pdbx_refine_tls_group.selection_details 
'X-RAY DIFFRACTION' 1 1 ? ? ? ? ? ? ? ? ? 
;chain 'A' and (resid 1 through 12 )
;
'X-RAY DIFFRACTION' 2 2 ? ? ? ? ? ? ? ? ? 
;chain 'B' and (resid 1 through 12 )
;
# 
loop_
_chem_comp_atom.comp_id 
_chem_comp_atom.atom_id 
_chem_comp_atom.type_symbol 
_chem_comp_atom.pdbx_aromatic_flag 
_chem_comp_atom.pdbx_stereo_config 
_chem_comp_atom.pdbx_ordinal 
3CO CO     CO N N 1   
DA  OP3    O  N N 2   
DA  P      P  N N 3   
DA  OP1    O  N N 4   
DA  OP2    O  N N 5   
DA  "O5'"  O  N N 6   
DA  "C5'"  C  N N 7   
DA  "C4'"  C  N R 8   
DA  "O4'"  O  N N 9   
DA  "C3'"  C  N S 10  
DA  "O3'"  O  N N 11  
DA  "C2'"  C  N N 12  
DA  "C1'"  C  N R 13  
DA  N9     N  Y N 14  
DA  C8     C  Y N 15  
DA  N7     N  Y N 16  
DA  C5     C  Y N 17  
DA  C6     C  Y N 18  
DA  N6     N  N N 19  
DA  N1     N  Y N 20  
DA  C2     C  Y N 21  
DA  N3     N  Y N 22  
DA  C4     C  Y N 23  
DA  HOP3   H  N N 24  
DA  HOP2   H  N N 25  
DA  "H5'"  H  N N 26  
DA  "H5''" H  N N 27  
DA  "H4'"  H  N N 28  
DA  "H3'"  H  N N 29  
DA  "HO3'" H  N N 30  
DA  "H2'"  H  N N 31  
DA  "H2''" H  N N 32  
DA  "H1'"  H  N N 33  
DA  H8     H  N N 34  
DA  H61    H  N N 35  
DA  H62    H  N N 36  
DA  H2     H  N N 37  
DC  OP3    O  N N 38  
DC  P      P  N N 39  
DC  OP1    O  N N 40  
DC  OP2    O  N N 41  
DC  "O5'"  O  N N 42  
DC  "C5'"  C  N N 43  
DC  "C4'"  C  N R 44  
DC  "O4'"  O  N N 45  
DC  "C3'"  C  N S 46  
DC  "O3'"  O  N N 47  
DC  "C2'"  C  N N 48  
DC  "C1'"  C  N R 49  
DC  N1     N  N N 50  
DC  C2     C  N N 51  
DC  O2     O  N N 52  
DC  N3     N  N N 53  
DC  C4     C  N N 54  
DC  N4     N  N N 55  
DC  C5     C  N N 56  
DC  C6     C  N N 57  
DC  HOP3   H  N N 58  
DC  HOP2   H  N N 59  
DC  "H5'"  H  N N 60  
DC  "H5''" H  N N 61  
DC  "H4'"  H  N N 62  
DC  "H3'"  H  N N 63  
DC  "HO3'" H  N N 64  
DC  "H2'"  H  N N 65  
DC  "H2''" H  N N 66  
DC  "H1'"  H  N N 67  
DC  H41    H  N N 68  
DC  H42    H  N N 69  
DC  H5     H  N N 70  
DC  H6     H  N N 71  
DG  OP3    O  N N 72  
DG  P      P  N N 73  
DG  OP1    O  N N 74  
DG  OP2    O  N N 75  
DG  "O5'"  O  N N 76  
DG  "C5'"  C  N N 77  
DG  "C4'"  C  N R 78  
DG  "O4'"  O  N N 79  
DG  "C3'"  C  N S 80  
DG  "O3'"  O  N N 81  
DG  "C2'"  C  N N 82  
DG  "C1'"  C  N R 83  
DG  N9     N  Y N 84  
DG  C8     C  Y N 85  
DG  N7     N  Y N 86  
DG  C5     C  Y N 87  
DG  C6     C  N N 88  
DG  O6     O  N N 89  
DG  N1     N  N N 90  
DG  C2     C  N N 91  
DG  N2     N  N N 92  
DG  N3     N  N N 93  
DG  C4     C  Y N 94  
DG  HOP3   H  N N 95  
DG  HOP2   H  N N 96  
DG  "H5'"  H  N N 97  
DG  "H5''" H  N N 98  
DG  "H4'"  H  N N 99  
DG  "H3'"  H  N N 100 
DG  "HO3'" H  N N 101 
DG  "H2'"  H  N N 102 
DG  "H2''" H  N N 103 
DG  "H1'"  H  N N 104 
DG  H8     H  N N 105 
DG  H1     H  N N 106 
DG  H21    H  N N 107 
DG  H22    H  N N 108 
DT  OP3    O  N N 109 
DT  P      P  N N 110 
DT  OP1    O  N N 111 
DT  OP2    O  N N 112 
DT  "O5'"  O  N N 113 
DT  "C5'"  C  N N 114 
DT  "C4'"  C  N R 115 
DT  "O4'"  O  N N 116 
DT  "C3'"  C  N S 117 
DT  "O3'"  O  N N 118 
DT  "C2'"  C  N N 119 
DT  "C1'"  C  N R 120 
DT  N1     N  N N 121 
DT  C2     C  N N 122 
DT  O2     O  N N 123 
DT  N3     N  N N 124 
DT  C4     C  N N 125 
DT  O4     O  N N 126 
DT  C5     C  N N 127 
DT  C7     C  N N 128 
DT  C6     C  N N 129 
DT  HOP3   H  N N 130 
DT  HOP2   H  N N 131 
DT  "H5'"  H  N N 132 
DT  "H5''" H  N N 133 
DT  "H4'"  H  N N 134 
DT  "H3'"  H  N N 135 
DT  "HO3'" H  N N 136 
DT  "H2'"  H  N N 137 
DT  "H2''" H  N N 138 
DT  "H1'"  H  N N 139 
DT  H3     H  N N 140 
DT  H71    H  N N 141 
DT  H72    H  N N 142 
DT  H73    H  N N 143 
DT  H6     H  N N 144 
HOH O      O  N N 145 
HOH H1     H  N N 146 
HOH H2     H  N N 147 
# 
loop_
_chem_comp_bond.comp_id 
_chem_comp_bond.atom_id_1 
_chem_comp_bond.atom_id_2 
_chem_comp_bond.value_order 
_chem_comp_bond.pdbx_aromatic_flag 
_chem_comp_bond.pdbx_stereo_config 
_chem_comp_bond.pdbx_ordinal 
DA  OP3   P      sing N N 1   
DA  OP3   HOP3   sing N N 2   
DA  P     OP1    doub N N 3   
DA  P     OP2    sing N N 4   
DA  P     "O5'"  sing N N 5   
DA  OP2   HOP2   sing N N 6   
DA  "O5'" "C5'"  sing N N 7   
DA  "C5'" "C4'"  sing N N 8   
DA  "C5'" "H5'"  sing N N 9   
DA  "C5'" "H5''" sing N N 10  
DA  "C4'" "O4'"  sing N N 11  
DA  "C4'" "C3'"  sing N N 12  
DA  "C4'" "H4'"  sing N N 13  
DA  "O4'" "C1'"  sing N N 14  
DA  "C3'" "O3'"  sing N N 15  
DA  "C3'" "C2'"  sing N N 16  
DA  "C3'" "H3'"  sing N N 17  
DA  "O3'" "HO3'" sing N N 18  
DA  "C2'" "C1'"  sing N N 19  
DA  "C2'" "H2'"  sing N N 20  
DA  "C2'" "H2''" sing N N 21  
DA  "C1'" N9     sing N N 22  
DA  "C1'" "H1'"  sing N N 23  
DA  N9    C8     sing Y N 24  
DA  N9    C4     sing Y N 25  
DA  C8    N7     doub Y N 26  
DA  C8    H8     sing N N 27  
DA  N7    C5     sing Y N 28  
DA  C5    C6     sing Y N 29  
DA  C5    C4     doub Y N 30  
DA  C6    N6     sing N N 31  
DA  C6    N1     doub Y N 32  
DA  N6    H61    sing N N 33  
DA  N6    H62    sing N N 34  
DA  N1    C2     sing Y N 35  
DA  C2    N3     doub Y N 36  
DA  C2    H2     sing N N 37  
DA  N3    C4     sing Y N 38  
DC  OP3   P      sing N N 39  
DC  OP3   HOP3   sing N N 40  
DC  P     OP1    doub N N 41  
DC  P     OP2    sing N N 42  
DC  P     "O5'"  sing N N 43  
DC  OP2   HOP2   sing N N 44  
DC  "O5'" "C5'"  sing N N 45  
DC  "C5'" "C4'"  sing N N 46  
DC  "C5'" "H5'"  sing N N 47  
DC  "C5'" "H5''" sing N N 48  
DC  "C4'" "O4'"  sing N N 49  
DC  "C4'" "C3'"  sing N N 50  
DC  "C4'" "H4'"  sing N N 51  
DC  "O4'" "C1'"  sing N N 52  
DC  "C3'" "O3'"  sing N N 53  
DC  "C3'" "C2'"  sing N N 54  
DC  "C3'" "H3'"  sing N N 55  
DC  "O3'" "HO3'" sing N N 56  
DC  "C2'" "C1'"  sing N N 57  
DC  "C2'" "H2'"  sing N N 58  
DC  "C2'" "H2''" sing N N 59  
DC  "C1'" N1     sing N N 60  
DC  "C1'" "H1'"  sing N N 61  
DC  N1    C2     sing N N 62  
DC  N1    C6     sing N N 63  
DC  C2    O2     doub N N 64  
DC  C2    N3     sing N N 65  
DC  N3    C4     doub N N 66  
DC  C4    N4     sing N N 67  
DC  C4    C5     sing N N 68  
DC  N4    H41    sing N N 69  
DC  N4    H42    sing N N 70  
DC  C5    C6     doub N N 71  
DC  C5    H5     sing N N 72  
DC  C6    H6     sing N N 73  
DG  OP3   P      sing N N 74  
DG  OP3   HOP3   sing N N 75  
DG  P     OP1    doub N N 76  
DG  P     OP2    sing N N 77  
DG  P     "O5'"  sing N N 78  
DG  OP2   HOP2   sing N N 79  
DG  "O5'" "C5'"  sing N N 80  
DG  "C5'" "C4'"  sing N N 81  
DG  "C5'" "H5'"  sing N N 82  
DG  "C5'" "H5''" sing N N 83  
DG  "C4'" "O4'"  sing N N 84  
DG  "C4'" "C3'"  sing N N 85  
DG  "C4'" "H4'"  sing N N 86  
DG  "O4'" "C1'"  sing N N 87  
DG  "C3'" "O3'"  sing N N 88  
DG  "C3'" "C2'"  sing N N 89  
DG  "C3'" "H3'"  sing N N 90  
DG  "O3'" "HO3'" sing N N 91  
DG  "C2'" "C1'"  sing N N 92  
DG  "C2'" "H2'"  sing N N 93  
DG  "C2'" "H2''" sing N N 94  
DG  "C1'" N9     sing N N 95  
DG  "C1'" "H1'"  sing N N 96  
DG  N9    C8     sing Y N 97  
DG  N9    C4     sing Y N 98  
DG  C8    N7     doub Y N 99  
DG  C8    H8     sing N N 100 
DG  N7    C5     sing Y N 101 
DG  C5    C6     sing N N 102 
DG  C5    C4     doub Y N 103 
DG  C6    O6     doub N N 104 
DG  C6    N1     sing N N 105 
DG  N1    C2     sing N N 106 
DG  N1    H1     sing N N 107 
DG  C2    N2     sing N N 108 
DG  C2    N3     doub N N 109 
DG  N2    H21    sing N N 110 
DG  N2    H22    sing N N 111 
DG  N3    C4     sing N N 112 
DT  OP3   P      sing N N 113 
DT  OP3   HOP3   sing N N 114 
DT  P     OP1    doub N N 115 
DT  P     OP2    sing N N 116 
DT  P     "O5'"  sing N N 117 
DT  OP2   HOP2   sing N N 118 
DT  "O5'" "C5'"  sing N N 119 
DT  "C5'" "C4'"  sing N N 120 
DT  "C5'" "H5'"  sing N N 121 
DT  "C5'" "H5''" sing N N 122 
DT  "C4'" "O4'"  sing N N 123 
DT  "C4'" "C3'"  sing N N 124 
DT  "C4'" "H4'"  sing N N 125 
DT  "O4'" "C1'"  sing N N 126 
DT  "C3'" "O3'"  sing N N 127 
DT  "C3'" "C2'"  sing N N 128 
DT  "C3'" "H3'"  sing N N 129 
DT  "O3'" "HO3'" sing N N 130 
DT  "C2'" "C1'"  sing N N 131 
DT  "C2'" "H2'"  sing N N 132 
DT  "C2'" "H2''" sing N N 133 
DT  "C1'" N1     sing N N 134 
DT  "C1'" "H1'"  sing N N 135 
DT  N1    C2     sing N N 136 
DT  N1    C6     sing N N 137 
DT  C2    O2     doub N N 138 
DT  C2    N3     sing N N 139 
DT  N3    C4     sing N N 140 
DT  N3    H3     sing N N 141 
DT  C4    O4     doub N N 142 
DT  C4    C5     sing N N 143 
DT  C5    C7     sing N N 144 
DT  C5    C6     doub N N 145 
DT  C7    H71    sing N N 146 
DT  C7    H72    sing N N 147 
DT  C7    H73    sing N N 148 
DT  C6    H6     sing N N 149 
HOH O     H1     sing N N 150 
HOH O     H2     sing N N 151 
# 
loop_
_ndb_struct_conf_na.entry_id 
_ndb_struct_conf_na.feature 
5MVT 'double helix'        
5MVT 'a-form double helix' 
# 
loop_
_ndb_struct_na_base_pair.model_number 
_ndb_struct_na_base_pair.i_label_asym_id 
_ndb_struct_na_base_pair.i_label_comp_id 
_ndb_struct_na_base_pair.i_label_seq_id 
_ndb_struct_na_base_pair.i_symmetry 
_ndb_struct_na_base_pair.j_label_asym_id 
_ndb_struct_na_base_pair.j_label_comp_id 
_ndb_struct_na_base_pair.j_label_seq_id 
_ndb_struct_na_base_pair.j_symmetry 
_ndb_struct_na_base_pair.shear 
_ndb_struct_na_base_pair.stretch 
_ndb_struct_na_base_pair.stagger 
_ndb_struct_na_base_pair.buckle 
_ndb_struct_na_base_pair.propeller 
_ndb_struct_na_base_pair.opening 
_ndb_struct_na_base_pair.pair_number 
_ndb_struct_na_base_pair.pair_name 
_ndb_struct_na_base_pair.i_auth_asym_id 
_ndb_struct_na_base_pair.i_auth_seq_id 
_ndb_struct_na_base_pair.i_PDB_ins_code 
_ndb_struct_na_base_pair.j_auth_asym_id 
_ndb_struct_na_base_pair.j_auth_seq_id 
_ndb_struct_na_base_pair.j_PDB_ins_code 
_ndb_struct_na_base_pair.hbond_type_28 
_ndb_struct_na_base_pair.hbond_type_12 
1 A DC 1  1_555 B DG 12 1_555 0.305  -0.017 0.549  -15.727 -3.060  2.303  1  A_DC1:DG12_B A 1  ? B 12 ? 19 1 
1 A DT 2  1_555 B DA 11 1_555 -0.336 -0.165 -0.170 16.377  2.397   -0.313 2  A_DT2:DA11_B A 2  ? B 11 ? 20 1 
1 A DA 3  1_555 B DT 10 1_555 0.065  -0.214 0.160  16.167  -19.527 3.279  3  A_DA3:DT10_B A 3  ? B 10 ? 20 1 
1 A DC 4  1_555 B DG 9  1_555 -0.032 -0.058 0.080  7.471   -17.886 3.654  4  A_DC4:DG9_B  A 4  ? B 9  ? 19 1 
1 A DG 5  1_555 B DC 8  1_555 -0.242 -0.169 0.298  -7.813  -10.879 4.938  5  A_DG5:DC8_B  A 5  ? B 8  ? 19 1 
1 A DT 6  1_555 B DA 7  1_555 0.029  -0.212 0.096  -1.406  -18.935 4.361  6  A_DT6:DA7_B  A 6  ? B 7  ? 20 1 
1 A DA 7  1_555 B DT 6  1_555 0.114  -0.232 0.230  1.611   -8.765  2.510  7  A_DA7:DT6_B  A 7  ? B 6  ? 20 1 
1 A DC 8  1_555 B DG 5  1_555 0.265  -0.229 0.011  8.697   -11.484 1.497  8  A_DC8:DG5_B  A 8  ? B 5  ? 19 1 
1 A DG 9  1_555 B DC 4  1_555 -0.306 -0.194 0.061  -1.670  -17.062 2.294  9  A_DG9:DC4_B  A 9  ? B 4  ? 19 1 
1 A DT 10 1_555 B DA 3  1_555 -0.225 -0.169 -0.156 -1.790  -17.416 -1.094 10 A_DT10:DA3_B A 10 ? B 3  ? 20 1 
1 A DA 11 1_555 B DT 2  1_555 0.183  -0.166 0.302  -5.673  -11.425 0.067  11 A_DA11:DT2_B A 11 ? B 2  ? 20 1 
1 A DG 12 1_555 B DC 1  1_555 -0.039 -0.159 0.404  6.487   -6.191  0.829  12 A_DG12:DC1_B A 12 ? B 1  ? 19 1 
# 
loop_
_ndb_struct_na_base_pair_step.model_number 
_ndb_struct_na_base_pair_step.i_label_asym_id_1 
_ndb_struct_na_base_pair_step.i_label_comp_id_1 
_ndb_struct_na_base_pair_step.i_label_seq_id_1 
_ndb_struct_na_base_pair_step.i_symmetry_1 
_ndb_struct_na_base_pair_step.j_label_asym_id_1 
_ndb_struct_na_base_pair_step.j_label_comp_id_1 
_ndb_struct_na_base_pair_step.j_label_seq_id_1 
_ndb_struct_na_base_pair_step.j_symmetry_1 
_ndb_struct_na_base_pair_step.i_label_asym_id_2 
_ndb_struct_na_base_pair_step.i_label_comp_id_2 
_ndb_struct_na_base_pair_step.i_label_seq_id_2 
_ndb_struct_na_base_pair_step.i_symmetry_2 
_ndb_struct_na_base_pair_step.j_label_asym_id_2 
_ndb_struct_na_base_pair_step.j_label_comp_id_2 
_ndb_struct_na_base_pair_step.j_label_seq_id_2 
_ndb_struct_na_base_pair_step.j_symmetry_2 
_ndb_struct_na_base_pair_step.shift 
_ndb_struct_na_base_pair_step.slide 
_ndb_struct_na_base_pair_step.rise 
_ndb_struct_na_base_pair_step.tilt 
_ndb_struct_na_base_pair_step.roll 
_ndb_struct_na_base_pair_step.twist 
_ndb_struct_na_base_pair_step.x_displacement 
_ndb_struct_na_base_pair_step.y_displacement 
_ndb_struct_na_base_pair_step.helical_rise 
_ndb_struct_na_base_pair_step.inclination 
_ndb_struct_na_base_pair_step.tip 
_ndb_struct_na_base_pair_step.helical_twist 
_ndb_struct_na_base_pair_step.step_number 
_ndb_struct_na_base_pair_step.step_name 
_ndb_struct_na_base_pair_step.i_auth_asym_id_1 
_ndb_struct_na_base_pair_step.i_auth_seq_id_1 
_ndb_struct_na_base_pair_step.i_PDB_ins_code_1 
_ndb_struct_na_base_pair_step.j_auth_asym_id_1 
_ndb_struct_na_base_pair_step.j_auth_seq_id_1 
_ndb_struct_na_base_pair_step.j_PDB_ins_code_1 
_ndb_struct_na_base_pair_step.i_auth_asym_id_2 
_ndb_struct_na_base_pair_step.i_auth_seq_id_2 
_ndb_struct_na_base_pair_step.i_PDB_ins_code_2 
_ndb_struct_na_base_pair_step.j_auth_asym_id_2 
_ndb_struct_na_base_pair_step.j_auth_seq_id_2 
_ndb_struct_na_base_pair_step.j_PDB_ins_code_2 
1 A DC 1  1_555 B DG 12 1_555 A DT 2  1_555 B DA 11 1_555 -0.057 -0.349 2.755 1.556  7.306  24.682 -2.474 0.488  2.540 16.612 
-3.539 25.771 1  AA_DC1DT2:DA11DG12_BB A 1  ? B 12 ? A 2  ? B 11 ? 
1 A DT 2  1_555 B DA 11 1_555 A DA 3  1_555 B DT 10 1_555 -0.862 -0.929 3.276 -7.785 5.870  33.429 -2.457 0.244  3.188 9.944  
13.189 34.782 2  AA_DT2DA3:DT10DA11_BB A 2  ? B 11 ? A 3  ? B 10 ? 
1 A DA 3  1_555 B DT 10 1_555 A DC 4  1_555 B DG 9  1_555 0.678  -1.486 3.398 0.185  4.976  34.745 -3.216 -1.097 3.165 8.279  
-0.308 35.089 3  AA_DA3DC4:DG9DT10_BB  A 3  ? B 10 ? A 4  ? B 9  ? 
1 A DC 4  1_555 B DG 9  1_555 A DG 5  1_555 B DC 8  1_555 0.055  -2.047 3.477 -1.624 10.413 27.156 -6.244 -0.449 2.528 21.191 
3.306  29.094 4  AA_DC4DG5:DC8DG9_BB   A 4  ? B 9  ? A 5  ? B 8  ? 
1 A DG 5  1_555 B DC 8  1_555 A DT 6  1_555 B DA 7  1_555 -1.042 -1.330 3.068 -1.242 9.203  33.986 -3.422 1.558  2.664 15.391 
2.078  35.196 5  AA_DG5DT6:DA7DC8_BB   A 5  ? B 8  ? A 6  ? B 7  ? 
1 A DT 6  1_555 B DA 7  1_555 A DA 7  1_555 B DT 6  1_555 0.858  -1.478 3.203 1.940  18.575 23.353 -6.124 -1.328 1.666 38.882 
-4.061 29.821 6  AA_DT6DA7:DT6DA7_BB   A 6  ? B 7  ? A 7  ? B 6  ? 
1 A DA 7  1_555 B DT 6  1_555 A DC 8  1_555 B DG 5  1_555 -0.107 -1.518 3.202 0.500  5.563  29.959 -3.931 0.297  2.878 10.645 
-0.956 30.464 7  AA_DA7DC8:DG5DT6_BB   A 7  ? B 6  ? A 8  ? B 5  ? 
1 A DC 8  1_555 B DG 5  1_555 A DG 9  1_555 B DC 4  1_555 0.459  -1.946 3.365 1.030  13.507 28.126 -5.948 -0.677 2.233 25.974 
-1.980 31.159 8  AA_DC8DG9:DC4DG5_BB   A 8  ? B 5  ? A 9  ? B 4  ? 
1 A DG 9  1_555 B DC 4  1_555 A DT 10 1_555 B DA 3  1_555 -0.821 -1.358 3.175 0.973  6.620  34.645 -3.154 1.489  2.852 10.989 
-1.616 35.266 9  AA_DG9DT10:DA3DC4_BB  A 9  ? B 4  ? A 10 ? B 3  ? 
1 A DT 10 1_555 B DA 3  1_555 A DA 11 1_555 B DT 2  1_555 0.530  -1.327 3.201 -1.555 13.503 31.981 -4.087 -1.103 2.432 23.240 
2.676  34.681 10 AA_DT10DA11:DT2DA3_BB A 10 ? B 3  ? A 11 ? B 2  ? 
1 A DA 11 1_555 B DT 2  1_555 A DG 12 1_555 B DC 1  1_555 0.644  -1.736 2.923 2.487  0.980  29.454 -3.587 -0.790 2.909 1.923  
-4.879 29.572 11 AA_DA11DG12:DC1DT2_BB A 11 ? B 2  ? A 12 ? B 1  ? 
# 
_pdbx_audit_support.country                ? 
_pdbx_audit_support.funding_organization   'Biotechnology and Biological Sciences Research Council' 
_pdbx_audit_support.grant_number           BB/J001694/2 
_pdbx_audit_support.ordinal                1 
# 
_pdbx_initial_refinement_model.id               1 
_pdbx_initial_refinement_model.entity_id_list   ? 
_pdbx_initial_refinement_model.type             'experimental model' 
_pdbx_initial_refinement_model.source_name      PDB 
_pdbx_initial_refinement_model.accession_code   5MVL 
_pdbx_initial_refinement_model.details          ? 
# 
_atom_sites.entry_id                    5MVT 
_atom_sites.fract_transf_matrix[1][1]   -0.01513418 
_atom_sites.fract_transf_matrix[1][2]   -0.02054311 
_atom_sites.fract_transf_matrix[1][3]   -0.00535589 
_atom_sites.fract_transf_matrix[2][1]   0.00464245 
_atom_sites.fract_transf_matrix[2][2]   -0.02295357 
_atom_sites.fract_transf_matrix[2][3]   0.01146222 
_atom_sites.fract_transf_matrix[3][1]   -0.01052568 
_atom_sites.fract_transf_matrix[3][2]   0.00436428 
_atom_sites.fract_transf_matrix[3][3]   0.01300279 
_atom_sites.fract_transf_vector[1]      0.448462 
_atom_sites.fract_transf_vector[2]      -0.061106 
_atom_sites.fract_transf_vector[3]      -0.092820 
# 
loop_
_atom_type.symbol 
C  
CO 
N  
O  
P  
# 
loop_
_atom_site.group_PDB 
_atom_site.id 
_atom_site.type_symbol 
_atom_site.label_atom_id 
_atom_site.label_alt_id 
_atom_site.label_comp_id 
_atom_site.label_asym_id 
_atom_site.label_entity_id 
_atom_site.label_seq_id 
_atom_site.pdbx_PDB_ins_code 
_atom_site.Cartn_x 
_atom_site.Cartn_y 
_atom_site.Cartn_z 
_atom_site.occupancy 
_atom_site.B_iso_or_equiv 
_atom_site.pdbx_formal_charge 
_atom_site.auth_seq_id 
_atom_site.auth_comp_id 
_atom_site.auth_asym_id 
_atom_site.auth_atom_id 
_atom_site.pdbx_PDB_model_num 
ATOM   1   O  "O5'" . DC  A 1 1  ? -5.595  8.806   10.342  1.00 51.44 ? 1   DC  A "O5'" 1 
ATOM   2   C  "C5'" . DC  A 1 1  ? -6.316  9.960   9.962   1.00 38.03 ? 1   DC  A "C5'" 1 
ATOM   3   C  "C4'" . DC  A 1 1  ? -5.460  10.864  9.121   1.00 39.63 ? 1   DC  A "C4'" 1 
ATOM   4   O  "O4'" . DC  A 1 1  ? -4.341  11.317  9.906   1.00 32.93 ? 1   DC  A "O4'" 1 
ATOM   5   C  "C3'" . DC  A 1 1  ? -4.847  10.200  7.912   1.00 40.86 ? 1   DC  A "C3'" 1 
ATOM   6   O  "O3'" . DC  A 1 1  ? -5.733  10.238  6.829   1.00 41.00 ? 1   DC  A "O3'" 1 
ATOM   7   C  "C2'" . DC  A 1 1  ? -3.607  11.045  7.673   1.00 34.97 ? 1   DC  A "C2'" 1 
ATOM   8   C  "C1'" . DC  A 1 1  ? -3.220  11.492  9.078   1.00 33.90 ? 1   DC  A "C1'" 1 
ATOM   9   N  N1    . DC  A 1 1  ? -2.121  10.741  9.675   1.00 31.04 ? 1   DC  A N1    1 
ATOM   10  C  C2    . DC  A 1 1  ? -0.819  11.122  9.400   1.00 33.05 ? 1   DC  A C2    1 
ATOM   11  O  O2    . DC  A 1 1  ? -0.628  12.054  8.615   1.00 36.18 ? 1   DC  A O2    1 
ATOM   12  N  N3    . DC  A 1 1  ? 0.189   10.445  9.971   1.00 32.69 ? 1   DC  A N3    1 
ATOM   13  C  C4    . DC  A 1 1  ? -0.081  9.454   10.805  1.00 31.42 ? 1   DC  A C4    1 
ATOM   14  N  N4    . DC  A 1 1  ? 0.939   8.817   11.355  1.00 32.71 ? 1   DC  A N4    1 
ATOM   15  C  C5    . DC  A 1 1  ? -1.413  9.062   11.112  1.00 31.37 ? 1   DC  A C5    1 
ATOM   16  C  C6    . DC  A 1 1  ? -2.389  9.719   10.525  1.00 33.61 ? 1   DC  A C6    1 
ATOM   17  P  P     . DT  A 1 2  ? -5.633  9.162   5.653   1.00 44.23 ? 2   DT  A P     1 
ATOM   18  O  OP1   . DT  A 1 2  ? -6.849  9.326   4.820   1.00 50.97 ? 2   DT  A OP1   1 
ATOM   19  O  OP2   . DT  A 1 2  ? -5.290  7.857   6.258   1.00 44.74 ? 2   DT  A OP2   1 
ATOM   20  O  "O5'" . DT  A 1 2  ? -4.410  9.665   4.775   1.00 37.50 ? 2   DT  A "O5'" 1 
ATOM   21  C  "C5'" . DT  A 1 2  ? -4.409  10.949  4.232   1.00 41.36 ? 2   DT  A "C5'" 1 
ATOM   22  C  "C4'" . DT  A 1 2  ? -3.087  11.218  3.568   1.00 42.28 ? 2   DT  A "C4'" 1 
ATOM   23  O  "O4'" . DT  A 1 2  ? -2.055  11.265  4.590   1.00 55.34 ? 2   DT  A "O4'" 1 
ATOM   24  C  "C3'" . DT  A 1 2  ? -2.685  10.133  2.573   1.00 49.73 ? 2   DT  A "C3'" 1 
ATOM   25  O  "O3'" . DT  A 1 2  ? -2.272  10.663  1.349   1.00 42.19 ? 2   DT  A "O3'" 1 
ATOM   26  C  "C2'" . DT  A 1 2  ? -1.562  9.390   3.254   1.00 49.86 ? 2   DT  A "C2'" 1 
ATOM   27  C  "C1'" . DT  A 1 2  ? -1.001  10.398  4.251   1.00 50.37 ? 2   DT  A "C1'" 1 
ATOM   28  N  N1    . DT  A 1 2  ? -0.463  9.722   5.472   1.00 41.35 ? 2   DT  A N1    1 
ATOM   29  C  C2    . DT  A 1 2  ? 0.843   9.943   5.852   1.00 40.52 ? 2   DT  A C2    1 
ATOM   30  O  O2    . DT  A 1 2  ? 1.580   10.732  5.286   1.00 44.09 ? 2   DT  A O2    1 
ATOM   31  N  N3    . DT  A 1 2  ? 1.245   9.224   6.941   1.00 36.93 ? 2   DT  A N3    1 
ATOM   32  C  C4    . DT  A 1 2  ? 0.497   8.308   7.656   1.00 31.88 ? 2   DT  A C4    1 
ATOM   33  O  O4    . DT  A 1 2  ? 0.939   7.705   8.634   1.00 42.86 ? 2   DT  A O4    1 
ATOM   34  C  C5    . DT  A 1 2  ? -0.853  8.120   7.194   1.00 34.27 ? 2   DT  A C5    1 
ATOM   35  C  C7    . DT  A 1 2  ? -1.751  7.158   7.899   1.00 35.87 ? 2   DT  A C7    1 
ATOM   36  C  C6    . DT  A 1 2  ? -1.256  8.807   6.135   1.00 38.63 ? 2   DT  A C6    1 
ATOM   37  P  P     . DA  A 1 3  ? -1.934  9.649   0.162   1.00 47.79 ? 3   DA  A P     1 
ATOM   38  O  OP1   . DA  A 1 3  ? -2.546  10.199  -1.059  1.00 41.16 ? 3   DA  A OP1   1 
ATOM   39  O  OP2   . DA  A 1 3  ? -2.310  8.285   0.598   1.00 40.47 ? 3   DA  A OP2   1 
ATOM   40  O  "O5'" . DA  A 1 3  ? -0.357  9.755   0.034   1.00 37.18 ? 3   DA  A "O5'" 1 
ATOM   41  C  "C5'" . DA  A 1 3  ? 0.214   10.950  -0.465  1.00 34.57 ? 3   DA  A "C5'" 1 
ATOM   42  C  "C4'" . DA  A 1 3  ? 1.716   10.960  -0.274  1.00 39.23 ? 3   DA  A "C4'" 1 
ATOM   43  O  "O4'" . DA  A 1 3  ? 2.029   11.044  1.140   1.00 35.98 ? 3   DA  A "O4'" 1 
ATOM   44  C  "C3'" . DA  A 1 3  ? 2.438   9.701   -0.736  1.00 35.90 ? 3   DA  A "C3'" 1 
ATOM   45  O  "O3'" . DA  A 1 3  ? 2.696   9.716   -2.113  1.00 39.39 ? 3   DA  A "O3'" 1 
ATOM   46  C  "C2'" . DA  A 1 3  ? 3.711   9.764   0.063   1.00 35.20 ? 3   DA  A "C2'" 1 
ATOM   47  C  "C1'" . DA  A 1 3  ? 3.224   10.303  1.398   1.00 32.63 ? 3   DA  A "C1'" 1 
ATOM   48  N  N9    . DA  A 1 3  ? 2.926   9.270   2.369   1.00 33.01 ? 3   DA  A N9    1 
ATOM   49  C  C8    . DA  A 1 3  ? 1.726   8.674   2.593   1.00 38.68 ? 3   DA  A C8    1 
ATOM   50  N  N7    . DA  A 1 3  ? 1.747   7.794   3.569   1.00 34.00 ? 3   DA  A N7    1 
ATOM   51  C  C5    . DA  A 1 3  ? 3.059   7.822   4.014   1.00 37.44 ? 3   DA  A C5    1 
ATOM   52  C  C6    . DA  A 1 3  ? 3.741   7.111   5.021   1.00 27.65 ? 3   DA  A C6    1 
ATOM   53  N  N6    . DA  A 1 3  ? 3.162   6.205   5.808   1.00 32.51 ? 3   DA  A N6    1 
ATOM   54  N  N1    . DA  A 1 3  ? 5.039   7.377   5.197   1.00 32.27 ? 3   DA  A N1    1 
ATOM   55  C  C2    . DA  A 1 3  ? 5.623   8.280   4.408   1.00 34.69 ? 3   DA  A C2    1 
ATOM   56  N  N3    . DA  A 1 3  ? 5.092   9.014   3.435   1.00 39.57 ? 3   DA  A N3    1 
ATOM   57  C  C4    . DA  A 1 3  ? 3.797   8.722   3.283   1.00 32.29 ? 3   DA  A C4    1 
ATOM   58  P  P     . DC  A 1 4  ? 2.786   8.331   -2.896  1.00 42.45 ? 4   DC  A P     1 
ATOM   59  O  OP1   . DC  A 1 4  ? 2.934   8.678   -4.328  1.00 49.11 ? 4   DC  A OP1   1 
ATOM   60  O  OP2   . DC  A 1 4  ? 1.715   7.449   -2.386  1.00 32.91 ? 4   DC  A OP2   1 
ATOM   61  O  "O5'" . DC  A 1 4  ? 4.100   7.661   -2.343  1.00 39.37 ? 4   DC  A "O5'" 1 
ATOM   62  C  "C5'" . DC  A 1 4  ? 5.341   8.274   -2.572  1.00 44.25 ? 4   DC  A "C5'" 1 
ATOM   63  C  "C4'" . DC  A 1 4  ? 6.411   7.605   -1.744  1.00 44.14 ? 4   DC  A "C4'" 1 
ATOM   64  O  "O4'" . DC  A 1 4  ? 6.127   7.813   -0.337  1.00 37.71 ? 4   DC  A "O4'" 1 
ATOM   65  C  "C3'" . DC  A 1 4  ? 6.495   6.090   -1.862  1.00 38.15 ? 4   DC  A "C3'" 1 
ATOM   66  O  "O3'" . DC  A 1 4  ? 7.168   5.661   -3.028  1.00 42.41 ? 4   DC  A "O3'" 1 
ATOM   67  C  "C2'" . DC  A 1 4  ? 7.262   5.756   -0.609  1.00 38.43 ? 4   DC  A "C2'" 1 
ATOM   68  C  "C1'" . DC  A 1 4  ? 6.638   6.716   0.397   1.00 37.84 ? 4   DC  A "C1'" 1 
ATOM   69  N  N1    . DC  A 1 4  ? 5.565   6.075   1.144   1.00 34.06 ? 4   DC  A N1    1 
ATOM   70  C  C2    . DC  A 1 4  ? 5.914   5.286   2.223   1.00 29.15 ? 4   DC  A C2    1 
ATOM   71  O  O2    . DC  A 1 4  ? 7.116   5.202   2.529   1.00 31.54 ? 4   DC  A O2    1 
ATOM   72  N  N3    . DC  A 1 4  ? 4.946   4.653   2.919   1.00 33.75 ? 4   DC  A N3    1 
ATOM   73  C  C4    . DC  A 1 4  ? 3.678   4.769   2.540   1.00 35.82 ? 4   DC  A C4    1 
ATOM   74  N  N4    . DC  A 1 4  ? 2.765   4.124   3.252   1.00 32.85 ? 4   DC  A N4    1 
ATOM   75  C  C5    . DC  A 1 4  ? 3.291   5.567   1.418   1.00 32.80 ? 4   DC  A C5    1 
ATOM   76  C  C6    . DC  A 1 4  ? 4.267   6.188   0.741   1.00 32.89 ? 4   DC  A C6    1 
ATOM   77  P  P     . DG  A 1 5  ? 6.862   4.201   -3.635  1.00 39.82 ? 5   DG  A P     1 
ATOM   78  O  OP1   . DG  A 1 5  ? 7.619   4.155   -4.903  1.00 45.16 ? 5   DG  A OP1   1 
ATOM   79  O  OP2   . DG  A 1 5  ? 5.417   3.920   -3.545  1.00 33.24 ? 5   DG  A OP2   1 
ATOM   80  O  "O5'" . DG  A 1 5  ? 7.524   3.173   -2.606  1.00 33.98 ? 5   DG  A "O5'" 1 
ATOM   81  C  "C5'" . DG  A 1 5  ? 8.896   3.252   -2.335  1.00 36.94 ? 5   DG  A "C5'" 1 
ATOM   82  C  "C4'" . DG  A 1 5  ? 9.275   2.354   -1.174  1.00 32.41 ? 5   DG  A "C4'" 1 
ATOM   83  O  "O4'" . DG  A 1 5  ? 8.529   2.724   0.007   1.00 31.70 ? 5   DG  A "O4'" 1 
ATOM   84  C  "C3'" . DG  A 1 5  ? 8.961   0.890   -1.371  1.00 31.60 ? 5   DG  A "C3'" 1 
ATOM   85  O  "O3'" . DG  A 1 5  ? 9.976   0.269   -2.096  1.00 32.78 ? 5   DG  A "O3'" 1 
ATOM   86  C  "C2'" . DG  A 1 5  ? 8.881   0.377   0.058   1.00 28.96 ? 5   DG  A "C2'" 1 
ATOM   87  C  "C1'" . DG  A 1 5  ? 8.362   1.583   0.830   1.00 29.52 ? 5   DG  A "C1'" 1 
ATOM   88  N  N9    . DG  A 1 5  ? 6.964   1.473   1.181   1.00 28.80 ? 5   DG  A N9    1 
ATOM   89  C  C8    . DG  A 1 5  ? 5.912   2.169   0.653   1.00 29.60 ? 5   DG  A C8    1 
ATOM   90  N  N7    . DG  A 1 5  ? 4.761   1.846   1.180   1.00 26.29 ? 5   DG  A N7    1 
ATOM   91  C  C5    . DG  A 1 5  ? 5.084   0.900   2.126   1.00 30.07 ? 5   DG  A C5    1 
ATOM   92  C  C6    . DG  A 1 5  ? 4.258   0.196   3.012   1.00 29.45 ? 5   DG  A C6    1 
ATOM   93  O  O6    . DG  A 1 5  ? 3.034   0.290   3.156   1.00 31.35 ? 5   DG  A O6    1 
ATOM   94  N  N1    . DG  A 1 5  ? 4.989   -0.680  3.800   1.00 32.36 ? 5   DG  A N1    1 
ATOM   95  C  C2    . DG  A 1 5  ? 6.344   -0.864  3.715   1.00 31.13 ? 5   DG  A C2    1 
ATOM   96  N  N2    . DG  A 1 5  ? 6.869   -1.743  4.554   1.00 26.87 ? 5   DG  A N2    1 
ATOM   97  N  N3    . DG  A 1 5  ? 7.133   -0.202  2.890   1.00 27.11 ? 5   DG  A N3    1 
ATOM   98  C  C4    . DG  A 1 5  ? 6.437   0.652   2.128   1.00 29.60 ? 5   DG  A C4    1 
ATOM   99  P  P     . DT  A 1 6  ? 9.752   -1.169  -2.762  1.00 37.32 ? 6   DT  A P     1 
ATOM   100 O  OP1   . DT  A 1 6  ? 11.022  -1.397  -3.471  1.00 36.85 ? 6   DT  A OP1   1 
ATOM   101 O  OP2   . DT  A 1 6  ? 8.450   -1.228  -3.441  1.00 30.88 ? 6   DT  A OP2   1 
ATOM   102 O  "O5'" . DT  A 1 6  ? 9.650   -2.179  -1.540  1.00 35.95 ? 6   DT  A "O5'" 1 
ATOM   103 C  "C5'" . DT  A 1 6  ? 10.783  -2.462  -0.732  1.00 38.00 ? 6   DT  A "C5'" 1 
ATOM   104 C  "C4'" . DT  A 1 6  ? 10.516  -3.651  0.171   1.00 32.99 ? 6   DT  A "C4'" 1 
ATOM   105 O  "O4'" . DT  A 1 6  ? 9.654   -3.246  1.263   1.00 35.94 ? 6   DT  A "O4'" 1 
ATOM   106 C  "C3'" . DT  A 1 6  ? 9.781   -4.806  -0.487  1.00 30.39 ? 6   DT  A "C3'" 1 
ATOM   107 O  "O3'" . DT  A 1 6  ? 10.667  -5.654  -1.118  1.00 33.40 ? 6   DT  A "O3'" 1 
ATOM   108 C  "C2'" . DT  A 1 6  ? 9.091   -5.476  0.686   1.00 31.60 ? 6   DT  A "C2'" 1 
ATOM   109 C  "C1'" . DT  A 1 6  ? 8.750   -4.299  1.577   1.00 32.22 ? 6   DT  A "C1'" 1 
ATOM   110 N  N1    . DT  A 1 6  ? 7.356   -3.771  1.400   1.00 26.28 ? 6   DT  A N1    1 
ATOM   111 C  C2    . DT  A 1 6  ? 6.386   -4.181  2.266   1.00 30.11 ? 6   DT  A C2    1 
ATOM   112 O  O2    . DT  A 1 6  ? 6.584   -4.990  3.147   1.00 26.89 ? 6   DT  A O2    1 
ATOM   113 N  N3    . DT  A 1 6  ? 5.165   -3.612  2.062   1.00 28.28 ? 6   DT  A N3    1 
ATOM   114 C  C4    . DT  A 1 6  ? 4.839   -2.663  1.115   1.00 27.03 ? 6   DT  A C4    1 
ATOM   115 O  O4    . DT  A 1 6  ? 3.720   -2.204  1.014   1.00 26.98 ? 6   DT  A O4    1 
ATOM   116 C  C5    . DT  A 1 6  ? 5.902   -2.266  0.243   1.00 33.41 ? 6   DT  A C5    1 
ATOM   117 C  C7    . DT  A 1 6  ? 5.644   -1.251  -0.834  1.00 32.02 ? 6   DT  A C7    1 
ATOM   118 C  C6    . DT  A 1 6  ? 7.106   -2.824  0.429   1.00 38.87 ? 6   DT  A C6    1 
ATOM   119 P  P     . DA  A 1 7  ? 10.209  -6.477  -2.409  1.00 39.02 ? 7   DA  A P     1 
ATOM   120 O  OP1   . DA  A 1 7  ? 11.377  -7.343  -2.667  1.00 36.02 ? 7   DA  A OP1   1 
ATOM   121 O  OP2   . DA  A 1 7  ? 9.638   -5.614  -3.450  1.00 31.68 ? 7   DA  A OP2   1 
ATOM   122 O  "O5'" . DA  A 1 7  ? 9.028   -7.395  -1.866  1.00 33.21 ? 7   DA  A "O5'" 1 
ATOM   123 C  "C5'" . DA  A 1 7  ? 7.771   -7.481  -2.566  1.00 33.62 ? 7   DA  A "C5'" 1 
ATOM   124 C  "C4'" . DA  A 1 7  ? 6.784   -8.291  -1.742  1.00 37.32 ? 7   DA  A "C4'" 1 
ATOM   125 O  "O4'" . DA  A 1 7  ? 6.347   -7.497  -0.607  1.00 36.95 ? 7   DA  A "O4'" 1 
ATOM   126 C  "C3'" . DA  A 1 7  ? 5.499   -8.693  -2.431  1.00 35.52 ? 7   DA  A "C3'" 1 
ATOM   127 O  "O3'" . DA  A 1 7  ? 5.664   -9.856  -3.203  1.00 32.86 ? 7   DA  A "O3'" 1 
ATOM   128 C  "C2'" . DA  A 1 7  ? 4.584   -8.925  -1.246  1.00 36.15 ? 7   DA  A "C2'" 1 
ATOM   129 C  "C1'" . DA  A 1 7  ? 5.004   -7.829  -0.283  1.00 35.58 ? 7   DA  A "C1'" 1 
ATOM   130 N  N9    . DA  A 1 7  ? 4.187   -6.635  -0.384  1.00 27.44 ? 7   DA  A N9    1 
ATOM   131 C  C8    . DA  A 1 7  ? 4.436   -5.508  -1.131  1.00 26.20 ? 7   DA  A C8    1 
ATOM   132 N  N7    . DA  A 1 7  ? 3.492   -4.593  -1.039  1.00 26.71 ? 7   DA  A N7    1 
ATOM   133 C  C5    . DA  A 1 7  ? 2.574   -5.151  -0.160  1.00 28.73 ? 7   DA  A C5    1 
ATOM   134 C  C6    . DA  A 1 7  ? 1.352   -4.685  0.360   1.00 28.40 ? 7   DA  A C6    1 
ATOM   135 N  N6    . DA  A 1 7  ? 0.827   -3.509  0.060   1.00 31.16 ? 7   DA  A N6    1 
ATOM   136 N  N1    . DA  A 1 7  ? 0.686   -5.491  1.199   1.00 29.69 ? 7   DA  A N1    1 
ATOM   137 C  C2    . DA  A 1 7  ? 1.208   -6.689  1.497   1.00 26.37 ? 7   DA  A C2    1 
ATOM   138 N  N3    . DA  A 1 7  ? 2.345   -7.237  1.084   1.00 31.74 ? 7   DA  A N3    1 
ATOM   139 C  C4    . DA  A 1 7  ? 2.988   -6.407  0.250   1.00 33.00 ? 7   DA  A C4    1 
ATOM   140 P  P     . DC  A 1 8  ? 4.745   -10.081 -4.495  1.00 36.45 ? 8   DC  A P     1 
ATOM   141 O  OP1   . DC  A 1 8  ? 5.318   -11.229 -5.209  1.00 47.81 ? 8   DC  A OP1   1 
ATOM   142 O  OP2   . DC  A 1 8  ? 4.549   -8.813  -5.222  1.00 38.81 ? 8   DC  A OP2   1 
ATOM   143 O  "O5'" . DC  A 1 8  ? 3.310   -10.484 -3.915  1.00 32.25 ? 8   DC  A "O5'" 1 
ATOM   144 C  "C5'" . DC  A 1 8  ? 3.160   -11.673 -3.211  1.00 38.81 ? 8   DC  A "C5'" 1 
ATOM   145 C  "C4'" . DC  A 1 8  ? 1.839   -11.721 -2.458  1.00 35.81 ? 8   DC  A "C4'" 1 
ATOM   146 O  "O4'" . DC  A 1 8  ? 1.794   -10.647 -1.481  1.00 32.88 ? 8   DC  A "O4'" 1 
ATOM   147 C  "C3'" . DC  A 1 8  ? 0.589   -11.499 -3.278  1.00 32.94 ? 8   DC  A "C3'" 1 
ATOM   148 O  "O3'" . DC  A 1 8  ? 0.210   -12.651 -4.030  1.00 34.67 ? 8   DC  A "O3'" 1 
ATOM   149 C  "C2'" . DC  A 1 8  ? -0.407  -11.161 -2.182  1.00 35.29 ? 8   DC  A "C2'" 1 
ATOM   150 C  "C1'" . DC  A 1 8  ? 0.435   -10.275 -1.261  1.00 29.02 ? 8   DC  A "C1'" 1 
ATOM   151 N  N1    . DC  A 1 8  ? 0.276   -8.884  -1.566  1.00 30.64 ? 8   DC  A N1    1 
ATOM   152 C  C2    . DC  A 1 8  ? -0.809  -8.187  -1.041  1.00 30.68 ? 8   DC  A C2    1 
ATOM   153 O  O2    . DC  A 1 8  ? -1.590  -8.773  -0.293  1.00 31.62 ? 8   DC  A O2    1 
ATOM   154 N  N3    . DC  A 1 8  ? -0.988  -6.899  -1.392  1.00 28.99 ? 8   DC  A N3    1 
ATOM   155 C  C4    . DC  A 1 8  ? -0.127  -6.311  -2.215  1.00 30.33 ? 8   DC  A C4    1 
ATOM   156 N  N4    . DC  A 1 8  ? -0.332  -5.034  -2.533  1.00 23.97 ? 8   DC  A N4    1 
ATOM   157 C  C5    . DC  A 1 8  ? 0.977   -7.005  -2.767  1.00 29.11 ? 8   DC  A C5    1 
ATOM   158 C  C6    . DC  A 1 8  ? 1.134   -8.282  -2.432  1.00 28.48 ? 8   DC  A C6    1 
ATOM   159 P  P     . DG  A 1 9  ? -0.639  -12.443 -5.379  1.00 37.54 ? 9   DG  A P     1 
ATOM   160 O  OP1   . DG  A 1 9  ? -0.834  -13.790 -5.941  1.00 38.48 ? 9   DG  A OP1   1 
ATOM   161 O  OP2   . DG  A 1 9  ? -0.061  -11.334 -6.179  1.00 34.86 ? 9   DG  A OP2   1 
ATOM   162 O  "O5'" . DG  A 1 9  ? -2.049  -11.934 -4.861  1.00 31.56 ? 9   DG  A "O5'" 1 
ATOM   163 C  "C5'" . DG  A 1 9  ? -2.902  -12.834 -4.230  1.00 33.39 ? 9   DG  A "C5'" 1 
ATOM   164 C  "C4'" . DG  A 1 9  ? -4.081  -12.120 -3.607  1.00 29.87 ? 9   DG  A "C4'" 1 
ATOM   165 O  "O4'" . DG  A 1 9  ? -3.599  -10.978 -2.856  1.00 30.85 ? 9   DG  A "O4'" 1 
ATOM   166 C  "C3'" . DG  A 1 9  ? -5.096  -11.547 -4.567  1.00 33.23 ? 9   DG  A "C3'" 1 
ATOM   167 O  "O3'" . DG  A 1 9  ? -6.022  -12.525 -4.984  1.00 33.65 ? 9   DG  A "O3'" 1 
ATOM   168 C  "C2'" . DG  A 1 9  ? -5.749  -10.470 -3.715  1.00 30.67 ? 9   DG  A "C2'" 1 
ATOM   169 C  "C1'" . DG  A 1 9  ? -4.586  -9.966  -2.867  1.00 31.88 ? 9   DG  A "C1'" 1 
ATOM   170 N  N9    . DG  A 1 9  ? -3.999  -8.737  -3.379  1.00 25.13 ? 9   DG  A N9    1 
ATOM   171 C  C8    . DG  A 1 9  ? -2.795  -8.577  -4.012  1.00 27.27 ? 9   DG  A C8    1 
ATOM   172 N  N7    . DG  A 1 9  ? -2.554  -7.345  -4.353  1.00 28.20 ? 9   DG  A N7    1 
ATOM   173 C  C5    . DG  A 1 9  ? -3.675  -6.655  -3.928  1.00 27.44 ? 9   DG  A C5    1 
ATOM   174 C  C6    . DG  A 1 9  ? -4.002  -5.285  -4.030  1.00 27.76 ? 9   DG  A C6    1 
ATOM   175 O  O6    . DG  A 1 9  ? -3.331  -4.372  -4.528  1.00 29.78 ? 9   DG  A O6    1 
ATOM   176 N  N1    . DG  A 1 9  ? -5.253  -5.013  -3.470  1.00 30.32 ? 9   DG  A N1    1 
ATOM   177 C  C2    . DG  A 1 9  ? -6.065  -5.957  -2.884  1.00 28.64 ? 9   DG  A C2    1 
ATOM   178 N  N2    . DG  A 1 9  ? -7.235  -5.534  -2.407  1.00 28.23 ? 9   DG  A N2    1 
ATOM   179 N  N3    . DG  A 1 9  ? -5.761  -7.239  -2.791  1.00 27.81 ? 9   DG  A N3    1 
ATOM   180 C  C4    . DG  A 1 9  ? -4.568  -7.510  -3.330  1.00 26.82 ? 9   DG  A C4    1 
ATOM   181 P  P     . DT  A 1 10 ? -6.735  -12.405 -6.422  1.00 32.75 ? 10  DT  A P     1 
ATOM   182 O  OP1   . DT  A 1 10 ? -7.359  -13.704 -6.666  1.00 32.85 ? 10  DT  A OP1   1 
ATOM   183 O  OP2   . DT  A 1 10 ? -5.749  -11.855 -7.385  1.00 33.28 ? 10  DT  A OP2   1 
ATOM   184 O  "O5'" . DT  A 1 10 ? -7.868  -11.317 -6.204  1.00 28.44 ? 10  DT  A "O5'" 1 
ATOM   185 C  "C5'" . DT  A 1 10 ? -8.953  -11.581 -5.343  1.00 29.70 ? 10  DT  A "C5'" 1 
ATOM   186 C  "C4'" . DT  A 1 10 ? -9.868  -10.389 -5.276  1.00 33.16 ? 10  DT  A "C4'" 1 
ATOM   187 O  "O4'" . DT  A 1 10 ? -9.186  -9.304  -4.599  1.00 29.38 ? 10  DT  A "O4'" 1 
ATOM   188 C  "C3'" . DT  A 1 10 ? -10.254 -9.788  -6.615  1.00 36.62 ? 10  DT  A "C3'" 1 
ATOM   189 O  "O3'" . DT  A 1 10 ? -11.304 -10.494 -7.252  1.00 37.08 ? 10  DT  A "O3'" 1 
ATOM   190 C  "C2'" . DT  A 1 10 ? -10.660 -8.397  -6.209  1.00 28.64 ? 10  DT  A "C2'" 1 
ATOM   191 C  "C1'" . DT  A 1 10 ? -9.609  -8.072  -5.149  1.00 30.28 ? 10  DT  A "C1'" 1 
ATOM   192 N  N1    . DT  A 1 10 ? -8.412  -7.369  -5.686  1.00 26.47 ? 10  DT  A N1    1 
ATOM   193 C  C2    . DT  A 1 10 ? -8.432  -6.017  -5.741  1.00 29.62 ? 10  DT  A C2    1 
ATOM   194 O  O2    . DT  A 1 10 ? -9.399  -5.364  -5.403  1.00 30.14 ? 10  DT  A O2    1 
ATOM   195 N  N3    . DT  A 1 10 ? -7.287  -5.445  -6.220  1.00 26.43 ? 10  DT  A N3    1 
ATOM   196 C  C4    . DT  A 1 10 ? -6.152  -6.088  -6.628  1.00 28.80 ? 10  DT  A C4    1 
ATOM   197 O  O4    . DT  A 1 10 ? -5.176  -5.480  -7.038  1.00 31.85 ? 10  DT  A O4    1 
ATOM   198 C  C5    . DT  A 1 10 ? -6.189  -7.517  -6.547  1.00 24.61 ? 10  DT  A C5    1 
ATOM   199 C  C7    . DT  A 1 10 ? -5.004  -8.327  -6.970  1.00 27.69 ? 10  DT  A C7    1 
ATOM   200 C  C6    . DT  A 1 10 ? -7.303  -8.089  -6.071  1.00 27.75 ? 10  DT  A C6    1 
ATOM   201 P  P     . DA  A 1 11 ? -11.345 -10.525 -8.855  1.00 39.86 ? 11  DA  A P     1 
ATOM   202 O  OP1   . DA  A 1 11 ? -12.624 -11.207 -9.189  1.00 45.17 ? 11  DA  A OP1   1 
ATOM   203 O  OP2   . DA  A 1 11 ? -10.058 -11.004 -9.395  1.00 34.95 ? 11  DA  A OP2   1 
ATOM   204 O  "O5'" . DA  A 1 11 ? -11.459 -8.991  -9.274  1.00 40.53 ? 11  DA  A "O5'" 1 
ATOM   205 C  "C5'" . DA  A 1 11 ? -12.698 -8.351  -9.117  1.00 42.94 ? 11  DA  A "C5'" 1 
ATOM   206 C  "C4'" . DA  A 1 11 ? -12.621 -6.882  -9.439  1.00 40.06 ? 11  DA  A "C4'" 1 
ATOM   207 O  "O4'" . DA  A 1 11 ? -11.667 -6.229  -8.568  1.00 36.65 ? 11  DA  A "O4'" 1 
ATOM   208 C  "C3'" . DA  A 1 11 ? -12.147 -6.528  -10.832 1.00 44.08 ? 11  DA  A "C3'" 1 
ATOM   209 O  "O3'" . DA  A 1 11 ? -13.183 -6.724  -11.795 1.00 36.59 ? 11  DA  A "O3'" 1 
ATOM   210 C  "C2'" . DA  A 1 11 ? -11.787 -5.068  -10.634 1.00 31.84 ? 11  DA  A "C2'" 1 
ATOM   211 C  "C1'" . DA  A 1 11 ? -11.149 -5.087  -9.235  1.00 26.78 ? 11  DA  A "C1'" 1 
ATOM   212 N  N9    . DA  A 1 11 ? -9.693  -5.186  -9.320  1.00 31.63 ? 11  DA  A N9    1 
ATOM   213 C  C8    . DA  A 1 11 ? -8.933  -6.303  -9.264  1.00 29.27 ? 11  DA  A C8    1 
ATOM   214 N  N7    . DA  A 1 11 ? -7.648  -6.082  -9.442  1.00 32.62 ? 11  DA  A N7    1 
ATOM   215 C  C5    . DA  A 1 11 ? -7.588  -4.727  -9.657  1.00 26.85 ? 11  DA  A C5    1 
ATOM   216 C  C6    . DA  A 1 11 ? -6.523  -3.868  -9.920  1.00 27.33 ? 11  DA  A C6    1 
ATOM   217 N  N6    . DA  A 1 11 ? -5.247  -4.281  -10.001 1.00 26.05 ? 11  DA  A N6    1 
ATOM   218 N  N1    . DA  A 1 11 ? -6.803  -2.559  -10.060 1.00 31.63 ? 11  DA  A N1    1 
ATOM   219 C  C2    . DA  A 1 11 ? -8.073  -2.155  -9.975  1.00 31.47 ? 11  DA  A C2    1 
ATOM   220 N  N3    . DA  A 1 11 ? -9.169  -2.878  -9.745  1.00 24.20 ? 11  DA  A N3    1 
ATOM   221 C  C4    . DA  A 1 11 ? -8.842  -4.162  -9.580  1.00 27.35 ? 11  DA  A C4    1 
ATOM   222 P  P     . DG  A 1 12 ? -12.848 -6.820  -13.362 1.00 37.89 ? 12  DG  A P     1 
ATOM   223 O  OP1   . DG  A 1 12 ? -14.157 -6.896  -14.030 1.00 37.50 ? 12  DG  A OP1   1 
ATOM   224 O  OP2   . DG  A 1 12 ? -11.763 -7.765  -13.648 1.00 31.23 ? 12  DG  A OP2   1 
ATOM   225 O  "O5'" . DG  A 1 12 ? -12.253 -5.379  -13.705 1.00 32.96 ? 12  DG  A "O5'" 1 
ATOM   226 C  "C5'" . DG  A 1 12 ? -13.077 -4.243  -13.681 1.00 38.54 ? 12  DG  A "C5'" 1 
ATOM   227 C  "C4'" . DG  A 1 12 ? -12.259 -3.008  -13.985 1.00 33.24 ? 12  DG  A "C4'" 1 
ATOM   228 O  "O4'" . DG  A 1 12 ? -11.180 -2.924  -13.032 1.00 35.63 ? 12  DG  A "O4'" 1 
ATOM   229 C  "C3'" . DG  A 1 12 ? -11.550 -3.002  -15.324 1.00 31.83 ? 12  DG  A "C3'" 1 
ATOM   230 O  "O3'" . DG  A 1 12 ? -12.401 -2.595  -16.364 1.00 31.58 ? 12  DG  A "O3'" 1 
ATOM   231 C  "C2'" . DG  A 1 12 ? -10.440 -1.997  -15.078 1.00 31.97 ? 12  DG  A "C2'" 1 
ATOM   232 C  "C1'" . DG  A 1 12 ? -10.092 -2.233  -13.614 1.00 24.46 ? 12  DG  A "C1'" 1 
ATOM   233 N  N9    . DG  A 1 12 ? -8.877  -3.019  -13.442 1.00 27.17 ? 12  DG  A N9    1 
ATOM   234 C  C8    . DG  A 1 12 ? -8.765  -4.385  -13.325 1.00 28.98 ? 12  DG  A C8    1 
ATOM   235 N  N7    . DG  A 1 12 ? -7.530  -4.794  -13.191 1.00 28.62 ? 12  DG  A N7    1 
ATOM   236 C  C5    . DG  A 1 12 ? -6.777  -3.615  -13.253 1.00 30.28 ? 12  DG  A C5    1 
ATOM   237 C  C6    . DG  A 1 12 ? -5.383  -3.410  -13.177 1.00 31.54 ? 12  DG  A C6    1 
ATOM   238 O  O6    . DG  A 1 12 ? -4.484  -4.252  -13.056 1.00 33.07 ? 12  DG  A O6    1 
ATOM   239 N  N1    . DG  A 1 12 ? -5.051  -2.059  -13.283 1.00 32.34 ? 12  DG  A N1    1 
ATOM   240 C  C2    . DG  A 1 12 ? -5.951  -1.031  -13.411 1.00 28.87 ? 12  DG  A C2    1 
ATOM   241 N  N2    . DG  A 1 12 ? -5.428  0.213   -13.485 1.00 29.76 ? 12  DG  A N2    1 
ATOM   242 N  N3    . DG  A 1 12 ? -7.266  -1.207  -13.488 1.00 31.99 ? 12  DG  A N3    1 
ATOM   243 C  C4    . DG  A 1 12 ? -7.601  -2.520  -13.397 1.00 26.67 ? 12  DG  A C4    1 
ATOM   244 O  "O5'" . DC  B 1 1  ? 3.890   2.113   -13.705 1.00 62.78 ? 1   DC  B "O5'" 1 
ATOM   245 C  "C5'" . DC  B 1 1  ? 3.039   2.241   -12.574 1.00 46.77 ? 1   DC  B "C5'" 1 
ATOM   246 C  "C4'" . DC  B 1 1  ? 1.681   2.742   -12.999 1.00 42.37 ? 1   DC  B "C4'" 1 
ATOM   247 O  "O4'" . DC  B 1 1  ? 1.107   1.820   -13.949 1.00 43.99 ? 1   DC  B "O4'" 1 
ATOM   248 C  "C3'" . DC  B 1 1  ? 0.658   2.843   -11.898 1.00 47.14 ? 1   DC  B "C3'" 1 
ATOM   249 O  "O3'" . DC  B 1 1  ? 0.745   4.066   -11.245 1.00 38.03 ? 1   DC  B "O3'" 1 
ATOM   250 C  "C2'" . DC  B 1 1  ? -0.645  2.707   -12.650 1.00 38.66 ? 1   DC  B "C2'" 1 
ATOM   251 C  "C1'" . DC  B 1 1  ? -0.296  1.743   -13.756 1.00 43.23 ? 1   DC  B "C1'" 1 
ATOM   252 N  N1    . DC  B 1 1  ? -0.654  0.368   -13.434 1.00 47.21 ? 1   DC  B N1    1 
ATOM   253 C  C2    . DC  B 1 1  ? -2.001  0.017   -13.347 1.00 33.83 ? 1   DC  B C2    1 
ATOM   254 O  O2    . DC  B 1 1  ? -2.859  0.873   -13.534 1.00 35.10 ? 1   DC  B O2    1 
ATOM   255 N  N3    . DC  B 1 1  ? -2.327  -1.246  -13.059 1.00 35.14 ? 1   DC  B N3    1 
ATOM   256 C  C4    . DC  B 1 1  ? -1.372  -2.143  -12.846 1.00 39.86 ? 1   DC  B C4    1 
ATOM   257 N  N4    . DC  B 1 1  ? -1.751  -3.389  -12.558 1.00 40.27 ? 1   DC  B N4    1 
ATOM   258 C  C5    . DC  B 1 1  ? 0.011   -1.809  -12.924 1.00 44.81 ? 1   DC  B C5    1 
ATOM   259 C  C6    . DC  B 1 1  ? 0.320   -0.548  -13.210 1.00 41.72 ? 1   DC  B C6    1 
ATOM   260 P  P     . DT  B 1 2  ? 0.351   4.154   -9.701  1.00 44.06 ? 2   DT  B P     1 
ATOM   261 O  OP1   . DT  B 1 2  ? 0.865   5.440   -9.176  1.00 57.85 ? 2   DT  B OP1   1 
ATOM   262 O  OP2   . DT  B 1 2  ? 0.790   2.882   -9.095  1.00 44.29 ? 2   DT  B OP2   1 
ATOM   263 O  "O5'" . DT  B 1 2  ? -1.254  4.245   -9.700  1.00 44.98 ? 2   DT  B "O5'" 1 
ATOM   264 C  "C5'" . DT  B 1 2  ? -1.914  5.255   -10.459 1.00 44.89 ? 2   DT  B "C5'" 1 
ATOM   265 C  "C4'" . DT  B 1 2  ? -3.414  5.014   -10.522 1.00 38.75 ? 2   DT  B "C4'" 1 
ATOM   266 O  "O4'" . DT  B 1 2  ? -3.694  3.862   -11.367 1.00 42.53 ? 2   DT  B "O4'" 1 
ATOM   267 C  "C3'" . DT  B 1 2  ? -4.078  4.671   -9.212  1.00 38.64 ? 2   DT  B "C3'" 1 
ATOM   268 O  "O3'" . DT  B 1 2  ? -4.325  5.822   -8.440  1.00 45.14 ? 2   DT  B "O3'" 1 
ATOM   269 C  "C2'" . DT  B 1 2  ? -5.354  3.988   -9.694  1.00 33.53 ? 2   DT  B "C2'" 1 
ATOM   270 C  "C1'" . DT  B 1 2  ? -4.843  3.176   -10.872 1.00 36.40 ? 2   DT  B "C1'" 1 
ATOM   271 N  N1    . DT  B 1 2  ? -4.443  1.768   -10.530 1.00 29.86 ? 2   DT  B N1    1 
ATOM   272 C  C2    . DT  B 1 2  ? -5.411  0.804   -10.439 1.00 30.86 ? 2   DT  B C2    1 
ATOM   273 O  O2    . DT  B 1 2  ? -6.585  1.042   -10.591 1.00 25.46 ? 2   DT  B O2    1 
ATOM   274 N  N3    . DT  B 1 2  ? -4.951  -0.454  -10.151 1.00 27.69 ? 2   DT  B N3    1 
ATOM   275 C  C4    . DT  B 1 2  ? -3.635  -0.832  -9.944  1.00 34.33 ? 2   DT  B C4    1 
ATOM   276 O  O4    . DT  B 1 2  ? -3.313  -1.985  -9.688  1.00 34.61 ? 2   DT  B O4    1 
ATOM   277 C  C5    . DT  B 1 2  ? -2.663  0.229   -10.054 1.00 36.40 ? 2   DT  B C5    1 
ATOM   278 C  C7    . DT  B 1 2  ? -1.194  -0.069  -9.863  1.00 30.25 ? 2   DT  B C7    1 
ATOM   279 C  C6    . DT  B 1 2  ? -3.112  1.466   -10.339 1.00 33.72 ? 2   DT  B C6    1 
ATOM   280 P  P     . DA  B 1 3  ? -4.274  5.742   -6.836  1.00 47.34 ? 3   DA  B P     1 
ATOM   281 O  OP1   . DA  B 1 3  ? -4.380  7.115   -6.303  1.00 52.34 ? 3   DA  B OP1   1 
ATOM   282 O  OP2   . DA  B 1 3  ? -3.188  4.822   -6.443  1.00 47.14 ? 3   DA  B OP2   1 
ATOM   283 O  "O5'" . DA  B 1 3  ? -5.633  5.034   -6.432  1.00 39.58 ? 3   DA  B "O5'" 1 
ATOM   284 C  "C5'" . DA  B 1 3  ? -6.845  5.585   -6.867  1.00 34.31 ? 3   DA  B "C5'" 1 
ATOM   285 C  "C4'" . DA  B 1 3  ? -7.969  4.606   -6.643  1.00 38.75 ? 3   DA  B "C4'" 1 
ATOM   286 O  "O4'" . DA  B 1 3  ? -7.893  3.506   -7.590  1.00 36.46 ? 3   DA  B "O4'" 1 
ATOM   287 C  "C3'" . DA  B 1 3  ? -7.942  3.920   -5.302  1.00 40.55 ? 3   DA  B "C3'" 1 
ATOM   288 O  "O3'" . DA  B 1 3  ? -8.446  4.737   -4.335  1.00 45.72 ? 3   DA  B "O3'" 1 
ATOM   289 C  "C2'" . DA  B 1 3  ? -8.820  2.718   -5.558  1.00 40.68 ? 3   DA  B "C2'" 1 
ATOM   290 C  "C1'" . DA  B 1 3  ? -8.369  2.315   -6.947  1.00 31.80 ? 3   DA  B "C1'" 1 
ATOM   291 N  N9    . DA  B 1 3  ? -7.304  1.324   -6.937  1.00 30.16 ? 3   DA  B N9    1 
ATOM   292 C  C8    . DA  B 1 3  ? -5.974  1.546   -7.052  1.00 31.93 ? 3   DA  B C8    1 
ATOM   293 N  N7    . DA  B 1 3  ? -5.249  0.448   -7.022  1.00 27.98 ? 3   DA  B N7    1 
ATOM   294 C  C5    . DA  B 1 3  ? -6.184  -0.556  -6.914  1.00 30.93 ? 3   DA  B C5    1 
ATOM   295 C  C6    . DA  B 1 3  ? -6.063  -1.952  -6.849  1.00 30.59 ? 3   DA  B C6    1 
ATOM   296 N  N6    . DA  B 1 3  ? -4.895  -2.584  -6.898  1.00 29.41 ? 3   DA  B N6    1 
ATOM   297 N  N1    . DA  B 1 3  ? -7.194  -2.675  -6.715  1.00 30.25 ? 3   DA  B N1    1 
ATOM   298 C  C2    . DA  B 1 3  ? -8.366  -2.025  -6.689  1.00 30.95 ? 3   DA  B C2    1 
ATOM   299 N  N3    . DA  B 1 3  ? -8.597  -0.717  -6.741  1.00 35.56 ? 3   DA  B N3    1 
ATOM   300 C  C4    . DA  B 1 3  ? -7.452  -0.036  -6.858  1.00 31.24 ? 3   DA  B C4    1 
ATOM   301 P  P     . DC  B 1 4  ? -7.849  4.654   -2.866  1.00 45.22 ? 4   DC  B P     1 
ATOM   302 O  OP1   . DC  B 1 4  ? -8.536  5.769   -2.165  1.00 49.90 ? 4   DC  B OP1   1 
ATOM   303 O  OP2   . DC  B 1 4  ? -6.361  4.571   -2.958  1.00 39.56 ? 4   DC  B OP2   1 
ATOM   304 O  "O5'" . DC  B 1 4  ? -8.386  3.254   -2.311  1.00 40.45 ? 4   DC  B "O5'" 1 
ATOM   305 C  "C5'" . DC  B 1 4  ? -9.794  3.001   -2.229  1.00 40.47 ? 4   DC  B "C5'" 1 
ATOM   306 C  "C4'" . DC  B 1 4  ? -10.087 1.505   -2.072  1.00 41.23 ? 4   DC  B "C4'" 1 
ATOM   307 O  "O4'" . DC  B 1 4  ? -9.650  0.770   -3.253  1.00 39.18 ? 4   DC  B "O4'" 1 
ATOM   308 C  "C3'" . DC  B 1 4  ? -9.358  0.793   -0.950  1.00 42.43 ? 4   DC  B "C3'" 1 
ATOM   309 O  "O3'" . DC  B 1 4  ? -9.922  1.035   0.307   1.00 42.45 ? 4   DC  B "O3'" 1 
ATOM   310 C  "C2'" . DC  B 1 4  ? -9.525  -0.651  -1.373  1.00 40.13 ? 4   DC  B "C2'" 1 
ATOM   311 C  "C1'" . DC  B 1 4  ? -9.263  -0.554  -2.861  1.00 41.09 ? 4   DC  B "C1'" 1 
ATOM   312 N  N1    . DC  B 1 4  ? -7.838  -0.782  -3.186  1.00 37.19 ? 4   DC  B N1    1 
ATOM   313 C  C2    . DC  B 1 4  ? -7.359  -2.092  -3.263  1.00 39.55 ? 4   DC  B C2    1 
ATOM   314 O  O2    . DC  B 1 4  ? -8.144  -3.031  -3.092  1.00 38.54 ? 4   DC  B O2    1 
ATOM   315 N  N3    . DC  B 1 4  ? -6.048  -2.294  -3.537  1.00 35.18 ? 4   DC  B N3    1 
ATOM   316 C  C4    . DC  B 1 4  ? -5.239  -1.256  -3.717  1.00 33.32 ? 4   DC  B C4    1 
ATOM   317 N  N4    . DC  B 1 4  ? -3.960  -1.508  -3.998  1.00 32.87 ? 4   DC  B N4    1 
ATOM   318 C  C5    . DC  B 1 4  ? -5.704  0.085   -3.628  1.00 31.09 ? 4   DC  B C5    1 
ATOM   319 C  C6    . DC  B 1 4  ? -6.998  0.274   -3.358  1.00 33.30 ? 4   DC  B C6    1 
ATOM   320 P  P     . DG  B 1 5  ? -9.032  0.804   1.628   1.00 46.92 ? 5   DG  B P     1 
ATOM   321 O  OP1   . DG  B 1 5  ? -9.931  1.207   2.730   1.00 53.79 ? 5   DG  B OP1   1 
ATOM   322 O  OP2   . DG  B 1 5  ? -7.690  1.397   1.418   1.00 40.41 ? 5   DG  B OP2   1 
ATOM   323 O  "O5'" . DG  B 1 5  ? -8.823  -0.769  1.736   1.00 36.50 ? 5   DG  B "O5'" 1 
ATOM   324 C  "C5'" . DG  B 1 5  ? -9.923  -1.580  2.018   1.00 41.84 ? 5   DG  B "C5'" 1 
ATOM   325 C  "C4'" . DG  B 1 5  ? -9.508  -3.026  2.185   1.00 39.62 ? 5   DG  B "C4'" 1 
ATOM   326 O  "O4'" . DG  B 1 5  ? -9.039  -3.568  0.918   1.00 39.06 ? 5   DG  B "O4'" 1 
ATOM   327 C  "C3'" . DG  B 1 5  ? -8.355  -3.273  3.143   1.00 39.33 ? 5   DG  B "C3'" 1 
ATOM   328 O  "O3'" . DG  B 1 5  ? -8.790  -3.252  4.501   1.00 42.07 ? 5   DG  B "O3'" 1 
ATOM   329 C  "C2'" . DG  B 1 5  ? -7.894  -4.652  2.688   1.00 41.16 ? 5   DG  B "C2'" 1 
ATOM   330 C  "C1'" . DG  B 1 5  ? -7.996  -4.519  1.168   1.00 35.10 ? 5   DG  B "C1'" 1 
ATOM   331 N  N9    . DG  B 1 5  ? -6.765  -4.039  0.548   1.00 33.56 ? 5   DG  B N9    1 
ATOM   332 C  C8    . DG  B 1 5  ? -6.489  -2.758  0.144   1.00 36.79 ? 5   DG  B C8    1 
ATOM   333 N  N7    . DG  B 1 5  ? -5.301  -2.623  -0.373  1.00 37.56 ? 5   DG  B N7    1 
ATOM   334 C  C5    . DG  B 1 5  ? -4.752  -3.897  -0.291  1.00 36.16 ? 5   DG  B C5    1 
ATOM   335 C  C6    . DG  B 1 5  ? -3.476  -4.362  -0.680  1.00 29.85 ? 5   DG  B C6    1 
ATOM   336 O  O6    . DG  B 1 5  ? -2.555  -3.725  -1.220  1.00 31.83 ? 5   DG  B O6    1 
ATOM   337 N  N1    . DG  B 1 5  ? -3.321  -5.716  -0.416  1.00 28.12 ? 5   DG  B N1    1 
ATOM   338 C  C2    . DG  B 1 5  ? -4.280  -6.517  0.153   1.00 29.25 ? 5   DG  B C2    1 
ATOM   339 N  N2    . DG  B 1 5  ? -3.954  -7.817  0.313   1.00 28.81 ? 5   DG  B N2    1 
ATOM   340 N  N3    . DG  B 1 5  ? -5.475  -6.088  0.526   1.00 35.91 ? 5   DG  B N3    1 
ATOM   341 C  C4    . DG  B 1 5  ? -5.640  -4.775  0.273   1.00 31.28 ? 5   DG  B C4    1 
ATOM   342 P  P     . DT  B 1 6  ? -7.751  -2.958  5.693   1.00 41.62 ? 6   DT  B P     1 
ATOM   343 O  OP1   . DT  B 1 6  ? -8.582  -3.212  6.891   1.00 47.02 ? 6   DT  B OP1   1 
ATOM   344 O  OP2   . DT  B 1 6  ? -7.029  -1.689  5.499   1.00 43.70 ? 6   DT  B OP2   1 
ATOM   345 O  "O5'" . DT  B 1 6  ? -6.703  -4.149  5.599   1.00 33.90 ? 6   DT  B "O5'" 1 
ATOM   346 C  "C5'" . DT  B 1 6  ? -7.142  -5.440  5.886   1.00 33.41 ? 6   DT  B "C5'" 1 
ATOM   347 C  "C4'" . DT  B 1 6  ? -6.010  -6.415  5.779   1.00 30.84 ? 6   DT  B "C4'" 1 
ATOM   348 O  "O4'" . DT  B 1 6  ? -5.528  -6.446  4.427   1.00 29.83 ? 6   DT  B "O4'" 1 
ATOM   349 C  "C3'" . DT  B 1 6  ? -4.794  -6.072  6.596   1.00 30.10 ? 6   DT  B "C3'" 1 
ATOM   350 O  "O3'" . DT  B 1 6  ? -4.954  -6.467  7.922   1.00 31.44 ? 6   DT  B "O3'" 1 
ATOM   351 C  "C2'" . DT  B 1 6  ? -3.715  -6.857  5.894   1.00 37.84 ? 6   DT  B "C2'" 1 
ATOM   352 C  "C1'" . DT  B 1 6  ? -4.133  -6.738  4.439   1.00 34.11 ? 6   DT  B "C1'" 1 
ATOM   353 N  N1    . DT  B 1 6  ? -3.424  -5.674  3.713   1.00 28.56 ? 6   DT  B N1    1 
ATOM   354 C  C2    . DT  B 1 6  ? -2.219  -5.971  3.139   1.00 33.73 ? 6   DT  B C2    1 
ATOM   355 O  O2    . DT  B 1 6  ? -1.703  -7.070  3.223   1.00 29.95 ? 6   DT  B O2    1 
ATOM   356 N  N3    . DT  B 1 6  ? -1.631  -4.930  2.480   1.00 31.17 ? 6   DT  B N3    1 
ATOM   357 C  C4    . DT  B 1 6  ? -2.122  -3.646  2.338   1.00 32.12 ? 6   DT  B C4    1 
ATOM   358 O  O4    . DT  B 1 6  ? -1.518  -2.775  1.708   1.00 34.91 ? 6   DT  B O4    1 
ATOM   359 C  C5    . DT  B 1 6  ? -3.390  -3.396  2.965   1.00 31.42 ? 6   DT  B C5    1 
ATOM   360 C  C7    . DT  B 1 6  ? -4.016  -2.041  2.870   1.00 32.67 ? 6   DT  B C7    1 
ATOM   361 C  C6    . DT  B 1 6  ? -3.980  -4.411  3.618   1.00 28.70 ? 6   DT  B C6    1 
ATOM   362 P  P     . DA  B 1 7  ? -4.184  -5.669  9.069   1.00 38.95 ? 7   DA  B P     1 
ATOM   363 O  OP1   . DA  B 1 7  ? -4.716  -6.265  10.316  1.00 41.86 ? 7   DA  B OP1   1 
ATOM   364 O  OP2   . DA  B 1 7  ? -4.211  -4.224  8.784   1.00 36.00 ? 7   DA  B OP2   1 
ATOM   365 O  "O5'" . DA  B 1 7  ? -2.668  -6.112  8.920   1.00 32.26 ? 7   DA  B "O5'" 1 
ATOM   366 C  "C5'" . DA  B 1 7  ? -2.348  -7.424  9.223   1.00 36.64 ? 7   DA  B "C5'" 1 
ATOM   367 C  "C4'" . DA  B 1 7  ? -0.935  -7.756  8.847   1.00 33.55 ? 7   DA  B "C4'" 1 
ATOM   368 O  "O4'" . DA  B 1 7  ? -0.777  -7.682  7.408   1.00 39.45 ? 7   DA  B "O4'" 1 
ATOM   369 C  "C3'" . DA  B 1 7  ? 0.122   -6.827  9.382   1.00 42.81 ? 7   DA  B "C3'" 1 
ATOM   370 O  "O3'" . DA  B 1 7  ? 0.432   -7.123  10.736  1.00 44.62 ? 7   DA  B "O3'" 1 
ATOM   371 C  "C2'" . DA  B 1 7  ? 1.277   -7.131  8.452   1.00 36.89 ? 7   DA  B "C2'" 1 
ATOM   372 C  "C1'" . DA  B 1 7  ? 0.573   -7.340  7.114   1.00 40.32 ? 7   DA  B "C1'" 1 
ATOM   373 N  N9    . DA  B 1 7  ? 0.597   -6.147  6.284   1.00 37.25 ? 7   DA  B N9    1 
ATOM   374 C  C8    . DA  B 1 7  ? -0.347  -5.167  6.224   1.00 35.37 ? 7   DA  B C8    1 
ATOM   375 N  N7    . DA  B 1 7  ? -0.045  -4.195  5.398   1.00 35.17 ? 7   DA  B N7    1 
ATOM   376 C  C5    . DA  B 1 7  ? 1.197   -4.563  4.900   1.00 31.89 ? 7   DA  B C5    1 
ATOM   377 C  C6    . DA  B 1 7  ? 2.068   -3.948  3.993   1.00 30.98 ? 7   DA  B C6    1 
ATOM   378 N  N6    . DA  B 1 7  ? 1.795   -2.802  3.386   1.00 27.02 ? 7   DA  B N6    1 
ATOM   379 N  N1    . DA  B 1 7  ? 3.237   -4.571  3.725   1.00 28.37 ? 7   DA  B N1    1 
ATOM   380 C  C2    . DA  B 1 7  ? 3.492   -5.734  4.323   1.00 34.41 ? 7   DA  B C2    1 
ATOM   381 N  N3    . DA  B 1 7  ? 2.752   -6.403  5.201   1.00 37.39 ? 7   DA  B N3    1 
ATOM   382 C  C4    . DA  B 1 7  ? 1.611   -5.752  5.451   1.00 35.39 ? 7   DA  B C4    1 
ATOM   383 P  P     . DC  B 1 8  ? 0.901   -5.962  11.734  1.00 51.41 ? 8   DC  B P     1 
ATOM   384 O  OP1   . DC  B 1 8  ? 1.280   -6.629  12.991  1.00 56.34 ? 8   DC  B OP1   1 
ATOM   385 O  OP2   . DC  B 1 8  ? -0.092  -4.869  11.636  1.00 44.53 ? 8   DC  B OP2   1 
ATOM   386 O  "O5'" . DC  B 1 8  ? 2.232   -5.373  11.096  1.00 52.16 ? 8   DC  B "O5'" 1 
ATOM   387 C  "C5'" . DC  B 1 8  ? 3.470   -5.870  11.496  1.00 47.04 ? 8   DC  B "C5'" 1 
ATOM   388 C  "C4'" . DC  B 1 8  ? 4.569   -5.379  10.581  1.00 44.72 ? 8   DC  B "C4'" 1 
ATOM   389 O  "O4'" . DC  B 1 8  ? 4.098   -5.364  9.209   1.00 44.11 ? 8   DC  B "O4'" 1 
ATOM   390 C  "C3'" . DC  B 1 8  ? 5.022   -3.953  10.793  1.00 43.40 ? 8   DC  B "C3'" 1 
ATOM   391 O  "O3'" . DC  B 1 8  ? 5.870   -3.803  11.926  1.00 43.65 ? 8   DC  B "O3'" 1 
ATOM   392 C  "C2'" . DC  B 1 8  ? 5.755   -3.697  9.497   1.00 33.83 ? 8   DC  B "C2'" 1 
ATOM   393 C  "C1'" . DC  B 1 8  ? 4.862   -4.406  8.487   1.00 39.53 ? 8   DC  B "C1'" 1 
ATOM   394 N  N1    . DC  B 1 8  ? 3.990   -3.459  7.785   1.00 37.76 ? 8   DC  B N1    1 
ATOM   395 C  C2    . DC  B 1 8  ? 4.519   -2.788  6.693   1.00 27.39 ? 8   DC  B C2    1 
ATOM   396 O  O2    . DC  B 1 8  ? 5.671   -3.058  6.344   1.00 29.95 ? 8   DC  B O2    1 
ATOM   397 N  N3    . DC  B 1 8  ? 3.765   -1.882  6.047   1.00 29.82 ? 8   DC  B N3    1 
ATOM   398 C  C4    . DC  B 1 8  ? 2.521   -1.650  6.460   1.00 33.68 ? 8   DC  B C4    1 
ATOM   399 N  N4    . DC  B 1 8  ? 1.814   -0.755  5.789   1.00 34.64 ? 8   DC  B N4    1 
ATOM   400 C  C5    . DC  B 1 8  ? 1.961   -2.318  7.594   1.00 33.71 ? 8   DC  B C5    1 
ATOM   401 C  C6    . DC  B 1 8  ? 2.730   -3.201  8.226   1.00 37.96 ? 8   DC  B C6    1 
ATOM   402 P  P     . DG  B 1 9  ? 6.080   -2.340  12.553  1.00 45.70 ? 9   DG  B P     1 
ATOM   403 O  OP1   . DG  B 1 9  ? 6.833   -2.546  13.807  1.00 56.53 ? 9   DG  B OP1   1 
ATOM   404 O  OP2   . DG  B 1 9  ? 4.792   -1.611  12.537  1.00 41.74 ? 9   DG  B OP2   1 
ATOM   405 O  "O5'" . DG  B 1 9  ? 6.959   -1.531  11.466  1.00 42.67 ? 9   DG  B "O5'" 1 
ATOM   406 C  "C5'" . DG  B 1 9  ? 8.316   -1.837  11.297  1.00 39.51 ? 9   DG  B "C5'" 1 
ATOM   407 C  "C4'" . DG  B 1 9  ? 8.865   -1.297  9.992   1.00 32.18 ? 9   DG  B "C4'" 1 
ATOM   408 O  "O4'" . DG  B 1 9  ? 7.920   -1.522  8.917   1.00 29.79 ? 9   DG  B "O4'" 1 
ATOM   409 C  "C3'" . DG  B 1 9  ? 9.125   0.193   9.946   1.00 31.39 ? 9   DG  B "C3'" 1 
ATOM   410 O  "O3'" . DG  B 1 9  ? 10.358  0.519   10.569  1.00 33.35 ? 9   DG  B "O3'" 1 
ATOM   411 C  "C2'" . DG  B 1 9  ? 9.158   0.444   8.452   1.00 28.52 ? 9   DG  B "C2'" 1 
ATOM   412 C  "C1'" . DG  B 1 9  ? 8.095   -0.506  7.933   1.00 28.94 ? 9   DG  B "C1'" 1 
ATOM   413 N  N9    . DG  B 1 9  ? 6.808   0.145   7.688   1.00 29.67 ? 9   DG  B N9    1 
ATOM   414 C  C8    . DG  B 1 9  ? 5.621   -0.081  8.344   1.00 31.13 ? 9   DG  B C8    1 
ATOM   415 N  N7    . DG  B 1 9  ? 4.633   0.634   7.879   1.00 30.01 ? 9   DG  B N7    1 
ATOM   416 C  C5    . DG  B 1 9  ? 5.213   1.378   6.851   1.00 33.85 ? 9   DG  B C5    1 
ATOM   417 C  C6    . DG  B 1 9  ? 4.645   2.321   5.980   1.00 33.22 ? 9   DG  B C6    1 
ATOM   418 O  O6    . DG  B 1 9  ? 3.474   2.723   5.948   1.00 33.60 ? 9   DG  B O6    1 
ATOM   419 N  N1    . DG  B 1 9  ? 5.585   2.836   5.084   1.00 32.42 ? 9   DG  B N1    1 
ATOM   420 C  C2    . DG  B 1 9  ? 6.902   2.474   5.038   1.00 36.84 ? 9   DG  B C2    1 
ATOM   421 N  N2    . DG  B 1 9  ? 7.655   3.070   4.102   1.00 34.29 ? 9   DG  B N2    1 
ATOM   422 N  N3    . DG  B 1 9  ? 7.443   1.580   5.842   1.00 25.93 ? 9   DG  B N3    1 
ATOM   423 C  C4    . DG  B 1 9  ? 6.546   1.080   6.723   1.00 27.94 ? 9   DG  B C4    1 
ATOM   424 P  P     . DT  B 1 10 ? 10.627  1.992   11.122  1.00 43.81 ? 10  DT  B P     1 
ATOM   425 O  OP1   . DT  B 1 10 ? 11.919  1.950   11.836  1.00 41.92 ? 10  DT  B OP1   1 
ATOM   426 O  OP2   . DT  B 1 10 ? 9.404   2.411   11.833  1.00 38.60 ? 10  DT  B OP2   1 
ATOM   427 O  "O5'" . DT  B 1 10 ? 10.758  2.896   9.807   1.00 34.46 ? 10  DT  B "O5'" 1 
ATOM   428 C  "C5'" . DT  B 1 10 ? 11.855  2.745   8.942   1.00 37.92 ? 10  DT  B "C5'" 1 
ATOM   429 C  "C4'" . DT  B 1 10 ? 11.837  3.805   7.870   1.00 42.82 ? 10  DT  B "C4'" 1 
ATOM   430 O  "O4'" . DT  B 1 10 ? 10.714  3.579   6.981   1.00 35.67 ? 10  DT  B "O4'" 1 
ATOM   431 C  "C3'" . DT  B 1 10 ? 11.634  5.217   8.382   1.00 41.74 ? 10  DT  B "C3'" 1 
ATOM   432 O  "O3'" . DT  B 1 10 ? 12.845  5.797   8.791   1.00 48.12 ? 10  DT  B "O3'" 1 
ATOM   433 C  "C2'" . DT  B 1 10 ? 11.045  5.919   7.178   1.00 42.00 ? 10  DT  B "C2'" 1 
ATOM   434 C  "C1'" . DT  B 1 10 ? 10.196  4.833   6.550   1.00 33.95 ? 10  DT  B "C1'" 1 
ATOM   435 N  N1    . DT  B 1 10 ? 8.795   4.916   6.933   1.00 33.54 ? 10  DT  B N1    1 
ATOM   436 C  C2    . DT  B 1 10 ? 7.973   5.753   6.228   1.00 39.05 ? 10  DT  B C2    1 
ATOM   437 O  O2    . DT  B 1 10 ? 8.356   6.437   5.308   1.00 39.03 ? 10  DT  B O2    1 
ATOM   438 N  N3    . DT  B 1 10 ? 6.682   5.757   6.629   1.00 37.68 ? 10  DT  B N3    1 
ATOM   439 C  C4    . DT  B 1 10 ? 6.134   5.033   7.650   1.00 31.62 ? 10  DT  B C4    1 
ATOM   440 O  O4    . DT  B 1 10 ? 4.954   5.104   7.924   1.00 34.30 ? 10  DT  B O4    1 
ATOM   441 C  C5    . DT  B 1 10 ? 7.041   4.168   8.358   1.00 35.25 ? 10  DT  B C5    1 
ATOM   442 C  C7    . DT  B 1 10 ? 6.550   3.327   9.493   1.00 34.88 ? 10  DT  B C7    1 
ATOM   443 C  C6    . DT  B 1 10 ? 8.324   4.153   7.967   1.00 36.03 ? 10  DT  B C6    1 
ATOM   444 P  P     . DA  B 1 11 ? 12.844  6.906   9.950   1.00 49.97 ? 11  DA  B P     1 
ATOM   445 O  OP1   . DA  B 1 11 ? 14.241  7.387   10.015  1.00 46.26 ? 11  DA  B OP1   1 
ATOM   446 O  OP2   . DA  B 1 11 ? 12.174  6.330   11.139  1.00 42.42 ? 11  DA  B OP2   1 
ATOM   447 O  "O5'" . DA  B 1 11 ? 11.896  8.063   9.383   1.00 41.71 ? 11  DA  B "O5'" 1 
ATOM   448 C  "C5'" . DA  B 1 11 ? 12.322  8.814   8.268   1.00 45.78 ? 11  DA  B "C5'" 1 
ATOM   449 C  "C4'" . DA  B 1 11 ? 11.260  9.800   7.817   1.00 42.03 ? 11  DA  B "C4'" 1 
ATOM   450 O  "O4'" . DA  B 1 11 ? 10.086  9.089   7.374   1.00 47.25 ? 11  DA  B "O4'" 1 
ATOM   451 C  "C3'" . DA  B 1 11 ? 10.728  10.748  8.882   1.00 45.88 ? 11  DA  B "C3'" 1 
ATOM   452 O  "O3'" . DA  B 1 11 ? 11.583  11.853  9.071   1.00 50.68 ? 11  DA  B "O3'" 1 
ATOM   453 C  "C2'" . DA  B 1 11 ? 9.381   11.168  8.299   1.00 44.22 ? 11  DA  B "C2'" 1 
ATOM   454 C  "C1'" . DA  B 1 11 ? 8.948   9.940   7.491   1.00 45.03 ? 11  DA  B "C1'" 1 
ATOM   455 N  N9    . DA  B 1 11 ? 7.856   9.200   8.119   1.00 39.26 ? 11  DA  B N9    1 
ATOM   456 C  C8    . DA  B 1 11 ? 7.955   8.230   9.076   1.00 42.27 ? 11  DA  B C8    1 
ATOM   457 N  N7    . DA  B 1 11 ? 6.798   7.754   9.462   1.00 35.98 ? 11  DA  B N7    1 
ATOM   458 C  C5    . DA  B 1 11 ? 5.881   8.463   8.702   1.00 36.58 ? 11  DA  B C5    1 
ATOM   459 C  C6    . DA  B 1 11 ? 4.475   8.430   8.635   1.00 36.52 ? 11  DA  B C6    1 
ATOM   460 N  N6    . DA  B 1 11 ? 3.719   7.616   9.374   1.00 35.95 ? 11  DA  B N6    1 
ATOM   461 N  N1    . DA  B 1 11 ? 3.876   9.268   7.785   1.00 37.04 ? 11  DA  B N1    1 
ATOM   462 C  C2    . DA  B 1 11 ? 4.626   10.083  7.048   1.00 37.48 ? 11  DA  B C2    1 
ATOM   463 N  N3    . DA  B 1 11 ? 5.947   10.207  7.020   1.00 42.67 ? 11  DA  B N3    1 
ATOM   464 C  C4    . DA  B 1 11 ? 6.517   9.357   7.877   1.00 38.72 ? 11  DA  B C4    1 
ATOM   465 P  P     . DG  B 1 12 ? 11.413  12.774  10.368  1.00 51.56 ? 12  DG  B P     1 
ATOM   466 O  OP1   . DG  B 1 12 ? 12.686  13.514  10.473  1.00 51.19 ? 12  DG  B OP1   1 
ATOM   467 O  OP2   . DG  B 1 12 ? 10.896  11.984  11.499  1.00 41.34 ? 12  DG  B OP2   1 
ATOM   468 O  "O5'" . DG  B 1 12 ? 10.224  13.772  9.983   1.00 38.40 ? 12  DG  B "O5'" 1 
ATOM   469 C  "C5'" . DG  B 1 12 ? 10.376  14.691  8.917   1.00 40.55 ? 12  DG  B "C5'" 1 
ATOM   470 C  "C4'" . DG  B 1 12 ? 9.074   15.439  8.677   1.00 44.31 ? 12  DG  B "C4'" 1 
ATOM   471 O  "O4'" . DG  B 1 12 ? 8.057   14.488  8.299   1.00 42.20 ? 12  DG  B "O4'" 1 
ATOM   472 C  "C3'" . DG  B 1 12 ? 8.520   16.157  9.895   1.00 41.27 ? 12  DG  B "C3'" 1 
ATOM   473 O  "O3'" . DG  B 1 12 ? 8.994   17.494  9.939   1.00 47.37 ? 12  DG  B "O3'" 1 
ATOM   474 C  "C2'" . DG  B 1 12 ? 7.014   16.084  9.698   1.00 41.77 ? 12  DG  B "C2'" 1 
ATOM   475 C  "C1'" . DG  B 1 12 ? 6.811   14.832  8.853   1.00 42.79 ? 12  DG  B "C1'" 1 
ATOM   476 N  N9    . DG  B 1 12 ? 6.313   13.685  9.602   1.00 37.04 ? 12  DG  B N9    1 
ATOM   477 C  C8    . DG  B 1 12 ? 6.999   12.917  10.503  1.00 41.54 ? 12  DG  B C8    1 
ATOM   478 N  N7    . DG  B 1 12 ? 6.286   11.950  11.009  1.00 34.33 ? 12  DG  B N7    1 
ATOM   479 C  C5    . DG  B 1 12 ? 5.040   12.100  10.403  1.00 34.09 ? 12  DG  B C5    1 
ATOM   480 C  C6    . DG  B 1 12 ? 3.857   11.352  10.553  1.00 37.47 ? 12  DG  B C6    1 
ATOM   481 O  O6    . DG  B 1 12 ? 3.651   10.364  11.277  1.00 36.65 ? 12  DG  B O6    1 
ATOM   482 N  N1    . DG  B 1 12 ? 2.842   11.839  9.741   1.00 37.13 ? 12  DG  B N1    1 
ATOM   483 C  C2    . DG  B 1 12 ? 2.960   12.915  8.900   1.00 38.11 ? 12  DG  B C2    1 
ATOM   484 N  N2    . DG  B 1 12 ? 1.867   13.249  8.196   1.00 39.09 ? 12  DG  B N2    1 
ATOM   485 N  N3    . DG  B 1 12 ? 4.064   13.622  8.756   1.00 42.34 ? 12  DG  B N3    1 
ATOM   486 C  C4    . DG  B 1 12 ? 5.053   13.159  9.535   1.00 39.45 ? 12  DG  B C4    1 
HETATM 487 CO CO    . 3CO C 2 .  ? -6.226  10.589  -4.739  1.00 81.69 ? 101 3CO B CO    1 
HETATM 488 O  O     . HOH D 3 .  ? 6.480   -0.022  -4.349  1.00 41.82 ? 101 HOH A O     1 
HETATM 489 O  O     . HOH D 3 .  ? -11.795 -4.654  -5.935  1.00 34.41 ? 102 HOH A O     1 
HETATM 490 O  O     . HOH D 3 .  ? 2.122   -0.855  -0.458  1.00 39.59 ? 103 HOH A O     1 
HETATM 491 O  O     . HOH D 3 .  ? -1.465  -3.246  -5.937  1.00 43.65 ? 104 HOH A O     1 
HETATM 492 O  O     . HOH D 3 .  ? -3.336  -11.374 -8.321  1.00 42.81 ? 105 HOH A O     1 
HETATM 493 O  O     . HOH D 3 .  ? -0.644  -6.564  -6.054  1.00 36.56 ? 106 HOH A O     1 
HETATM 494 O  O     . HOH D 3 .  ? 2.444   2.525   0.022   1.00 37.38 ? 107 HOH A O     1 
HETATM 495 O  O     . HOH D 3 .  ? 9.617   6.174   2.408   1.00 36.39 ? 108 HOH A O     1 
HETATM 496 O  O     . HOH D 3 .  ? -3.528  -6.777  -13.057 1.00 44.40 ? 109 HOH A O     1 
HETATM 497 O  O     . HOH D 3 .  ? 13.927  -6.534  -2.176  1.00 37.33 ? 110 HOH A O     1 
HETATM 498 O  O     . HOH D 3 .  ? -11.396 -1.309  -9.862  1.00 31.00 ? 111 HOH A O     1 
HETATM 499 O  O     . HOH D 3 .  ? -9.152  -13.612 -8.720  1.00 40.49 ? 112 HOH A O     1 
HETATM 500 O  O     . HOH D 3 .  ? 7.481   -3.968  -3.049  1.00 31.99 ? 113 HOH A O     1 
HETATM 501 O  O     . HOH D 3 .  ? 6.988   10.276  1.895   1.00 39.85 ? 114 HOH A O     1 
HETATM 502 O  O     . HOH D 3 .  ? 2.912   -9.827  1.959   1.00 32.44 ? 115 HOH A O     1 
HETATM 503 O  O     . HOH D 3 .  ? -6.008  -7.973  -10.707 1.00 34.81 ? 116 HOH A O     1 
HETATM 504 O  O     . HOH D 3 .  ? 11.530  -3.992  -4.779  1.00 37.22 ? 117 HOH A O     1 
HETATM 505 O  O     . HOH D 3 .  ? -2.618  -6.007  -8.133  1.00 34.91 ? 118 HOH A O     1 
HETATM 506 O  O     . HOH D 3 .  ? -7.316  -10.289 -9.451  1.00 38.87 ? 119 HOH A O     1 
HETATM 507 O  O     . HOH D 3 .  ? 12.753  1.034   0.183   1.00 39.10 ? 120 HOH A O     1 
HETATM 508 O  O     . HOH D 3 .  ? -6.426  -11.409 -12.610 1.00 53.55 ? 121 HOH A O     1 
HETATM 509 O  O     . HOH D 3 .  ? 11.601  -4.165  -7.708  0.50 46.52 ? 122 HOH A O     1 
HETATM 510 O  O     . HOH E 3 .  ? -1.434  -3.534  -8.668  1.00 41.60 ? 201 HOH B O     1 
HETATM 511 O  O     . HOH E 3 .  ? 5.924   6.275   11.474  1.00 44.14 ? 202 HOH B O     1 
HETATM 512 O  O     . HOH E 3 .  ? -2.611  0.460   -6.616  1.00 41.37 ? 203 HOH B O     1 
HETATM 513 O  O     . HOH E 3 .  ? -11.159 -0.053  -7.129  1.00 33.23 ? 204 HOH B O     1 
HETATM 514 O  O     . HOH E 3 .  ? 6.920   9.990   12.744  1.00 45.98 ? 205 HOH B O     1 
HETATM 515 O  O     . HOH E 3 .  ? -1.094  -0.257  0.594   1.00 44.05 ? 206 HOH B O     1 
HETATM 516 O  O     . HOH E 3 .  ? -1.690  -1.938  5.309   1.00 38.19 ? 207 HOH B O     1 
HETATM 517 O  O     . HOH E 3 .  ? 4.809   8.417   12.961  1.00 41.41 ? 208 HOH B O     1 
HETATM 518 O  O     . HOH E 3 .  ? -1.467  2.122   -0.742  1.00 48.68 ? 209 HOH B O     1 
# 
loop_
_atom_site_anisotrop.id 
_atom_site_anisotrop.type_symbol 
_atom_site_anisotrop.pdbx_label_atom_id 
_atom_site_anisotrop.pdbx_label_alt_id 
_atom_site_anisotrop.pdbx_label_comp_id 
_atom_site_anisotrop.pdbx_label_asym_id 
_atom_site_anisotrop.pdbx_label_seq_id 
_atom_site_anisotrop.pdbx_PDB_ins_code 
_atom_site_anisotrop.U[1][1] 
_atom_site_anisotrop.U[2][2] 
_atom_site_anisotrop.U[3][3] 
_atom_site_anisotrop.U[1][2] 
_atom_site_anisotrop.U[1][3] 
_atom_site_anisotrop.U[2][3] 
_atom_site_anisotrop.pdbx_auth_seq_id 
_atom_site_anisotrop.pdbx_auth_comp_id 
_atom_site_anisotrop.pdbx_auth_asym_id 
_atom_site_anisotrop.pdbx_auth_atom_id 
1   O "O5'" . DC A 1  ? 0.5537 0.7245 0.6762 0.0579  -0.0340 -0.0449 1  DC A "O5'" 
2   C "C5'" . DC A 1  ? 0.3853 0.5528 0.5069 0.0585  -0.0391 -0.0461 1  DC A "C5'" 
3   C "C4'" . DC A 1  ? 0.4113 0.5668 0.5275 0.0569  -0.0381 -0.0477 1  DC A "C4'" 
4   O "O4'" . DC A 1  ? 0.3227 0.4839 0.4446 0.0591  -0.0348 -0.0502 1  DC A "O4'" 
5   C "C3'" . DC A 1  ? 0.4348 0.5762 0.5414 0.0524  -0.0348 -0.0457 1  DC A "C3'" 
6   O "O3'" . DC A 1  ? 0.4424 0.5739 0.5416 0.0496  -0.0383 -0.0440 1  DC A "O3'" 
7   C "C2'" . DC A 1  ? 0.3628 0.4980 0.4679 0.0522  -0.0322 -0.0480 1  DC A "C2'" 
8   C "C1'" . DC A 1  ? 0.3411 0.4905 0.4566 0.0565  -0.0314 -0.0506 1  DC A "C1'" 
9   N N1    . DC A 1  ? 0.3022 0.4563 0.4207 0.0569  -0.0258 -0.0504 1  DC A N1    
10  C C2    . DC A 1  ? 0.3304 0.4784 0.4467 0.0560  -0.0220 -0.0518 1  DC A C2    
11  O O2    . DC A 1  ? 0.3749 0.5130 0.4867 0.0548  -0.0235 -0.0529 1  DC A O2    
12  N N3    . DC A 1  ? 0.3235 0.4760 0.4425 0.0564  -0.0168 -0.0516 1  DC A N3    
13  C C4    . DC A 1  ? 0.3023 0.4655 0.4263 0.0578  -0.0155 -0.0503 1  DC A C4    
14  N N4    . DC A 1  ? 0.3161 0.4838 0.4429 0.0582  -0.0102 -0.0501 1  DC A N4    
15  C C5    . DC A 1  ? 0.2985 0.4684 0.4250 0.0588  -0.0193 -0.0490 1  DC A C5    
16  C C6    . DC A 1  ? 0.3296 0.4945 0.4529 0.0582  -0.0244 -0.0491 1  DC A C6    
17  P P     . DT A 2  ? 0.4908 0.6099 0.5800 0.0450  -0.0360 -0.0408 2  DT A P     
18  O OP1   . DT A 2  ? 0.5799 0.6927 0.6640 0.0432  -0.0409 -0.0394 2  DT A OP1   
19  O OP2   . DT A 2  ? 0.4941 0.6198 0.5858 0.0451  -0.0319 -0.0392 2  DT A OP2   
20  O "O5'" . DT A 2  ? 0.4118 0.5181 0.4948 0.0427  -0.0329 -0.0419 2  DT A "O5'" 
21  C "C5'" . DT A 2  ? 0.4637 0.5633 0.5447 0.0427  -0.0357 -0.0437 2  DT A "C5'" 
22  C "C4'" . DT A 2  ? 0.4805 0.5695 0.5565 0.0407  -0.0318 -0.0446 2  DT A "C4'" 
23  O "O4'" . DT A 2  ? 0.6407 0.7385 0.7235 0.0433  -0.0279 -0.0464 2  DT A "O4'" 
24  C "C3'" . DT A 2  ? 0.5814 0.6594 0.6486 0.0364  -0.0282 -0.0419 2  DT A "C3'" 
25  O "O3'" . DT A 2  ? 0.4936 0.5569 0.5525 0.0334  -0.0282 -0.0419 2  DT A "O3'" 
26  C "C2'" . DT A 2  ? 0.5804 0.6635 0.6508 0.0372  -0.0224 -0.0419 2  DT A "C2'" 
27  C "C1'" . DT A 2  ? 0.5810 0.6732 0.6596 0.0410  -0.0224 -0.0452 2  DT A "C1'" 
28  N N1    . DT A 2  ? 0.4600 0.5648 0.5463 0.0435  -0.0187 -0.0454 2  DT A N1    
29  C C2    . DT A 2  ? 0.4483 0.5543 0.5369 0.0444  -0.0144 -0.0470 2  DT A C2    
30  O O2    . DT A 2  ? 0.4974 0.5951 0.5827 0.0434  -0.0136 -0.0484 2  DT A O2    
31  N N3    . DT A 2  ? 0.3967 0.5144 0.4920 0.0465  -0.0111 -0.0469 2  DT A N3    
32  C C4    . DT A 2  ? 0.3280 0.4558 0.4276 0.0477  -0.0117 -0.0453 2  DT A C4    
33  O O4    . DT A 2  ? 0.4615 0.5996 0.5673 0.0495  -0.0085 -0.0453 2  DT A O4    
34  C C5    . DT A 2  ? 0.3598 0.4856 0.4566 0.0466  -0.0162 -0.0437 2  DT A C5    
35  C C7    . DT A 2  ? 0.3753 0.5115 0.4763 0.0479  -0.0172 -0.0420 2  DT A C7    
36  C C6    . DT A 2  ? 0.4210 0.5354 0.5112 0.0446  -0.0194 -0.0438 2  DT A C6    
37  P P     . DA A 3  ? 0.5723 0.6225 0.6210 0.0288  -0.0251 -0.0391 3  DA A P     
38  O OP1   . DA A 3  ? 0.4948 0.5330 0.5360 0.0260  -0.0287 -0.0385 3  DA A OP1   
39  O OP2   . DA A 3  ? 0.4770 0.5335 0.5272 0.0286  -0.0233 -0.0368 3  DA A OP2   
40  O "O5'" . DA A 3  ? 0.4401 0.4851 0.4873 0.0282  -0.0197 -0.0403 3  DA A "O5'" 
41  C "C5'" . DA A 3  ? 0.4100 0.4479 0.4553 0.0280  -0.0204 -0.0423 3  DA A "C5'" 
42  C "C4'" . DA A 3  ? 0.4694 0.5059 0.5153 0.0282  -0.0151 -0.0434 3  DA A "C4'" 
43  O "O4'" . DA A 3  ? 0.4200 0.4710 0.4759 0.0322  -0.0137 -0.0452 3  DA A "O4'" 
44  C "C3'" . DA A 3  ? 0.4311 0.4615 0.4715 0.0254  -0.0097 -0.0411 3  DA A "C3'" 
45  O "O3'" . DA A 3  ? 0.4838 0.4985 0.5141 0.0215  -0.0092 -0.0399 3  DA A "O3'" 
46  C "C2'" . DA A 3  ? 0.4186 0.4549 0.4641 0.0274  -0.0052 -0.0426 3  DA A "C2'" 
47  C "C1'" . DA A 3  ? 0.3774 0.4290 0.4334 0.0318  -0.0078 -0.0447 3  DA A "C1'" 
48  N N9    . DA A 3  ? 0.3764 0.4398 0.4381 0.0334  -0.0063 -0.0435 3  DA A N9    
49  C C8    . DA A 3  ? 0.4458 0.5148 0.5089 0.0337  -0.0092 -0.0419 3  DA A C8    
50  N N7    . DA A 3  ? 0.3810 0.4611 0.4499 0.0354  -0.0069 -0.0412 3  DA A N7    
51  C C5    . DA A 3  ? 0.4229 0.5050 0.4944 0.0363  -0.0021 -0.0423 3  DA A C5    
52  C C6    . DA A 3  ? 0.2937 0.3859 0.3712 0.0382  0.0021  -0.0422 3  DA A C6    
53  N N6    . DA A 3  ? 0.3500 0.4528 0.4324 0.0395  0.0023  -0.0409 3  DA A N6    
54  N N1    . DA A 3  ? 0.3521 0.4433 0.4306 0.0386  0.0063  -0.0435 3  DA A N1    
55  C C2    . DA A 3  ? 0.3879 0.4687 0.4617 0.0372  0.0062  -0.0448 3  DA A C2    
56  N N3    . DA A 3  ? 0.4550 0.5257 0.5230 0.0355  0.0023  -0.0450 3  DA A N3    
57  C C4    . DA A 3  ? 0.3626 0.4346 0.4296 0.0351  -0.0017 -0.0437 3  DA A C4    
58  P P     . DC A 4  ? 0.5279 0.5345 0.5505 0.0177  -0.0060 -0.0367 4  DC A P     
59  O OP1   . DC A 4  ? 0.6209 0.6114 0.6337 0.0140  -0.0065 -0.0360 4  DC A OP1   
60  O OP2   . DC A 4  ? 0.4035 0.4183 0.4288 0.0183  -0.0077 -0.0349 4  DC A OP2   
61  O "O5'" . DC A 4  ? 0.4871 0.4968 0.5119 0.0183  0.0004  -0.0366 4  DC A "O5'" 
62  C "C5'" . DC A 4  ? 0.5510 0.5555 0.5746 0.0182  0.0035  -0.0381 4  DC A "C5'" 
63  C "C4'" . DC A 4  ? 0.5459 0.5572 0.5739 0.0194  0.0091  -0.0381 4  DC A "C4'" 
64  O "O4'" . DC A 4  ? 0.4556 0.4830 0.4942 0.0236  0.0079  -0.0397 4  DC A "O4'" 
65  C "C3'" . DC A 4  ? 0.4714 0.4818 0.4962 0.0175  0.0129  -0.0352 4  DC A "C3'" 
66  O "O3'" . DC A 4  ? 0.5332 0.5294 0.5486 0.0138  0.0162  -0.0336 4  DC A "O3'" 
67  C "C2'" . DC A 4  ? 0.4681 0.4909 0.5013 0.0205  0.0168  -0.0359 4  DC A "C2'" 
68  C "C1'" . DC A 4  ? 0.4536 0.4884 0.4957 0.0244  0.0125  -0.0385 4  DC A "C1'" 
69  N N1    . DC A 4  ? 0.4004 0.4461 0.4475 0.0260  0.0103  -0.0375 4  DC A N1    
70  C C2    . DC A 4  ? 0.3322 0.3895 0.3859 0.0280  0.0137  -0.0371 4  DC A C2    
71  O O2    . DC A 4  ? 0.3615 0.4198 0.4168 0.0285  0.0183  -0.0376 4  DC A O2    
72  N N3    . DC A 4  ? 0.3856 0.4529 0.4440 0.0295  0.0117  -0.0361 4  DC A N3    
73  C C4    . DC A 4  ? 0.4130 0.4788 0.4694 0.0288  0.0067  -0.0354 4  DC A C4    
74  N N4    . DC A 4  ? 0.3704 0.4464 0.4314 0.0303  0.0050  -0.0344 4  DC A N4    
75  C C5    . DC A 4  ? 0.3809 0.4349 0.4303 0.0266  0.0032  -0.0357 4  DC A C5    
76  C C6    . DC A 4  ? 0.3869 0.4309 0.4318 0.0252  0.0051  -0.0368 4  DC A C6    
77  P P     . DG A 5  ? 0.5045 0.4950 0.5133 0.0105  0.0184  -0.0302 5  DG A P     
78  O OP1   . DG A 5  ? 0.5808 0.5555 0.5798 0.0068  0.0210  -0.0293 5  DG A OP1   
79  O OP2   . DG A 5  ? 0.4196 0.4142 0.4293 0.0106  0.0138  -0.0292 5  DG A OP2   
80  O "O5'" . DG A 5  ? 0.4254 0.4260 0.4398 0.0122  0.0235  -0.0294 5  DG A "O5'" 
81  C "C5'" . DG A 5  ? 0.4623 0.4630 0.4783 0.0129  0.0284  -0.0302 5  DG A "C5'" 
82  C "C4'" . DG A 5  ? 0.3984 0.4115 0.4215 0.0151  0.0323  -0.0296 5  DG A "C4'" 
83  O "O4'" . DG A 5  ? 0.3813 0.4092 0.4140 0.0188  0.0289  -0.0311 5  DG A "O4'" 
84  C "C3'" . DG A 5  ? 0.3897 0.4017 0.4092 0.0131  0.0347  -0.0265 5  DG A "C3'" 
85  O "O3'" . DG A 5  ? 0.4104 0.4120 0.4232 0.0104  0.0399  -0.0250 5  DG A "O3'" 
86  C "C2'" . DG A 5  ? 0.3475 0.3758 0.3770 0.0165  0.0360  -0.0268 5  DG A "C2'" 
87  C "C1'" . DG A 5  ? 0.3489 0.3867 0.3861 0.0200  0.0312  -0.0296 5  DG A "C1'" 
88  N N9    . DG A 5  ? 0.3364 0.3811 0.3765 0.0210  0.0263  -0.0292 5  DG A N9    
89  C C8    . DG A 5  ? 0.3488 0.3895 0.3865 0.0204  0.0207  -0.0297 5  DG A C8    
90  N N7    . DG A 5  ? 0.3027 0.3519 0.3444 0.0217  0.0173  -0.0291 5  DG A N7    
91  C C5    . DG A 5  ? 0.3453 0.4047 0.3925 0.0233  0.0210  -0.0282 5  DG A C5    
92  C C6    . DG A 5  ? 0.3315 0.4030 0.3847 0.0251  0.0197  -0.0273 5  DG A C6    
93  O O6    . DG A 5  ? 0.3536 0.4292 0.4083 0.0258  0.0149  -0.0271 5  DG A O6    
94  N N1    . DG A 5  ? 0.3644 0.4435 0.4218 0.0263  0.0247  -0.0266 5  DG A N1    
95  C C2    . DG A 5  ? 0.3505 0.4258 0.4066 0.0256  0.0302  -0.0266 5  DG A C2    
96  N N2    . DG A 5  ? 0.2919 0.3761 0.3529 0.0270  0.0345  -0.0257 5  DG A N2    
97  N N3    . DG A 5  ? 0.3051 0.3692 0.3556 0.0240  0.0314  -0.0275 5  DG A N3    
98  C C4    . DG A 5  ? 0.3405 0.3972 0.3868 0.0228  0.0266  -0.0283 5  DG A C4    
99  P P     . DT A 6  ? 0.4725 0.4674 0.4782 0.0071  0.0425  -0.0216 6  DT A P     
100 O OP1   . DT A 6  ? 0.4722 0.4563 0.4717 0.0049  0.0477  -0.0210 6  DT A OP1   
101 O OP2   . DT A 6  ? 0.3942 0.3841 0.3952 0.0052  0.0376  -0.0207 6  DT A OP2   
102 O "O5'" . DT A 6  ? 0.4479 0.4568 0.4611 0.0094  0.0450  -0.0208 6  DT A "O5'" 
103 C "C5'" . DT A 6  ? 0.4698 0.4857 0.4884 0.0113  0.0501  -0.0211 6  DT A "C5'" 
104 C "C4'" . DT A 6  ? 0.4010 0.4278 0.4247 0.0127  0.0522  -0.0195 6  DT A "C4'" 
105 O "O4'" . DT A 6  ? 0.4306 0.4716 0.4635 0.0161  0.0482  -0.0209 6  DT A "O4'" 
106 C "C3'" . DT A 6  ? 0.3722 0.3931 0.3894 0.0097  0.0522  -0.0165 6  DT A "C3'" 
107 O "O3'" . DT A 6  ? 0.4156 0.4273 0.4263 0.0071  0.0577  -0.0146 6  DT A "O3'" 
108 C "C2'" . DT A 6  ? 0.3798 0.4156 0.4053 0.0123  0.0516  -0.0160 6  DT A "C2'" 
109 C "C1'" . DT A 6  ? 0.3812 0.4278 0.4153 0.0160  0.0475  -0.0189 6  DT A "C1'" 
110 N N1    . DT A 6  ? 0.3058 0.3531 0.3398 0.0161  0.0408  -0.0194 6  DT A N1    
111 C C2    . DT A 6  ? 0.3480 0.4075 0.3886 0.0181  0.0383  -0.0190 6  DT A C2    
112 O O2    . DT A 6  ? 0.3022 0.3714 0.3482 0.0197  0.0412  -0.0182 6  DT A O2    
113 N N3    . DT A 6  ? 0.3250 0.3845 0.3650 0.0183  0.0322  -0.0195 6  DT A N3    
114 C C4    . DT A 6  ? 0.3144 0.3636 0.3489 0.0166  0.0284  -0.0205 6  DT A C4    
115 O O4    . DT A 6  ? 0.3133 0.3639 0.3481 0.0170  0.0231  -0.0208 6  DT A O4    
116 C C5    . DT A 6  ? 0.4014 0.4385 0.4295 0.0146  0.0313  -0.0208 6  DT A C5    
117 C C7    . DT A 6  ? 0.3900 0.4152 0.4116 0.0126  0.0276  -0.0219 6  DT A C7    
118 C C6    . DT A 6  ? 0.4706 0.5073 0.4989 0.0144  0.0373  -0.0204 6  DT A C6    
119 P P     . DA A 7  ? 0.4951 0.4929 0.4948 0.0026  0.0579  -0.0120 7  DA A P     
120 O OP1   . DA A 7  ? 0.4600 0.4525 0.4562 0.0011  0.0646  -0.0103 7  DA A OP1   
121 O OP2   . DA A 7  ? 0.4076 0.3948 0.4011 0.0006  0.0533  -0.0127 7  DA A OP2   
122 O "O5'" . DA A 7  ? 0.4175 0.4239 0.4203 0.0032  0.0558  -0.0104 7  DA A "O5'" 
123 C "C5'" . DA A 7  ? 0.4261 0.4271 0.4240 0.0010  0.0511  -0.0094 7  DA A "C5'" 
124 C "C4'" . DA A 7  ? 0.4675 0.4800 0.4706 0.0025  0.0495  -0.0082 7  DA A "C4'" 
125 O "O4'" . DA A 7  ? 0.4546 0.4813 0.4681 0.0065  0.0460  -0.0104 7  DA A "O4'" 
126 C "C3'" . DA A 7  ? 0.4483 0.4555 0.4459 0.0000  0.0454  -0.0065 7  DA A "C3'" 
127 O "O3'" . DA A 7  ? 0.4203 0.4181 0.4099 -0.0035 0.0489  -0.0038 7  DA A "O3'" 
128 C "C2'" . DA A 7  ? 0.4480 0.4709 0.4547 0.0031  0.0427  -0.0066 7  DA A "C2'" 
129 C "C1'" . DA A 7  ? 0.4344 0.4676 0.4502 0.0071  0.0416  -0.0096 7  DA A "C1'" 
130 N N9    . DA A 7  ? 0.3305 0.3643 0.3476 0.0081  0.0355  -0.0114 7  DA A N9    
131 C C8    . DA A 7  ? 0.3192 0.3440 0.3324 0.0072  0.0335  -0.0131 7  DA A C8    
132 N N7    . DA A 7  ? 0.3237 0.3516 0.3394 0.0085  0.0277  -0.0145 7  DA A N7    
133 C C5    . DA A 7  ? 0.3433 0.3833 0.3651 0.0104  0.0257  -0.0137 7  DA A C5    
134 C C6    . DA A 7  ? 0.3345 0.3831 0.3614 0.0125  0.0200  -0.0145 7  DA A C6    
135 N N6    . DA A 7  ? 0.3703 0.4165 0.3970 0.0130  0.0151  -0.0162 7  DA A N6    
136 N N1    . DA A 7  ? 0.3454 0.4050 0.3776 0.0140  0.0195  -0.0133 7  DA A N1    
137 C C2    . DA A 7  ? 0.3025 0.3645 0.3350 0.0135  0.0245  -0.0116 7  DA A C2    
138 N N3    . DA A 7  ? 0.3744 0.4291 0.4025 0.0117  0.0301  -0.0107 7  DA A N3    
139 C C4    . DA A 7  ? 0.3957 0.4396 0.4186 0.0101  0.0304  -0.0119 7  DA A C4    
140 P P     . DC A 8  ? 0.4734 0.4584 0.4530 -0.0076 0.0457  -0.0021 8  DC A P     
141 O OP1   . DC A 8  ? 0.6232 0.5984 0.5949 -0.0109 0.0508  0.0004  8  DC A OP1   
142 O OP2   . DC A 8  ? 0.5071 0.4844 0.4831 -0.0084 0.0416  -0.0038 8  DC A OP2   
143 O "O5'" . DC A 8  ? 0.4156 0.4103 0.3993 -0.0065 0.0412  -0.0012 8  DC A "O5'" 
144 C "C5'" . DC A 8  ? 0.4948 0.4978 0.4820 -0.0058 0.0437  0.0005  8  DC A "C5'" 
145 C "C4'" . DC A 8  ? 0.4507 0.4655 0.4443 -0.0038 0.0388  0.0006  8  DC A "C4'" 
146 O "O4'" . DC A 8  ? 0.4067 0.4329 0.4096 0.0004  0.0361  -0.0021 8  DC A "O4'" 
147 C "C3'" . DC A 8  ? 0.4185 0.4267 0.4063 -0.0061 0.0332  0.0014  8  DC A "C3'" 
148 O "O3'" . DC A 8  ? 0.4458 0.4458 0.4257 -0.0098 0.0345  0.0042  8  DC A "O3'" 
149 C "C2'" . DC A 8  ? 0.4402 0.4633 0.4374 -0.0026 0.0286  0.0004  8  DC A "C2'" 
150 C "C1'" . DC A 8  ? 0.3551 0.3869 0.3607 0.0013  0.0298  -0.0023 8  DC A "C1'" 
151 N N1    . DC A 8  ? 0.3765 0.4055 0.3821 0.0020  0.0257  -0.0046 8  DC A N1    
152 C C2    . DC A 8  ? 0.3724 0.4099 0.3836 0.0043  0.0199  -0.0058 8  DC A C2    
153 O O2    . DC A 8  ? 0.3792 0.4271 0.3954 0.0058  0.0184  -0.0048 8  DC A O2    
154 N N3    . DC A 8  ? 0.3523 0.3863 0.3631 0.0048  0.0160  -0.0077 8  DC A N3    
155 C C4    . DC A 8  ? 0.3748 0.3975 0.3799 0.0031  0.0178  -0.0086 8  DC A C4    
156 N N4    . DC A 8  ? 0.2954 0.3150 0.3003 0.0035  0.0139  -0.0106 8  DC A N4    
157 C C5    . DC A 8  ? 0.3643 0.3781 0.3636 0.0006  0.0237  -0.0074 8  DC A C5    
158 C C6    . DC A 8  ? 0.3552 0.3722 0.3548 0.0002  0.0274  -0.0055 8  DC A C6    
159 P P     . DG A 9  ? 0.4900 0.4765 0.4598 -0.0137 0.0304  0.0052  9  DG A P     
160 O OP1   . DG A 9  ? 0.5064 0.4864 0.4694 -0.0171 0.0330  0.0083  9  DG A OP1   
161 O OP2   . DG A 9  ? 0.4610 0.4373 0.4264 -0.0147 0.0298  0.0036  9  DG A OP2   
162 O "O5'" . DG A 9  ? 0.4093 0.4054 0.3846 -0.0117 0.0237  0.0048  9  DG A "O5'" 
163 C "C5'" . DG A 9  ? 0.4283 0.4334 0.4072 -0.0110 0.0226  0.0064  9  DG A "C5'" 
164 C "C4'" . DG A 9  ? 0.3780 0.3935 0.3635 -0.0084 0.0163  0.0054  9  DG A "C4'" 
165 O "O4'" . DG A 9  ? 0.3853 0.4084 0.3785 -0.0046 0.0155  0.0025  9  DG A "O4'" 
166 C "C3'" . DG A 9  ? 0.4256 0.4325 0.4046 -0.0109 0.0108  0.0058  9  DG A "C3'" 
167 O "O3'" . DG A 9  ? 0.4333 0.4377 0.4077 -0.0135 0.0094  0.0085  9  DG A "O3'" 
168 C "C2'" . DG A 9  ? 0.3864 0.4048 0.3742 -0.0069 0.0058  0.0036  9  DG A "C2'" 
169 C "C1'" . DG A 9  ? 0.3969 0.4224 0.3920 -0.0036 0.0092  0.0013  9  DG A "C1'" 
170 N N9    . DG A 9  ? 0.3144 0.3329 0.3075 -0.0036 0.0085  -0.0009 9  DG A N9    
171 C C8    . DG A 9  ? 0.3465 0.3549 0.3347 -0.0053 0.0127  -0.0015 9  DG A C8    
172 N N7    . DG A 9  ? 0.3599 0.3640 0.3474 -0.0047 0.0106  -0.0036 9  DG A N7    
173 C C5    . DG A 9  ? 0.3460 0.3579 0.3386 -0.0027 0.0047  -0.0045 9  DG A C5    
174 C C6    . DG A 9  ? 0.3497 0.3612 0.3439 -0.0013 0.0001  -0.0066 9  DG A C6    
175 O O6    . DG A 9  ? 0.3784 0.3829 0.3702 -0.0017 0.0005  -0.0083 9  DG A O6    
176 N N1    . DG A 9  ? 0.3773 0.3982 0.3767 0.0007  -0.0051 -0.0067 9  DG A N1    
177 C C2    . DG A 9  ? 0.3520 0.3816 0.3546 0.0013  -0.0060 -0.0049 9  DG A C2    
178 N N2    . DG A 9  ? 0.3426 0.3804 0.3498 0.0032  -0.0113 -0.0052 9  DG A N2    
179 N N3    . DG A 9  ? 0.3421 0.3717 0.3430 0.0000  -0.0018 -0.0029 9  DG A N3    
180 C C4    . DG A 9  ? 0.3343 0.3548 0.3301 -0.0020 0.0034  -0.0028 9  DG A C4    
181 P P     . DT A 10 ? 0.4303 0.4201 0.3938 -0.0180 0.0062  0.0099  10 DT A P     
182 O OP1   . DT A 10 ? 0.4337 0.4218 0.3928 -0.0205 0.0068  0.0129  10 DT A OP1   
183 O OP2   . DT A 10 ? 0.4438 0.4203 0.4004 -0.0201 0.0086  0.0090  10 DT A OP2   
184 O "O5'" . DT A 10 ? 0.3726 0.3680 0.3400 -0.0161 -0.0008 0.0087  10 DT A "O5'" 
185 C "C5'" . DT A 10 ? 0.3822 0.3901 0.3561 -0.0139 -0.0043 0.0093  10 DT A "C5'" 
186 C "C4'" . DT A 10 ? 0.4238 0.4352 0.4008 -0.0122 -0.0108 0.0080  10 DT A "C4'" 
187 O "O4'" . DT A 10 ? 0.3715 0.3891 0.3557 -0.0085 -0.0105 0.0049  10 DT A "O4'" 
188 C "C3'" . DT A 10 ? 0.4754 0.4729 0.4432 -0.0158 -0.0138 0.0083  10 DT A "C3'" 
189 O "O3'" . DT A 10 ? 0.4847 0.4777 0.4466 -0.0189 -0.0164 0.0110  10 DT A "O3'" 
190 C "C2'" . DT A 10 ? 0.3702 0.3738 0.3440 -0.0126 -0.0186 0.0060  10 DT A "C2'" 
191 C "C1'" . DT A 10 ? 0.3851 0.3979 0.3675 -0.0087 -0.0151 0.0036  10 DT A "C1'" 
192 N N1    . DT A 10 ? 0.3409 0.3447 0.3200 -0.0094 -0.0122 0.0019  10 DT A N1    
193 C C2    . DT A 10 ? 0.3802 0.3837 0.3614 -0.0078 -0.0154 -0.0005 10 DT A C2    
194 O O2    . DT A 10 ? 0.3834 0.3932 0.3687 -0.0059 -0.0205 -0.0011 10 DT A O2    
195 N N3    . DT A 10 ? 0.3437 0.3388 0.3219 -0.0085 -0.0124 -0.0020 10 DT A N3    
196 C C4    . DT A 10 ? 0.3777 0.3653 0.3512 -0.0105 -0.0066 -0.0014 10 DT A C4    
197 O O4    . DT A 10 ? 0.4194 0.4001 0.3907 -0.0108 -0.0044 -0.0029 10 DT A O4    
198 C C5    . DT A 10 ? 0.3250 0.3134 0.2966 -0.0121 -0.0034 0.0010  10 DT A C5    
199 C C7    . DT A 10 ? 0.3684 0.3487 0.3348 -0.0142 0.0031  0.0019  10 DT A C7    
200 C C6    . DT A 10 ? 0.3612 0.3575 0.3356 -0.0114 -0.0063 0.0025  10 DT A C6    
201 P P     . DA A 11 ? 0.5300 0.5052 0.4793 -0.0241 -0.0167 0.0124  11 DA A P     
202 O OP1   . DA A 11 ? 0.5987 0.5732 0.5442 -0.0264 -0.0202 0.0151  11 DA A OP1   
203 O OP2   . DA A 11 ? 0.4729 0.4383 0.4166 -0.0263 -0.0106 0.0125  11 DA A OP2   
204 O "O5'" . DA A 11 ? 0.5399 0.5111 0.4890 -0.0234 -0.0208 0.0102  11 DA A "O5'" 
205 C "C5'" . DA A 11 ? 0.5677 0.5443 0.5196 -0.0223 -0.0270 0.0103  11 DA A "C5'" 
206 C "C4'" . DA A 11 ? 0.5320 0.5054 0.4845 -0.0212 -0.0301 0.0080  11 DA A "C4'" 
207 O "O4'" . DA A 11 ? 0.4839 0.4644 0.4440 -0.0174 -0.0278 0.0052  11 DA A "O4'" 
208 C "C3'" . DA A 11 ? 0.5920 0.5487 0.5342 -0.0252 -0.0293 0.0081  11 DA A "C3'" 
209 O "O3'" . DA A 11 ? 0.5021 0.4511 0.4370 -0.0288 -0.0330 0.0103  11 DA A "O3'" 
210 C "C2'" . DA A 11 ? 0.4350 0.3933 0.3817 -0.0225 -0.0312 0.0051  11 DA A "C2'" 
211 C "C1'" . DA A 11 ? 0.3628 0.3349 0.3200 -0.0179 -0.0285 0.0033  11 DA A "C1'" 
212 N N9    . DA A 11 ? 0.4263 0.3935 0.3822 -0.0182 -0.0227 0.0022  11 DA A N9    
213 C C8    . DA A 11 ? 0.3975 0.3630 0.3514 -0.0193 -0.0172 0.0034  11 DA A C8    
214 N N7    . DA A 11 ? 0.4423 0.4024 0.3948 -0.0195 -0.0128 0.0021  11 DA A N7    
215 C C5    . DA A 11 ? 0.3696 0.3276 0.3232 -0.0184 -0.0158 -0.0001 11 DA A C5    
216 C C6    . DA A 11 ? 0.3778 0.3303 0.3306 -0.0179 -0.0138 -0.0022 11 DA A C6    
217 N N6    . DA A 11 ? 0.3635 0.3117 0.3144 -0.0185 -0.0080 -0.0024 11 DA A N6    
218 N N1    . DA A 11 ? 0.4318 0.3838 0.3862 -0.0167 -0.0179 -0.0041 11 DA A N1    
219 C C2    . DA A 11 ? 0.4276 0.3841 0.3840 -0.0160 -0.0235 -0.0038 11 DA A C2    
220 N N3    . DA A 11 ? 0.3336 0.2952 0.2906 -0.0164 -0.0260 -0.0018 11 DA A N3    
221 C C4    . DA A 11 ? 0.3736 0.3360 0.3293 -0.0175 -0.0218 -0.0001 11 DA A C4    
222 P P     . DG A 12 ? 0.5288 0.4596 0.4513 -0.0340 -0.0317 0.0115  12 DG A P     
223 O OP1   . DG A 12 ? 0.5268 0.4538 0.4444 -0.0367 -0.0367 0.0135  12 DG A OP1   
224 O OP2   . DG A 12 ? 0.4482 0.3724 0.3661 -0.0361 -0.0254 0.0122  12 DG A OP2   
225 O "O5'" . DG A 12 ? 0.4678 0.3938 0.3906 -0.0330 -0.0327 0.0088  12 DG A "O5'" 
226 C "C5'" . DG A 12 ? 0.5365 0.4656 0.4623 -0.0315 -0.0384 0.0078  12 DG A "C5'" 
227 C "C4'" . DG A 12 ? 0.4711 0.3950 0.3969 -0.0306 -0.0382 0.0051  12 DG A "C4'" 
228 O "O4'" . DG A 12 ? 0.4966 0.4277 0.4293 -0.0272 -0.0341 0.0031  12 DG A "O4'" 
229 C "C3'" . DG A 12 ? 0.4622 0.3695 0.3776 -0.0348 -0.0357 0.0056  12 DG A "C3'" 
230 O "O3'" . DG A 12 ? 0.4642 0.3629 0.3730 -0.0378 -0.0400 0.0068  12 DG A "O3'" 
231 C "C2'" . DG A 12 ? 0.4628 0.3701 0.3819 -0.0324 -0.0338 0.0026  12 DG A "C2'" 
232 C "C1'" . DG A 12 ? 0.3592 0.2814 0.2887 -0.0279 -0.0317 0.0014  12 DG A "C1'" 
233 N N9    . DG A 12 ? 0.3944 0.3148 0.3231 -0.0283 -0.0253 0.0015  12 DG A N9    
234 C C8    . DG A 12 ? 0.4179 0.3388 0.3445 -0.0297 -0.0216 0.0035  12 DG A C8    
235 N N7    . DG A 12 ? 0.4141 0.3329 0.3404 -0.0296 -0.0160 0.0030  12 DG A N7    
236 C C5    . DG A 12 ? 0.4352 0.3518 0.3633 -0.0281 -0.0159 0.0004  12 DG A C5    
237 C C6    . DG A 12 ? 0.4519 0.3658 0.3806 -0.0273 -0.0111 -0.0011 12 DG A C6    
238 O O6    . DG A 12 ? 0.4721 0.3846 0.3996 -0.0279 -0.0057 -0.0005 12 DG A O6    
239 N N1    . DG A 12 ? 0.4621 0.3744 0.3926 -0.0259 -0.0130 -0.0036 12 DG A N1    
240 C C2    . DG A 12 ? 0.4172 0.3306 0.3491 -0.0250 -0.0189 -0.0045 12 DG A C2    
241 N N2    . DG A 12 ? 0.4284 0.3401 0.3621 -0.0236 -0.0198 -0.0069 12 DG A N2    
242 N N3    . DG A 12 ? 0.4559 0.3721 0.3874 -0.0257 -0.0234 -0.0030 12 DG A N3    
243 C C4    . DG A 12 ? 0.3887 0.3064 0.3184 -0.0272 -0.0216 -0.0005 12 DG A C4    
244 O "O5'" . DC B 1  ? 0.8509 0.6864 0.8481 -0.0757 -0.0364 0.0145  1  DC B "O5'" 
245 C "C5'" . DC B 1  ? 0.6474 0.4831 0.6463 -0.0787 -0.0448 0.0110  1  DC B "C5'" 
246 C "C4'" . DC B 1  ? 0.5912 0.4261 0.5926 -0.0793 -0.0521 0.0080  1  DC B "C4'" 
247 O "O4'" . DC B 1  ? 0.6125 0.4503 0.6085 -0.0823 -0.0445 0.0141  1  DC B "O4'" 
248 C "C3'" . DC B 1  ? 0.6454 0.4943 0.6516 -0.0768 -0.0572 0.0019  1  DC B "C3'" 
249 O "O3'" . DC B 1  ? 0.5255 0.3794 0.5401 -0.0687 -0.0649 -0.0071 1  DC B "O3'" 
250 C "C2'" . DC B 1  ? 0.5381 0.3878 0.5429 -0.0793 -0.0587 0.0031  1  DC B "C2'" 
251 C "C1'" . DC B 1  ? 0.6021 0.4418 0.5986 -0.0860 -0.0502 0.0127  1  DC B "C1'" 
252 N N1    . DC B 1  ? 0.6524 0.4988 0.6425 -0.0918 -0.0429 0.0185  1  DC B N1    
253 C C2    . DC B 1  ? 0.4791 0.3372 0.4691 -0.0920 -0.0430 0.0176  1  DC B C2    
254 O O2    . DC B 1  ? 0.4926 0.3531 0.4877 -0.0883 -0.0500 0.0121  1  DC B O2    
255 N N3    . DC B 1  ? 0.4944 0.3621 0.4786 -0.0955 -0.0347 0.0226  1  DC B N3    
256 C C4    . DC B 1  ? 0.5568 0.4218 0.5358 -0.0993 -0.0272 0.0284  1  DC B C4    
257 N N4    . DC B 1  ? 0.5604 0.4356 0.5340 -0.1027 -0.0192 0.0332  1  DC B N4    
258 C C5    . DC B 1  ? 0.6213 0.4794 0.6019 -0.0957 -0.0258 0.0283  1  DC B C5    
259 C C6    . DC B 1  ? 0.5831 0.4330 0.5691 -0.0918 -0.0333 0.0232  1  DC B C6    
260 P P     . DT B 2  ? 0.5919 0.4702 0.6122 -0.0604 -0.0651 -0.0146 2  DT B P     
261 O OP1   . DT B 2  ? 0.7638 0.6420 0.7922 -0.0532 -0.0727 -0.0226 2  DT B OP1   
262 O OP2   . DT B 2  ? 0.5941 0.4802 0.6085 -0.0633 -0.0555 -0.0092 2  DT B OP2   
263 O "O5'" . DT B 2  ? 0.5982 0.4897 0.6211 -0.0580 -0.0682 -0.0182 2  DT B "O5'" 
264 C "C5'" . DT B 2  ? 0.5983 0.4822 0.6251 -0.0567 -0.0765 -0.0219 2  DT B "C5'" 
265 C "C4'" . DT B 2  ? 0.5165 0.4123 0.5435 -0.0562 -0.0771 -0.0233 2  DT B "C4'" 
266 O "O4'" . DT B 2  ? 0.5692 0.4588 0.5879 -0.0646 -0.0701 -0.0143 2  DT B "O4'" 
267 C "C3'" . DT B 2  ? 0.5059 0.4264 0.5358 -0.0504 -0.0750 -0.0280 2  DT B "C3'" 
268 O "O3'" . DT B 2  ? 0.5819 0.5123 0.6208 -0.0417 -0.0827 -0.0378 2  DT B "O3'" 
269 C "C2'" . DT B 2  ? 0.4406 0.3666 0.4667 -0.0540 -0.0725 -0.0249 2  DT B "C2'" 
270 C "C1'" . DT B 2  ? 0.4859 0.3934 0.5036 -0.0637 -0.0669 -0.0148 2  DT B "C1'" 
271 N N1    . DT B 2  ? 0.4038 0.3162 0.4144 -0.0683 -0.0566 -0.0077 2  DT B N1    
272 C C2    . DT B 2  ? 0.4140 0.3380 0.4207 -0.0707 -0.0515 -0.0047 2  DT B C2    
273 O O2    . DT B 2  ? 0.3426 0.2736 0.3514 -0.0690 -0.0549 -0.0078 2  DT B O2    
274 N N3    . DT B 2  ? 0.3748 0.3021 0.3751 -0.0751 -0.0422 0.0018  2  DT B N3    
275 C C4    . DT B 2  ? 0.4623 0.3825 0.4596 -0.0773 -0.0375 0.0056  2  DT B C4    
276 O O4    . DT B 2  ? 0.4666 0.3905 0.4580 -0.0812 -0.0290 0.0114  2  DT B O4    
277 C C5    . DT B 2  ? 0.4912 0.3992 0.4927 -0.0746 -0.0433 0.0022  2  DT B C5    
278 C C7    . DT B 2  ? 0.4172 0.3164 0.4158 -0.0767 -0.0390 0.0059  2  DT B C7    
279 C C6    . DT B 2  ? 0.4562 0.3610 0.4642 -0.0703 -0.0525 -0.0043 2  DT B C6    
280 P P     . DA B 3  ? 0.6010 0.5536 0.6442 -0.0343 -0.0813 -0.0436 3  DA B P     
281 O OP1   . DA B 3  ? 0.6595 0.6169 0.7121 -0.0259 -0.0904 -0.0535 3  DA B OP1   
282 O OP2   . DA B 3  ? 0.6006 0.5519 0.6387 -0.0375 -0.0731 -0.0381 3  DA B OP2   
283 O "O5'" . DA B 3  ? 0.4969 0.4681 0.5390 -0.0336 -0.0783 -0.0440 3  DA B "O5'" 
284 C "C5'" . DA B 3  ? 0.4283 0.4021 0.4733 -0.0319 -0.0842 -0.0477 3  DA B "C5'" 
285 C "C4'" . DA B 3  ? 0.4807 0.4694 0.5221 -0.0335 -0.0792 -0.0453 3  DA B "C4'" 
286 O "O4'" . DA B 3  ? 0.4585 0.4360 0.4909 -0.0427 -0.0720 -0.0355 3  DA B "O4'" 
287 C "C3'" . DA B 3  ? 0.4966 0.5055 0.5384 -0.0298 -0.0738 -0.0469 3  DA B "C3'" 
288 O "O3'" . DA B 3  ? 0.5542 0.5790 0.6040 -0.0211 -0.0797 -0.0561 3  DA B "O3'" 
289 C "C2'" . DA B 3  ? 0.4982 0.5138 0.5337 -0.0349 -0.0671 -0.0409 3  DA B "C2'" 
290 C "C1'" . DA B 3  ? 0.3955 0.3888 0.4239 -0.0440 -0.0644 -0.0324 3  DA B "C1'" 
291 N N9    . DA B 3  ? 0.3789 0.3659 0.4010 -0.0493 -0.0560 -0.0250 3  DA B N9    
292 C C8    . DA B 3  ? 0.4060 0.3798 0.4274 -0.0506 -0.0555 -0.0232 3  DA B C8    
293 N N7    . DA B 3  ? 0.3590 0.3301 0.3739 -0.0559 -0.0469 -0.0159 3  DA B N7    
294 C C5    . DA B 3  ? 0.3939 0.3766 0.4048 -0.0583 -0.0415 -0.0127 3  DA B C5    
295 C C6    . DA B 3  ? 0.3909 0.3769 0.3945 -0.0640 -0.0318 -0.0051 3  DA B C6    
296 N N6    . DA B 3  ? 0.3804 0.3578 0.3793 -0.0682 -0.0258 0.0008  3  DA B N6    
297 N N1    . DA B 3  ? 0.3830 0.3820 0.3845 -0.0649 -0.0285 -0.0038 3  DA B N1    
298 C C2    . DA B 3  ? 0.3874 0.3950 0.3936 -0.0607 -0.0347 -0.0097 3  DA B C2    
299 N N3    . DA B 3  ? 0.4441 0.4496 0.4573 -0.0552 -0.0440 -0.0171 3  DA B N3    
300 C C4    . DA B 3  ? 0.3929 0.3857 0.4082 -0.0544 -0.0469 -0.0181 3  DA B C4    
301 P P     . DC B 4  ? 0.5412 0.5821 0.5947 -0.0150 -0.0775 -0.0603 4  DC B P     
302 O OP1   . DC B 4  ? 0.5932 0.6470 0.6557 -0.0060 -0.0859 -0.0706 4  DC B OP1   
303 O OP2   . DC B 4  ? 0.4748 0.5023 0.5260 -0.0176 -0.0746 -0.0566 4  DC B OP2   
304 O "O5'" . DC B 4  ? 0.4773 0.5340 0.5256 -0.0173 -0.0685 -0.0558 4  DC B "O5'" 
305 C "C5'" . DC B 4  ? 0.4730 0.5432 0.5215 -0.0163 -0.0690 -0.0574 4  DC B "C5'" 
306 C "C4'" . DC B 4  ? 0.4823 0.5608 0.5235 -0.0214 -0.0592 -0.0503 4  DC B "C4'" 
307 O "O4'" . DC B 4  ? 0.4653 0.5251 0.4984 -0.0308 -0.0540 -0.0408 4  DC B "O4'" 
308 C "C3'" . DC B 4  ? 0.4938 0.5841 0.5342 -0.0197 -0.0526 -0.0493 4  DC B "C3'" 
309 O "O3'" . DC B 4  ? 0.4847 0.5972 0.5311 -0.0117 -0.0546 -0.0566 4  DC B "O3'" 
310 C "C2'" . DC B 4  ? 0.4680 0.5572 0.4995 -0.0275 -0.0432 -0.0400 4  DC B "C2'" 
311 C "C1'" . DC B 4  ? 0.4896 0.5551 0.5166 -0.0347 -0.0442 -0.0343 4  DC B "C1'" 
312 N N1    . DC B 4  ? 0.4467 0.4963 0.4699 -0.0391 -0.0405 -0.0291 4  DC B N1    
313 C C2    . DC B 4  ? 0.4799 0.5275 0.4954 -0.0455 -0.0309 -0.0206 4  DC B C2    
314 O O2    . DC B 4  ? 0.4644 0.5234 0.4764 -0.0475 -0.0257 -0.0176 4  DC B O2    
315 N N3    . DC B 4  ? 0.4303 0.4638 0.4424 -0.0493 -0.0276 -0.0160 4  DC B N3    
316 C C4    . DC B 4  ? 0.4093 0.4310 0.4256 -0.0469 -0.0334 -0.0194 4  DC B C4    
317 N N4    . DC B 4  ? 0.4096 0.4173 0.4220 -0.0508 -0.0298 -0.0146 4  DC B N4    
318 C C5    . DC B 4  ? 0.3779 0.4015 0.4020 -0.0403 -0.0433 -0.0281 4  DC B C5    
319 C C6    . DC B 4  ? 0.4001 0.4376 0.4274 -0.0366 -0.0464 -0.0326 4  DC B C6    
320 P P     . DG B 5  ? 0.5364 0.6612 0.5852 -0.0072 -0.0509 -0.0588 5  DG B P     
321 O OP1   . DG B 5  ? 0.6135 0.7610 0.6692 0.0011  -0.0546 -0.0670 5  DG B OP1   
322 O OP2   . DG B 5  ? 0.4588 0.5681 0.5086 -0.0075 -0.0527 -0.0588 5  DG B OP2   
323 O "O5'" . DG B 5  ? 0.4058 0.5346 0.4465 -0.0134 -0.0397 -0.0500 5  DG B "O5'" 
324 C "C5'" . DG B 5  ? 0.4692 0.6130 0.5076 -0.0140 -0.0358 -0.0487 5  DG B "C5'" 
325 C "C4'" . DG B 5  ? 0.4426 0.5890 0.4736 -0.0198 -0.0251 -0.0405 5  DG B "C4'" 
326 O "O4'" . DG B 5  ? 0.4450 0.5705 0.4685 -0.0289 -0.0213 -0.0317 5  DG B "O4'" 
327 C "C3'" . DG B 5  ? 0.4371 0.5886 0.4688 -0.0174 -0.0210 -0.0406 5  DG B "C3'" 
328 O "O3'" . DG B 5  ? 0.4622 0.6371 0.4992 -0.0099 -0.0212 -0.0467 5  DG B "O3'" 
329 C "C2'" . DG B 5  ? 0.4657 0.6100 0.4883 -0.0259 -0.0110 -0.0303 5  DG B "C2'" 
330 C "C1'" . DG B 5  ? 0.3976 0.5203 0.4158 -0.0328 -0.0130 -0.0254 5  DG B "C1'" 
331 N N9    . DG B 5  ? 0.3853 0.4876 0.4025 -0.0354 -0.0145 -0.0234 5  DG B N9    
332 C C8    . DG B 5  ? 0.4282 0.5191 0.4504 -0.0325 -0.0230 -0.0285 5  DG B C8    
333 N N7    . DG B 5  ? 0.4447 0.5181 0.4645 -0.0359 -0.0223 -0.0250 5  DG B N7    
334 C C5    . DG B 5  ? 0.4293 0.5025 0.4421 -0.0415 -0.0126 -0.0172 5  DG B C5    
335 C C6    . DG B 5  ? 0.3563 0.4144 0.3637 -0.0470 -0.0075 -0.0108 5  DG B C6    
336 O O6    . DG B 5  ? 0.3868 0.4280 0.3947 -0.0481 -0.0107 -0.0104 5  DG B O6    
337 N N1    . DG B 5  ? 0.3345 0.3983 0.3355 -0.0514 0.0021  -0.0040 5  DG B N1    
338 C C2    . DG B 5  ? 0.3431 0.4251 0.3431 -0.0507 0.0063  -0.0035 5  DG B C2    
339 N N2    . DG B 5  ? 0.3387 0.4236 0.3322 -0.0558 0.0158  0.0037  5  DG B N2    
340 N N3    . DG B 5  ? 0.4210 0.5174 0.4260 -0.0457 0.0017  -0.0095 5  DG B N3    
341 C C4    . DG B 5  ? 0.3622 0.4530 0.3734 -0.0413 -0.0077 -0.0162 5  DG B C4    
342 P P     . DT B 6  ? 0.4521 0.6353 0.4938 -0.0040 -0.0207 -0.0510 6  DT B P     
343 O OP1   . DT B 6  ? 0.5109 0.7194 0.5563 0.0020  -0.0198 -0.0557 6  DT B OP1   
344 O OP2   . DT B 6  ? 0.4807 0.6520 0.5276 -0.0006 -0.0283 -0.0561 6  DT B OP2   
345 O "O5'" . DT B 6  ? 0.3593 0.5354 0.3933 -0.0107 -0.0107 -0.0420 6  DT B "O5'" 
346 C "C5'" . DT B 6  ? 0.3511 0.5382 0.3799 -0.0141 -0.0025 -0.0367 6  DT B "C5'" 
347 C "C4'" . DT B 6  ? 0.3238 0.5023 0.3458 -0.0201 0.0062  -0.0287 6  DT B "C4'" 
348 O "O4'" . DT B 6  ? 0.3208 0.4753 0.3372 -0.0276 0.0064  -0.0225 6  DT B "O4'" 
349 C "C3'" . DT B 6  ? 0.3129 0.4926 0.3381 -0.0160 0.0064  -0.0315 6  DT B "C3'" 
350 O "O3'" . DT B 6  ? 0.3216 0.5233 0.3497 -0.0108 0.0097  -0.0347 6  DT B "O3'" 
351 C "C2'" . DT B 6  ? 0.4194 0.5816 0.4367 -0.0242 0.0134  -0.0225 6  DT B "C2'" 
352 C "C1'" . DT B 6  ? 0.3797 0.5235 0.3929 -0.0305 0.0108  -0.0184 6  DT B "C1'" 
353 N N1    . DT B 6  ? 0.3150 0.4396 0.3304 -0.0306 0.0043  -0.0203 6  DT B N1    
354 C C2    . DT B 6  ? 0.3880 0.4950 0.3983 -0.0362 0.0081  -0.0141 6  DT B C2    
355 O O2    . DT B 6  ? 0.3423 0.4490 0.3466 -0.0410 0.0165  -0.0074 6  DT B O2    
356 N N3    . DT B 6  ? 0.3606 0.4505 0.3732 -0.0359 0.0015  -0.0164 6  DT B N3    
357 C C4    . DT B 6  ? 0.3706 0.4595 0.3903 -0.0307 -0.0082 -0.0239 6  DT B C4    
358 O O4    . DT B 6  ? 0.4109 0.4834 0.4323 -0.0309 -0.0136 -0.0252 6  DT B O4    
359 C C5    . DT B 6  ? 0.3536 0.4615 0.3784 -0.0249 -0.0117 -0.0301 6  DT B C5    
360 C C7    . DT B 6  ? 0.3668 0.4752 0.3992 -0.0190 -0.0221 -0.0384 6  DT B C7    
361 C C6    . DT B 6  ? 0.3144 0.4391 0.3367 -0.0251 -0.0054 -0.0280 6  DT B C6    
362 P P     . DA B 7  ? 0.4113 0.6218 0.4468 -0.0025 0.0064  -0.0422 7  DA B P     
363 O OP1   . DA B 7  ? 0.4393 0.6743 0.4768 0.0020  0.0103  -0.0446 7  DA B OP1   
364 O OP2   . DA B 7  ? 0.3743 0.5773 0.4164 0.0020  -0.0038 -0.0494 7  DA B OP2   
365 O "O5'" . DA B 7  ? 0.3327 0.5295 0.3634 -0.0070 0.0121  -0.0364 7  DA B "O5'" 
366 C "C5'" . DA B 7  ? 0.3887 0.5904 0.4130 -0.0114 0.0219  -0.0296 7  DA B "C5'" 
367 C "C4'" . DA B 7  ? 0.3568 0.5419 0.3762 -0.0164 0.0265  -0.0237 7  DA B "C4'" 
368 O "O4'" . DA B 7  ? 0.4408 0.6030 0.4551 -0.0236 0.0252  -0.0183 7  DA B "O4'" 
369 C "C3'" . DA B 7  ? 0.4733 0.6554 0.4979 -0.0111 0.0224  -0.0291 7  DA B "C3'" 
370 O "O3'" . DA B 7  ? 0.4890 0.6896 0.5166 -0.0058 0.0260  -0.0321 7  DA B "O3'" 
371 C "C2'" . DA B 7  ? 0.4080 0.5673 0.4262 -0.0185 0.0259  -0.0218 7  DA B "C2'" 
372 C "C1'" . DA B 7  ? 0.4578 0.6035 0.4708 -0.0253 0.0251  -0.0167 7  DA B "C1'" 
373 N N9    . DA B 7  ? 0.4228 0.5531 0.4393 -0.0245 0.0164  -0.0202 7  DA B N9    
374 C C8    . DA B 7  ? 0.3955 0.5303 0.4182 -0.0196 0.0079  -0.0272 7  DA B C8    
375 N N7    . DA B 7  ? 0.3980 0.5157 0.4224 -0.0201 0.0012  -0.0289 7  DA B N7    
376 C C5    . DA B 7  ? 0.3638 0.4648 0.3830 -0.0256 0.0055  -0.0226 7  DA B C5    
377 C C6    . DA B 7  ? 0.3601 0.4389 0.3780 -0.0287 0.0022  -0.0210 7  DA B C6    
378 N N6    . DA B 7  ? 0.3116 0.3811 0.3340 -0.0267 -0.0066 -0.0255 7  DA B N6    
379 N N1    . DA B 7  ? 0.3331 0.3999 0.3450 -0.0341 0.0082  -0.0143 7  DA B N1    
380 C C2    . DA B 7  ? 0.4080 0.4842 0.4154 -0.0362 0.0172  -0.0096 7  DA B C2    
381 N N3    . DA B 7  ? 0.4386 0.5356 0.4466 -0.0337 0.0211  -0.0106 7  DA B N3    
382 C C4    . DA B 7  ? 0.4074 0.5160 0.4214 -0.0284 0.0148  -0.0173 7  DA B C4    
383 P P     . DC B 8  ? 0.5692 0.7781 0.6060 0.0037  0.0196  -0.0418 8  DC B P     
384 O OP1   . DC B 8  ? 0.6255 0.8521 0.6630 0.0068  0.0258  -0.0422 8  DC B OP1   
385 O OP2   . DC B 8  ? 0.4784 0.6915 0.5220 0.0089  0.0101  -0.0494 8  DC B OP2   
386 O "O5'" . DC B 8  ? 0.5865 0.7731 0.6221 0.0011  0.0175  -0.0403 8  DC B "O5'" 
387 C "C5'" . DC B 8  ? 0.5237 0.7074 0.5563 -0.0004 0.0235  -0.0369 8  DC B "C5'" 
388 C "C4'" . DC B 8  ? 0.5033 0.6627 0.5333 -0.0044 0.0215  -0.0341 8  DC B "C4'" 
389 O "O4'" . DC B 8  ? 0.5025 0.6452 0.5283 -0.0108 0.0195  -0.0297 8  DC B "O4'" 
390 C "C3'" . DC B 8  ? 0.4853 0.6407 0.5232 0.0021  0.0127  -0.0423 8  DC B "C3'" 
391 O "O3'" . DC B 8  ? 0.4840 0.6491 0.5255 0.0076  0.0142  -0.0460 8  DC B "O3'" 
392 C "C2'" . DC B 8  ? 0.3743 0.5034 0.4077 -0.0043 0.0112  -0.0373 8  DC B "C2'" 
393 C "C1'" . DC B 8  ? 0.4505 0.5737 0.4777 -0.0114 0.0137  -0.0309 8  DC B "C1'" 
394 N N1    . DC B 8  ? 0.4287 0.5463 0.4597 -0.0099 0.0051  -0.0351 8  DC B N1    
395 C C2    . DC B 8  ? 0.3051 0.4005 0.3352 -0.0133 0.0006  -0.0335 8  DC B C2    
396 O O2    . DC B 8  ? 0.3438 0.4250 0.3692 -0.0176 0.0042  -0.0287 8  DC B O2    
397 N N3    . DC B 8  ? 0.3365 0.4264 0.3703 -0.0118 -0.0075 -0.0375 8  DC B N3    
398 C C4    . DC B 8  ? 0.3785 0.4844 0.4169 -0.0073 -0.0110 -0.0427 8  DC B C4    
399 N N4    . DC B 8  ? 0.3916 0.4912 0.4335 -0.0061 -0.0189 -0.0463 8  DC B N4    
400 C C5    . DC B 8  ? 0.3708 0.4998 0.4104 -0.0036 -0.0066 -0.0444 8  DC B C5    
401 C C6    . DC B 8  ? 0.4240 0.5582 0.4601 -0.0051 0.0014  -0.0405 8  DC B C6    
402 P P     . DG B 9  ? 0.5052 0.6744 0.5568 0.0167  0.0049  -0.0565 9  DG B P     
403 O OP1   . DG B 9  ? 0.6371 0.8197 0.6912 0.0213  0.0088  -0.0590 9  DG B OP1   
404 O OP2   . DG B 9  ? 0.4502 0.6281 0.5077 0.0212  -0.0026 -0.0629 9  DG B OP2   
405 O "O5'" . DG B 9  ? 0.4759 0.6193 0.5263 0.0134  0.0001  -0.0552 9  DG B "O5'" 
406 C "C5'" . DG B 9  ? 0.4416 0.5720 0.4877 0.0096  0.0046  -0.0504 9  DG B "C5'" 
407 C "C4'" . DG B 9  ? 0.3582 0.4629 0.4016 0.0044  0.0009  -0.0473 9  DG B "C4'" 
408 O "O4'" . DG B 9  ? 0.3318 0.4288 0.3713 -0.0009 -0.0002 -0.0435 9  DG B "O4'" 
409 C "C3'" . DG B 9  ? 0.3479 0.4461 0.3988 0.0100  -0.0090 -0.0550 9  DG B "C3'" 
410 O "O3'" . DG B 9  ? 0.3726 0.4691 0.4256 0.0131  -0.0084 -0.0573 9  DG B "O3'" 
411 C "C2'" . DG B 9  ? 0.3206 0.3956 0.3675 0.0034  -0.0119 -0.0504 9  DG B "C2'" 
412 C "C1'" . DG B 9  ? 0.3265 0.4050 0.3679 -0.0018 -0.0077 -0.0450 9  DG B "C1'" 
413 N N9    . DG B 9  ? 0.3325 0.4164 0.3787 0.0012  -0.0147 -0.0499 9  DG B N9    
414 C C8    . DG B 9  ? 0.3432 0.4473 0.3923 0.0050  -0.0149 -0.0534 9  DG B C8    
415 N N7    . DG B 9  ? 0.3279 0.4316 0.3808 0.0069  -0.0219 -0.0574 9  DG B N7    
416 C C5    . DG B 9  ? 0.3839 0.4657 0.4365 0.0040  -0.0268 -0.0564 9  DG B C5    
417 C C6    . DG B 9  ? 0.3784 0.4498 0.4339 0.0043  -0.0349 -0.0593 9  DG B C6    
418 O O6    . DG B 9  ? 0.3793 0.4589 0.4385 0.0072  -0.0398 -0.0635 9  DG B O6    
419 N N1    . DG B 9  ? 0.3763 0.4252 0.4300 0.0007  -0.0374 -0.0568 9  DG B N1    
420 C C2    . DG B 9  ? 0.4372 0.4755 0.4869 -0.0027 -0.0327 -0.0522 9  DG B C2    
421 N N2    . DG B 9  ? 0.4125 0.4293 0.4609 -0.0058 -0.0362 -0.0504 9  DG B N2    
422 N N3    . DG B 9  ? 0.2969 0.3447 0.3435 -0.0030 -0.0249 -0.0494 9  DG B N3    
423 C C4    . DG B 9  ? 0.3146 0.3842 0.3630 0.0005  -0.0224 -0.0518 9  DG B C4    
424 P P     . DT B 10 ? 0.5009 0.5999 0.5639 0.0218  -0.0177 -0.0674 10 DT B P     
425 O OP1   . DT B 10 ? 0.4768 0.5760 0.5400 0.0237  -0.0144 -0.0677 10 DT B OP1   
426 O OP2   . DT B 10 ? 0.4260 0.5449 0.4959 0.0287  -0.0223 -0.0748 10 DT B OP2   
427 O "O5'" . DT B 10 ? 0.3901 0.4660 0.4531 0.0186  -0.0249 -0.0669 10 DT B "O5'" 
428 C "C5'" . DT B 10 ? 0.4432 0.4973 0.5003 0.0123  -0.0225 -0.0606 10 DT B "C5'" 
429 C "C4'" . DT B 10 ? 0.5105 0.5463 0.5699 0.0112  -0.0308 -0.0622 10 DT B "C4'" 
430 O "O4'" . DT B 10 ? 0.4220 0.4545 0.4787 0.0071  -0.0320 -0.0593 10 DT B "O4'" 
431 C "C3'" . DT B 10 ? 0.4915 0.5332 0.5612 0.0200  -0.0405 -0.0726 10 DT B "C3'" 
432 O "O3'" . DT B 10 ? 0.5733 0.6095 0.6457 0.0230  -0.0420 -0.0754 10 DT B "O3'" 
433 C "C2'" . DT B 10 ? 0.4995 0.5264 0.5698 0.0174  -0.0474 -0.0727 10 DT B "C2'" 
434 C "C1'" . DT B 10 ? 0.3999 0.4271 0.4630 0.0108  -0.0419 -0.0655 10 DT B "C1'" 
435 N N1    . DT B 10 ? 0.3875 0.4320 0.4547 0.0148  -0.0447 -0.0701 10 DT B N1    
436 C C2    . DT B 10 ? 0.4580 0.4968 0.5289 0.0157  -0.0525 -0.0735 10 DT B C2    
437 O O2    . DT B 10 ? 0.4639 0.4843 0.5348 0.0134  -0.0572 -0.0728 10 DT B O2    
438 N N3    . DT B 10 ? 0.4339 0.4895 0.5081 0.0194  -0.0545 -0.0774 10 DT B N3    
439 C C4    . DT B 10 ? 0.3500 0.4269 0.4245 0.0222  -0.0497 -0.0786 10 DT B C4    
440 O O4    . DT B 10 ? 0.3783 0.4691 0.4560 0.0253  -0.0521 -0.0822 10 DT B O4    
441 C C5    . DT B 10 ? 0.3955 0.4776 0.4663 0.0211  -0.0416 -0.0749 10 DT B C5    
442 C C7    . DT B 10 ? 0.3830 0.4884 0.4540 0.0240  -0.0358 -0.0756 10 DT B C7    
443 C C6    . DT B 10 ? 0.4121 0.4777 0.4794 0.0174  -0.0395 -0.0709 10 DT B C6    
444 P P     . DA B 11 ? 0.5882 0.6390 0.6715 0.0336  -0.0486 -0.0865 11 DA B P     
445 O OP1   . DA B 11 ? 0.5449 0.5839 0.6288 0.0342  -0.0494 -0.0870 11 DA B OP1   
446 O OP2   . DA B 11 ? 0.4836 0.5593 0.5690 0.0381  -0.0449 -0.0893 11 DA B OP2   
447 O "O5'" . DA B 11 ? 0.4826 0.5301 0.5722 0.0366  -0.0589 -0.0923 11 DA B "O5'" 
448 C "C5'" . DA B 11 ? 0.5416 0.5670 0.6307 0.0336  -0.0642 -0.0913 11 DA B "C5'" 
449 C "C4'" . DA B 11 ? 0.4922 0.5174 0.5873 0.0367  -0.0733 -0.0968 11 DA B "C4'" 
450 O "O4'" . DA B 11 ? 0.5581 0.5882 0.6492 0.0329  -0.0709 -0.0930 11 DA B "O4'" 
451 C "C3'" . DA B 11 ? 0.5316 0.5747 0.6368 0.0467  -0.0801 -0.1075 11 DA B "C3'" 
452 O "O3'" . DA B 11 ? 0.5927 0.6289 0.7040 0.0512  -0.0860 -0.1130 11 DA B "O3'" 
453 C "C2'" . DA B 11 ? 0.5093 0.5540 0.6170 0.0471  -0.0859 -0.1099 11 DA B "C2'" 
454 C "C1'" . DA B 11 ? 0.5246 0.5638 0.6227 0.0384  -0.0787 -0.1004 11 DA B "C1'" 
455 N N9    . DA B 11 ? 0.4448 0.5043 0.5426 0.0398  -0.0751 -0.1008 11 DA B N9    
456 C C8    . DA B 11 ? 0.4785 0.5538 0.5740 0.0406  -0.0675 -0.0992 11 DA B C8    
457 N N7    . DA B 11 ? 0.3931 0.4849 0.4889 0.0420  -0.0661 -0.1002 11 DA B N7    
458 C C5    . DA B 11 ? 0.4017 0.4881 0.5001 0.0422  -0.0732 -0.1027 11 DA B C5    
459 C C6    . DA B 11 ? 0.3968 0.4940 0.4966 0.0435  -0.0756 -0.1048 11 DA B C6    
460 N N6    . DA B 11 ? 0.3835 0.5000 0.4824 0.0447  -0.0708 -0.1046 11 DA B N6    
461 N N1    . DA B 11 ? 0.4058 0.4934 0.5083 0.0433  -0.0830 -0.1071 11 DA B N1    
462 C C2    . DA B 11 ? 0.4174 0.4858 0.5209 0.0420  -0.0878 -0.1073 11 DA B C2    
463 N N3    . DA B 11 ? 0.4875 0.5441 0.5898 0.0408  -0.0864 -0.1054 11 DA B N3    
464 C C4    . DA B 11 ? 0.4350 0.5016 0.5346 0.0409  -0.0788 -0.1032 11 DA B C4    
465 P P     . DG B 12 ? 0.5942 0.6489 0.7159 0.0620  -0.0917 -0.1240 12 DG B P     
466 O OP1   . DG B 12 ? 0.5922 0.6361 0.7168 0.0640  -0.0945 -0.1263 12 DG B OP1   
467 O OP2   . DG B 12 ? 0.4569 0.5350 0.5789 0.0651  -0.0864 -0.1253 12 DG B OP2   
468 O "O5'" . DG B 12 ? 0.4248 0.4813 0.5530 0.0656  -0.1012 -0.1302 12 DG B "O5'" 
469 C "C5'" . DG B 12 ? 0.4581 0.4951 0.5877 0.0638  -0.1080 -0.1306 12 DG B "C5'" 
470 C "C4'" . DG B 12 ? 0.5020 0.5445 0.6370 0.0672  -0.1159 -0.1362 12 DG B "C4'" 
471 O "O4'" . DG B 12 ? 0.4755 0.5230 0.6048 0.0626  -0.1113 -0.1311 12 DG B "O4'" 
472 C "C3'" . DG B 12 ? 0.4533 0.5168 0.5980 0.0771  -0.1210 -0.1464 12 DG B "C3'" 
473 O "O3'" . DG B 12 ? 0.5303 0.5872 0.6825 0.0825  -0.1295 -0.1534 12 DG B "O3'" 
474 C "C2'" . DG B 12 ? 0.4562 0.5294 0.6016 0.0777  -0.1234 -0.1480 12 DG B "C2'" 
475 C "C1'" . DG B 12 ? 0.4751 0.5404 0.6102 0.0684  -0.1156 -0.1376 12 DG B "C1'" 
476 N N9    . DG B 12 ? 0.3974 0.4809 0.5290 0.0681  -0.1081 -0.1352 12 DG B N9    
477 C C8    . DG B 12 ? 0.4519 0.5451 0.5814 0.0687  -0.1009 -0.1334 12 DG B C8    
478 N N7    . DG B 12 ? 0.3562 0.4654 0.4828 0.0681  -0.0951 -0.1313 12 DG B N7    
479 C C5    . DG B 12 ? 0.3527 0.4629 0.4798 0.0671  -0.0988 -0.1318 12 DG B C5    
480 C C6    . DG B 12 ? 0.3916 0.5157 0.5164 0.0662  -0.0957 -0.1304 12 DG B C6    
481 O O6    . DG B 12 ? 0.3772 0.5163 0.4990 0.0661  -0.0888 -0.1281 12 DG B O6    
482 N N1    . DG B 12 ? 0.3886 0.5078 0.5144 0.0653  -0.1016 -0.1316 12 DG B N1    
483 C C2    . DG B 12 ? 0.4054 0.5082 0.5342 0.0654  -0.1093 -0.1340 12 DG B C2    
484 N N2    . DG B 12 ? 0.4184 0.5190 0.5480 0.0645  -0.1141 -0.1349 12 DG B N2    
485 N N3    . DG B 12 ? 0.4626 0.5524 0.5938 0.0662  -0.1123 -0.1354 12 DG B N3    
486 C C4    . DG B 12 ? 0.4249 0.5192 0.5549 0.0670  -0.1067 -0.1342 12 DG B C4    
# 
